data_5Y8W
# 
_entry.id   5Y8W 
# 
_audit_conform.dict_name       mmcif_pdbx.dic 
_audit_conform.dict_version    5.387 
_audit_conform.dict_location   http://mmcif.pdb.org/dictionaries/ascii/mmcif_pdbx.dic 
# 
loop_
_database_2.database_id 
_database_2.database_code 
_database_2.pdbx_database_accession 
_database_2.pdbx_DOI 
PDB   5Y8W         pdb_00005y8w 10.2210/pdb5y8w/pdb 
WWPDB D_1300004848 ?            ?                   
# 
loop_
_pdbx_audit_revision_history.ordinal 
_pdbx_audit_revision_history.data_content_type 
_pdbx_audit_revision_history.major_revision 
_pdbx_audit_revision_history.minor_revision 
_pdbx_audit_revision_history.revision_date 
1 'Structure model' 1 0 2018-06-13 
2 'Structure model' 1 1 2019-12-04 
3 'Structure model' 1 2 2024-03-27 
# 
_pdbx_audit_revision_details.ordinal             1 
_pdbx_audit_revision_details.revision_ordinal    1 
_pdbx_audit_revision_details.data_content_type   'Structure model' 
_pdbx_audit_revision_details.provider            repository 
_pdbx_audit_revision_details.type                'Initial release' 
_pdbx_audit_revision_details.description         ? 
_pdbx_audit_revision_details.details             ? 
# 
loop_
_pdbx_audit_revision_group.ordinal 
_pdbx_audit_revision_group.revision_ordinal 
_pdbx_audit_revision_group.data_content_type 
_pdbx_audit_revision_group.group 
1 2 'Structure model' 'Data collection'      
2 3 'Structure model' 'Data collection'      
3 3 'Structure model' 'Database references'  
4 3 'Structure model' 'Derived calculations' 
# 
loop_
_pdbx_audit_revision_category.ordinal 
_pdbx_audit_revision_category.revision_ordinal 
_pdbx_audit_revision_category.data_content_type 
_pdbx_audit_revision_category.category 
1 2 'Structure model' reflns_shell           
2 3 'Structure model' chem_comp_atom         
3 3 'Structure model' chem_comp_bond         
4 3 'Structure model' database_2             
5 3 'Structure model' pdbx_struct_conn_angle 
6 3 'Structure model' struct_conn            
# 
loop_
_pdbx_audit_revision_item.ordinal 
_pdbx_audit_revision_item.revision_ordinal 
_pdbx_audit_revision_item.data_content_type 
_pdbx_audit_revision_item.item 
1 3 'Structure model' '_database_2.pdbx_DOI'                      
2 3 'Structure model' '_database_2.pdbx_database_accession'       
3 3 'Structure model' '_pdbx_struct_conn_angle.ptnr1_auth_seq_id' 
4 3 'Structure model' '_pdbx_struct_conn_angle.ptnr3_auth_seq_id' 
5 3 'Structure model' '_pdbx_struct_conn_angle.value'             
6 3 'Structure model' '_struct_conn.pdbx_dist_value'              
7 3 'Structure model' '_struct_conn.ptnr2_auth_seq_id'            
# 
_pdbx_database_status.status_code                     REL 
_pdbx_database_status.status_code_sf                  REL 
_pdbx_database_status.status_code_mr                  ? 
_pdbx_database_status.entry_id                        5Y8W 
_pdbx_database_status.recvd_initial_deposition_date   2017-08-21 
_pdbx_database_status.SG_entry                        N 
_pdbx_database_status.deposit_site                    PDBJ 
_pdbx_database_status.process_site                    PDBJ 
_pdbx_database_status.status_code_cs                  ? 
_pdbx_database_status.methods_development_category    ? 
_pdbx_database_status.pdb_format_compatible           Y 
_pdbx_database_status.status_code_nmr_data            ? 
# 
loop_
_audit_author.name 
_audit_author.pdbx_ordinal 
_audit_author.identifier_ORCID 
'Xu, Y.'    1 ? 
'Zhang, Y.' 2 ? 
'Song, M.'  3 ? 
'Wang, C.'  4 ? 
# 
_citation.abstract                  ? 
_citation.abstract_id_CAS           ? 
_citation.book_id_ISBN              ? 
_citation.book_publisher            ? 
_citation.book_publisher_city       ? 
_citation.book_title                ? 
_citation.coordinate_linkage        ? 
_citation.country                   US 
_citation.database_id_Medline       ? 
_citation.details                   ? 
_citation.id                        primary 
_citation.journal_abbrev            'J. Med. Chem.' 
_citation.journal_id_ASTM           JMCMAR 
_citation.journal_id_CSD            0151 
_citation.journal_id_ISSN           1520-4804 
_citation.journal_full              ? 
_citation.journal_issue             ? 
_citation.journal_volume            61 
_citation.language                  ? 
_citation.page_first                3037 
_citation.page_last                 3058 
_citation.title                     
;Structure-Based Discovery and Optimization of Benzo[ d]isoxazole Derivatives as Potent and Selective BET Inhibitors for Potential Treatment of Castration-Resistant Prostate Cancer (CRPC)
;
_citation.year                      2018 
_citation.database_id_CSD           ? 
_citation.pdbx_database_id_DOI      10.1021/acs.jmedchem.8b00103 
_citation.pdbx_database_id_PubMed   29566488 
_citation.unpublished_flag          ? 
# 
loop_
_citation_author.citation_id 
_citation_author.name 
_citation_author.ordinal 
_citation_author.identifier_ORCID 
primary 'Zhang, M.' 1  ? 
primary 'Zhang, Y.' 2  ? 
primary 'Song, M.'  3  ? 
primary 'Xue, X.'   4  ? 
primary 'Wang, J.'  5  ? 
primary 'Wang, C.'  6  ? 
primary 'Zhang, C.' 7  ? 
primary 'Li, C.'    8  ? 
primary 'Xiang, Q.' 9  ? 
primary 'Zou, L.'   10 ? 
primary 'Wu, X.'    11 ? 
primary 'Wu, C.'    12 ? 
primary 'Dong, B.'  13 ? 
primary 'Xue, W.'   14 ? 
primary 'Zhou, Y.'  15 ? 
primary 'Chen, H.'  16 ? 
primary 'Wu, D.'    17 ? 
primary 'Ding, K.'  18 ? 
primary 'Xu, Y.'    19 ? 
# 
loop_
_entity.id 
_entity.type 
_entity.src_method 
_entity.pdbx_description 
_entity.formula_weight 
_entity.pdbx_number_of_molecules 
_entity.pdbx_ec 
_entity.pdbx_mutation 
_entity.pdbx_fragment 
_entity.details 
1 polymer     man 'Bromodomain-containing protein 4'                                                   16767.326 1  ? ? 
'UNP residues 44-168' 
;sequence from 28-43 are tags.
MKKGHHHHHHLVPRGS
;
2 non-polymer syn '5-bromanyl-2-methoxy-N-(3-methyl-6-oxidanyl-1,2-benzoxazol-5-yl)benzenesulfonamide' 413.243   1  ? ? ? ? 
3 non-polymer syn 1,2-ETHANEDIOL                                                                       62.068    5  ? ? ? ? 
4 non-polymer syn 'NITRATE ION'                                                                        62.005    1  ? ? ? ? 
5 non-polymer syn 'SODIUM ION'                                                                         22.990    1  ? ? ? ? 
6 non-polymer syn GLYCEROL                                                                             92.094    1  ? ? ? ? 
7 water       nat water                                                                                18.015    64 ? ? ? ? 
# 
_entity_name_com.entity_id   1 
_entity_name_com.name        'Protein HUNK1' 
# 
_entity_poly.entity_id                      1 
_entity_poly.type                           'polypeptide(L)' 
_entity_poly.nstd_linkage                   no 
_entity_poly.nstd_monomer                   no 
_entity_poly.pdbx_seq_one_letter_code       
;MKKGHHHHHHLVPRGSNPPPPETSNPNKPKRQTNQLQYLLRVVLKTLWKHQFAWPFQQPVDAVKLNLPDYYKIIKTPMDM
GTIKKRLENNYYWNAQECIQDFNTMFTNCYIYNKPGDDIVLMAEALEKLFLQKINELPTEE
;
_entity_poly.pdbx_seq_one_letter_code_can   
;MKKGHHHHHHLVPRGSNPPPPETSNPNKPKRQTNQLQYLLRVVLKTLWKHQFAWPFQQPVDAVKLNLPDYYKIIKTPMDM
GTIKKRLENNYYWNAQECIQDFNTMFTNCYIYNKPGDDIVLMAEALEKLFLQKINELPTEE
;
_entity_poly.pdbx_strand_id                 A 
_entity_poly.pdbx_target_identifier         ? 
# 
loop_
_pdbx_entity_nonpoly.entity_id 
_pdbx_entity_nonpoly.name 
_pdbx_entity_nonpoly.comp_id 
2 '5-bromanyl-2-methoxy-N-(3-methyl-6-oxidanyl-1,2-benzoxazol-5-yl)benzenesulfonamide' 8PU 
3 1,2-ETHANEDIOL                                                                       EDO 
4 'NITRATE ION'                                                                        NO3 
5 'SODIUM ION'                                                                         NA  
6 GLYCEROL                                                                             GOL 
7 water                                                                                HOH 
# 
loop_
_entity_poly_seq.entity_id 
_entity_poly_seq.num 
_entity_poly_seq.mon_id 
_entity_poly_seq.hetero 
1 1   MET n 
1 2   LYS n 
1 3   LYS n 
1 4   GLY n 
1 5   HIS n 
1 6   HIS n 
1 7   HIS n 
1 8   HIS n 
1 9   HIS n 
1 10  HIS n 
1 11  LEU n 
1 12  VAL n 
1 13  PRO n 
1 14  ARG n 
1 15  GLY n 
1 16  SER n 
1 17  ASN n 
1 18  PRO n 
1 19  PRO n 
1 20  PRO n 
1 21  PRO n 
1 22  GLU n 
1 23  THR n 
1 24  SER n 
1 25  ASN n 
1 26  PRO n 
1 27  ASN n 
1 28  LYS n 
1 29  PRO n 
1 30  LYS n 
1 31  ARG n 
1 32  GLN n 
1 33  THR n 
1 34  ASN n 
1 35  GLN n 
1 36  LEU n 
1 37  GLN n 
1 38  TYR n 
1 39  LEU n 
1 40  LEU n 
1 41  ARG n 
1 42  VAL n 
1 43  VAL n 
1 44  LEU n 
1 45  LYS n 
1 46  THR n 
1 47  LEU n 
1 48  TRP n 
1 49  LYS n 
1 50  HIS n 
1 51  GLN n 
1 52  PHE n 
1 53  ALA n 
1 54  TRP n 
1 55  PRO n 
1 56  PHE n 
1 57  GLN n 
1 58  GLN n 
1 59  PRO n 
1 60  VAL n 
1 61  ASP n 
1 62  ALA n 
1 63  VAL n 
1 64  LYS n 
1 65  LEU n 
1 66  ASN n 
1 67  LEU n 
1 68  PRO n 
1 69  ASP n 
1 70  TYR n 
1 71  TYR n 
1 72  LYS n 
1 73  ILE n 
1 74  ILE n 
1 75  LYS n 
1 76  THR n 
1 77  PRO n 
1 78  MET n 
1 79  ASP n 
1 80  MET n 
1 81  GLY n 
1 82  THR n 
1 83  ILE n 
1 84  LYS n 
1 85  LYS n 
1 86  ARG n 
1 87  LEU n 
1 88  GLU n 
1 89  ASN n 
1 90  ASN n 
1 91  TYR n 
1 92  TYR n 
1 93  TRP n 
1 94  ASN n 
1 95  ALA n 
1 96  GLN n 
1 97  GLU n 
1 98  CYS n 
1 99  ILE n 
1 100 GLN n 
1 101 ASP n 
1 102 PHE n 
1 103 ASN n 
1 104 THR n 
1 105 MET n 
1 106 PHE n 
1 107 THR n 
1 108 ASN n 
1 109 CYS n 
1 110 TYR n 
1 111 ILE n 
1 112 TYR n 
1 113 ASN n 
1 114 LYS n 
1 115 PRO n 
1 116 GLY n 
1 117 ASP n 
1 118 ASP n 
1 119 ILE n 
1 120 VAL n 
1 121 LEU n 
1 122 MET n 
1 123 ALA n 
1 124 GLU n 
1 125 ALA n 
1 126 LEU n 
1 127 GLU n 
1 128 LYS n 
1 129 LEU n 
1 130 PHE n 
1 131 LEU n 
1 132 GLN n 
1 133 LYS n 
1 134 ILE n 
1 135 ASN n 
1 136 GLU n 
1 137 LEU n 
1 138 PRO n 
1 139 THR n 
1 140 GLU n 
1 141 GLU n 
# 
_entity_src_gen.entity_id                          1 
_entity_src_gen.pdbx_src_id                        1 
_entity_src_gen.pdbx_alt_source_flag               sample 
_entity_src_gen.pdbx_seq_type                      'Biological sequence' 
_entity_src_gen.pdbx_beg_seq_num                   1 
_entity_src_gen.pdbx_end_seq_num                   141 
_entity_src_gen.gene_src_common_name               Human 
_entity_src_gen.gene_src_genus                     ? 
_entity_src_gen.pdbx_gene_src_gene                 'BRD4, HUNK1' 
_entity_src_gen.gene_src_species                   ? 
_entity_src_gen.gene_src_strain                    ? 
_entity_src_gen.gene_src_tissue                    ? 
_entity_src_gen.gene_src_tissue_fraction           ? 
_entity_src_gen.gene_src_details                   ? 
_entity_src_gen.pdbx_gene_src_fragment             ? 
_entity_src_gen.pdbx_gene_src_scientific_name      'Homo sapiens' 
_entity_src_gen.pdbx_gene_src_ncbi_taxonomy_id     9606 
_entity_src_gen.pdbx_gene_src_variant              ? 
_entity_src_gen.pdbx_gene_src_cell_line            ? 
_entity_src_gen.pdbx_gene_src_atcc                 ? 
_entity_src_gen.pdbx_gene_src_organ                ? 
_entity_src_gen.pdbx_gene_src_organelle            ? 
_entity_src_gen.pdbx_gene_src_cell                 ? 
_entity_src_gen.pdbx_gene_src_cellular_location    ? 
_entity_src_gen.host_org_common_name               ? 
_entity_src_gen.pdbx_host_org_scientific_name      'Escherichia coli BL21' 
_entity_src_gen.pdbx_host_org_ncbi_taxonomy_id     511693 
_entity_src_gen.host_org_genus                     ? 
_entity_src_gen.pdbx_host_org_gene                 ? 
_entity_src_gen.pdbx_host_org_organ                ? 
_entity_src_gen.host_org_species                   ? 
_entity_src_gen.pdbx_host_org_tissue               ? 
_entity_src_gen.pdbx_host_org_tissue_fraction      ? 
_entity_src_gen.pdbx_host_org_strain               BL21 
_entity_src_gen.pdbx_host_org_variant              ? 
_entity_src_gen.pdbx_host_org_cell_line            ? 
_entity_src_gen.pdbx_host_org_atcc                 ? 
_entity_src_gen.pdbx_host_org_culture_collection   ? 
_entity_src_gen.pdbx_host_org_cell                 ? 
_entity_src_gen.pdbx_host_org_organelle            ? 
_entity_src_gen.pdbx_host_org_cellular_location    ? 
_entity_src_gen.pdbx_host_org_vector_type          ? 
_entity_src_gen.pdbx_host_org_vector               ? 
_entity_src_gen.host_org_details                   ? 
_entity_src_gen.expression_system_id               ? 
_entity_src_gen.plasmid_name                       ? 
_entity_src_gen.plasmid_details                    ? 
_entity_src_gen.pdbx_description                   ? 
# 
loop_
_chem_comp.id 
_chem_comp.type 
_chem_comp.mon_nstd_flag 
_chem_comp.name 
_chem_comp.pdbx_synonyms 
_chem_comp.formula 
_chem_comp.formula_weight 
8PU non-polymer         . '5-bromanyl-2-methoxy-N-(3-methyl-6-oxidanyl-1,2-benzoxazol-5-yl)benzenesulfonamide' ? 
'C15 H13 Br N2 O5 S' 413.243 
ALA 'L-peptide linking' y ALANINE                                                                              ? 'C3 H7 N O2' 
89.093  
ARG 'L-peptide linking' y ARGININE                                                                             ? 'C6 H15 N4 O2 1' 
175.209 
ASN 'L-peptide linking' y ASPARAGINE                                                                           ? 'C4 H8 N2 O3' 
132.118 
ASP 'L-peptide linking' y 'ASPARTIC ACID'                                                                      ? 'C4 H7 N O4' 
133.103 
CYS 'L-peptide linking' y CYSTEINE                                                                             ? 'C3 H7 N O2 S' 
121.158 
EDO non-polymer         . 1,2-ETHANEDIOL                                                                       'ETHYLENE GLYCOL' 
'C2 H6 O2'           62.068  
GLN 'L-peptide linking' y GLUTAMINE                                                                            ? 'C5 H10 N2 O3' 
146.144 
GLU 'L-peptide linking' y 'GLUTAMIC ACID'                                                                      ? 'C5 H9 N O4' 
147.129 
GLY 'peptide linking'   y GLYCINE                                                                              ? 'C2 H5 N O2' 
75.067  
GOL non-polymer         . GLYCEROL                                                                             
'GLYCERIN; PROPANE-1,2,3-TRIOL' 'C3 H8 O3'           92.094  
HIS 'L-peptide linking' y HISTIDINE                                                                            ? 'C6 H10 N3 O2 1' 
156.162 
HOH non-polymer         . WATER                                                                                ? 'H2 O' 18.015  
ILE 'L-peptide linking' y ISOLEUCINE                                                                           ? 'C6 H13 N O2' 
131.173 
LEU 'L-peptide linking' y LEUCINE                                                                              ? 'C6 H13 N O2' 
131.173 
LYS 'L-peptide linking' y LYSINE                                                                               ? 'C6 H15 N2 O2 1' 
147.195 
MET 'L-peptide linking' y METHIONINE                                                                           ? 'C5 H11 N O2 S' 
149.211 
NA  non-polymer         . 'SODIUM ION'                                                                         ? 'Na 1' 22.990  
NO3 non-polymer         . 'NITRATE ION'                                                                        ? 'N O3 -1' 62.005  
PHE 'L-peptide linking' y PHENYLALANINE                                                                        ? 'C9 H11 N O2' 
165.189 
PRO 'L-peptide linking' y PROLINE                                                                              ? 'C5 H9 N O2' 
115.130 
SER 'L-peptide linking' y SERINE                                                                               ? 'C3 H7 N O3' 
105.093 
THR 'L-peptide linking' y THREONINE                                                                            ? 'C4 H9 N O3' 
119.119 
TRP 'L-peptide linking' y TRYPTOPHAN                                                                           ? 'C11 H12 N2 O2' 
204.225 
TYR 'L-peptide linking' y TYROSINE                                                                             ? 'C9 H11 N O3' 
181.189 
VAL 'L-peptide linking' y VALINE                                                                               ? 'C5 H11 N O2' 
117.146 
# 
loop_
_pdbx_poly_seq_scheme.asym_id 
_pdbx_poly_seq_scheme.entity_id 
_pdbx_poly_seq_scheme.seq_id 
_pdbx_poly_seq_scheme.mon_id 
_pdbx_poly_seq_scheme.ndb_seq_num 
_pdbx_poly_seq_scheme.pdb_seq_num 
_pdbx_poly_seq_scheme.auth_seq_num 
_pdbx_poly_seq_scheme.pdb_mon_id 
_pdbx_poly_seq_scheme.auth_mon_id 
_pdbx_poly_seq_scheme.pdb_strand_id 
_pdbx_poly_seq_scheme.pdb_ins_code 
_pdbx_poly_seq_scheme.hetero 
A 1 1   MET 1   28  ?   ?   ?   A . n 
A 1 2   LYS 2   29  ?   ?   ?   A . n 
A 1 3   LYS 3   30  ?   ?   ?   A . n 
A 1 4   GLY 4   31  ?   ?   ?   A . n 
A 1 5   HIS 5   32  ?   ?   ?   A . n 
A 1 6   HIS 6   33  ?   ?   ?   A . n 
A 1 7   HIS 7   34  ?   ?   ?   A . n 
A 1 8   HIS 8   35  ?   ?   ?   A . n 
A 1 9   HIS 9   36  ?   ?   ?   A . n 
A 1 10  HIS 10  37  ?   ?   ?   A . n 
A 1 11  LEU 11  38  ?   ?   ?   A . n 
A 1 12  VAL 12  39  ?   ?   ?   A . n 
A 1 13  PRO 13  40  ?   ?   ?   A . n 
A 1 14  ARG 14  41  ?   ?   ?   A . n 
A 1 15  GLY 15  42  42  GLY GLY A . n 
A 1 16  SER 16  43  43  SER SER A . n 
A 1 17  ASN 17  44  44  ASN ASN A . n 
A 1 18  PRO 18  45  45  PRO PRO A . n 
A 1 19  PRO 19  46  46  PRO PRO A . n 
A 1 20  PRO 20  47  47  PRO PRO A . n 
A 1 21  PRO 21  48  48  PRO PRO A . n 
A 1 22  GLU 22  49  49  GLU GLU A . n 
A 1 23  THR 23  50  50  THR THR A . n 
A 1 24  SER 24  51  51  SER SER A . n 
A 1 25  ASN 25  52  52  ASN ASN A . n 
A 1 26  PRO 26  53  53  PRO PRO A . n 
A 1 27  ASN 27  54  54  ASN ASN A . n 
A 1 28  LYS 28  55  55  LYS LYS A . n 
A 1 29  PRO 29  56  56  PRO PRO A . n 
A 1 30  LYS 30  57  57  LYS LYS A . n 
A 1 31  ARG 31  58  58  ARG ARG A . n 
A 1 32  GLN 32  59  59  GLN GLN A . n 
A 1 33  THR 33  60  60  THR THR A . n 
A 1 34  ASN 34  61  61  ASN ASN A . n 
A 1 35  GLN 35  62  62  GLN GLN A . n 
A 1 36  LEU 36  63  63  LEU LEU A . n 
A 1 37  GLN 37  64  64  GLN GLN A . n 
A 1 38  TYR 38  65  65  TYR TYR A . n 
A 1 39  LEU 39  66  66  LEU LEU A . n 
A 1 40  LEU 40  67  67  LEU LEU A . n 
A 1 41  ARG 41  68  68  ARG ARG A . n 
A 1 42  VAL 42  69  69  VAL VAL A . n 
A 1 43  VAL 43  70  70  VAL VAL A . n 
A 1 44  LEU 44  71  71  LEU LEU A . n 
A 1 45  LYS 45  72  72  LYS LYS A . n 
A 1 46  THR 46  73  73  THR THR A . n 
A 1 47  LEU 47  74  74  LEU LEU A . n 
A 1 48  TRP 48  75  75  TRP TRP A . n 
A 1 49  LYS 49  76  76  LYS LYS A . n 
A 1 50  HIS 50  77  77  HIS HIS A . n 
A 1 51  GLN 51  78  78  GLN GLN A . n 
A 1 52  PHE 52  79  79  PHE PHE A . n 
A 1 53  ALA 53  80  80  ALA ALA A . n 
A 1 54  TRP 54  81  81  TRP TRP A . n 
A 1 55  PRO 55  82  82  PRO PRO A . n 
A 1 56  PHE 56  83  83  PHE PHE A . n 
A 1 57  GLN 57  84  84  GLN GLN A . n 
A 1 58  GLN 58  85  85  GLN GLN A . n 
A 1 59  PRO 59  86  86  PRO PRO A . n 
A 1 60  VAL 60  87  87  VAL VAL A . n 
A 1 61  ASP 61  88  88  ASP ASP A . n 
A 1 62  ALA 62  89  89  ALA ALA A . n 
A 1 63  VAL 63  90  90  VAL VAL A . n 
A 1 64  LYS 64  91  91  LYS LYS A . n 
A 1 65  LEU 65  92  92  LEU LEU A . n 
A 1 66  ASN 66  93  93  ASN ASN A . n 
A 1 67  LEU 67  94  94  LEU LEU A . n 
A 1 68  PRO 68  95  95  PRO PRO A . n 
A 1 69  ASP 69  96  96  ASP ASP A . n 
A 1 70  TYR 70  97  97  TYR TYR A . n 
A 1 71  TYR 71  98  98  TYR TYR A . n 
A 1 72  LYS 72  99  99  LYS LYS A . n 
A 1 73  ILE 73  100 100 ILE ILE A . n 
A 1 74  ILE 74  101 101 ILE ILE A . n 
A 1 75  LYS 75  102 102 LYS LYS A . n 
A 1 76  THR 76  103 103 THR THR A . n 
A 1 77  PRO 77  104 104 PRO PRO A . n 
A 1 78  MET 78  105 105 MET MET A . n 
A 1 79  ASP 79  106 106 ASP ASP A . n 
A 1 80  MET 80  107 107 MET MET A . n 
A 1 81  GLY 81  108 108 GLY GLY A . n 
A 1 82  THR 82  109 109 THR THR A . n 
A 1 83  ILE 83  110 110 ILE ILE A . n 
A 1 84  LYS 84  111 111 LYS LYS A . n 
A 1 85  LYS 85  112 112 LYS LYS A . n 
A 1 86  ARG 86  113 113 ARG ARG A . n 
A 1 87  LEU 87  114 114 LEU LEU A . n 
A 1 88  GLU 88  115 115 GLU GLU A . n 
A 1 89  ASN 89  116 116 ASN ASN A . n 
A 1 90  ASN 90  117 117 ASN ASN A . n 
A 1 91  TYR 91  118 118 TYR TYR A . n 
A 1 92  TYR 92  119 119 TYR TYR A . n 
A 1 93  TRP 93  120 120 TRP TRP A . n 
A 1 94  ASN 94  121 121 ASN ASN A . n 
A 1 95  ALA 95  122 122 ALA ALA A . n 
A 1 96  GLN 96  123 123 GLN GLN A . n 
A 1 97  GLU 97  124 124 GLU GLU A . n 
A 1 98  CYS 98  125 125 CYS CYS A . n 
A 1 99  ILE 99  126 126 ILE ILE A . n 
A 1 100 GLN 100 127 127 GLN GLN A . n 
A 1 101 ASP 101 128 128 ASP ASP A . n 
A 1 102 PHE 102 129 129 PHE PHE A . n 
A 1 103 ASN 103 130 130 ASN ASN A . n 
A 1 104 THR 104 131 131 THR THR A . n 
A 1 105 MET 105 132 132 MET MET A . n 
A 1 106 PHE 106 133 133 PHE PHE A . n 
A 1 107 THR 107 134 134 THR THR A . n 
A 1 108 ASN 108 135 135 ASN ASN A . n 
A 1 109 CYS 109 136 136 CYS CYS A . n 
A 1 110 TYR 110 137 137 TYR TYR A . n 
A 1 111 ILE 111 138 138 ILE ILE A . n 
A 1 112 TYR 112 139 139 TYR TYR A . n 
A 1 113 ASN 113 140 140 ASN ASN A . n 
A 1 114 LYS 114 141 141 LYS LYS A . n 
A 1 115 PRO 115 142 142 PRO PRO A . n 
A 1 116 GLY 116 143 143 GLY GLY A . n 
A 1 117 ASP 117 144 144 ASP ASP A . n 
A 1 118 ASP 118 145 145 ASP ASP A . n 
A 1 119 ILE 119 146 146 ILE ILE A . n 
A 1 120 VAL 120 147 147 VAL VAL A . n 
A 1 121 LEU 121 148 148 LEU LEU A . n 
A 1 122 MET 122 149 149 MET MET A . n 
A 1 123 ALA 123 150 150 ALA ALA A . n 
A 1 124 GLU 124 151 151 GLU GLU A . n 
A 1 125 ALA 125 152 152 ALA ALA A . n 
A 1 126 LEU 126 153 153 LEU LEU A . n 
A 1 127 GLU 127 154 154 GLU GLU A . n 
A 1 128 LYS 128 155 155 LYS LYS A . n 
A 1 129 LEU 129 156 156 LEU LEU A . n 
A 1 130 PHE 130 157 157 PHE PHE A . n 
A 1 131 LEU 131 158 158 LEU LEU A . n 
A 1 132 GLN 132 159 159 GLN GLN A . n 
A 1 133 LYS 133 160 160 LYS LYS A . n 
A 1 134 ILE 134 161 161 ILE ILE A . n 
A 1 135 ASN 135 162 162 ASN ASN A . n 
A 1 136 GLU 136 163 163 GLU GLU A . n 
A 1 137 LEU 137 164 164 LEU LEU A . n 
A 1 138 PRO 138 165 165 PRO PRO A . n 
A 1 139 THR 139 166 ?   ?   ?   A . n 
A 1 140 GLU 140 167 ?   ?   ?   A . n 
A 1 141 GLU 141 168 ?   ?   ?   A . n 
# 
loop_
_pdbx_nonpoly_scheme.asym_id 
_pdbx_nonpoly_scheme.entity_id 
_pdbx_nonpoly_scheme.mon_id 
_pdbx_nonpoly_scheme.ndb_seq_num 
_pdbx_nonpoly_scheme.pdb_seq_num 
_pdbx_nonpoly_scheme.auth_seq_num 
_pdbx_nonpoly_scheme.pdb_mon_id 
_pdbx_nonpoly_scheme.auth_mon_id 
_pdbx_nonpoly_scheme.pdb_strand_id 
_pdbx_nonpoly_scheme.pdb_ins_code 
B 2 8PU 1  201 1  8PU E0F A . 
C 3 EDO 1  202 1  EDO EDO A . 
D 3 EDO 1  203 2  EDO EDO A . 
E 3 EDO 1  204 3  EDO EDO A . 
F 3 EDO 1  205 4  EDO EDO A . 
G 3 EDO 1  206 6  EDO EDO A . 
H 4 NO3 1  207 1  NO3 NO3 A . 
I 5 NA  1  208 1  NA  NA  A . 
J 6 GOL 1  209 1  GOL GOL A . 
K 7 HOH 1  301 2  HOH HOH A . 
K 7 HOH 2  302 15 HOH HOH A . 
K 7 HOH 3  303 14 HOH HOH A . 
K 7 HOH 4  304 37 HOH HOH A . 
K 7 HOH 5  305 21 HOH HOH A . 
K 7 HOH 6  306 62 HOH HOH A . 
K 7 HOH 7  307 67 HOH HOH A . 
K 7 HOH 8  308 17 HOH HOH A . 
K 7 HOH 9  309 56 HOH HOH A . 
K 7 HOH 10 310 26 HOH HOH A . 
K 7 HOH 11 311 38 HOH HOH A . 
K 7 HOH 12 312 12 HOH HOH A . 
K 7 HOH 13 313 43 HOH HOH A . 
K 7 HOH 14 314 61 HOH HOH A . 
K 7 HOH 15 315 44 HOH HOH A . 
K 7 HOH 16 316 58 HOH HOH A . 
K 7 HOH 17 317 55 HOH HOH A . 
K 7 HOH 18 318 23 HOH HOH A . 
K 7 HOH 19 319 49 HOH HOH A . 
K 7 HOH 20 320 19 HOH HOH A . 
K 7 HOH 21 321 13 HOH HOH A . 
K 7 HOH 22 322 27 HOH HOH A . 
K 7 HOH 23 323 33 HOH HOH A . 
K 7 HOH 24 324 10 HOH HOH A . 
K 7 HOH 25 325 30 HOH HOH A . 
K 7 HOH 26 326 7  HOH HOH A . 
K 7 HOH 27 327 18 HOH HOH A . 
K 7 HOH 28 328 42 HOH HOH A . 
K 7 HOH 29 329 1  HOH HOH A . 
K 7 HOH 30 330 4  HOH HOH A . 
K 7 HOH 31 331 3  HOH HOH A . 
K 7 HOH 32 332 36 HOH HOH A . 
K 7 HOH 33 333 59 HOH HOH A . 
K 7 HOH 34 334 28 HOH HOH A . 
K 7 HOH 35 335 16 HOH HOH A . 
K 7 HOH 36 336 53 HOH HOH A . 
K 7 HOH 37 337 22 HOH HOH A . 
K 7 HOH 38 338 69 HOH HOH A . 
K 7 HOH 39 339 31 HOH HOH A . 
K 7 HOH 40 340 48 HOH HOH A . 
K 7 HOH 41 341 20 HOH HOH A . 
K 7 HOH 42 342 41 HOH HOH A . 
K 7 HOH 43 343 6  HOH HOH A . 
K 7 HOH 44 344 11 HOH HOH A . 
K 7 HOH 45 345 46 HOH HOH A . 
K 7 HOH 46 346 52 HOH HOH A . 
K 7 HOH 47 347 50 HOH HOH A . 
K 7 HOH 48 348 25 HOH HOH A . 
K 7 HOH 49 349 8  HOH HOH A . 
K 7 HOH 50 350 24 HOH HOH A . 
K 7 HOH 51 351 34 HOH HOH A . 
K 7 HOH 52 352 47 HOH HOH A . 
K 7 HOH 53 353 39 HOH HOH A . 
K 7 HOH 54 354 9  HOH HOH A . 
K 7 HOH 55 355 51 HOH HOH A . 
K 7 HOH 56 356 35 HOH HOH A . 
K 7 HOH 57 357 60 HOH HOH A . 
K 7 HOH 58 358 57 HOH HOH A . 
K 7 HOH 59 359 40 HOH HOH A . 
K 7 HOH 60 360 45 HOH HOH A . 
K 7 HOH 61 361 68 HOH HOH A . 
K 7 HOH 62 362 63 HOH HOH A . 
K 7 HOH 63 363 66 HOH HOH A . 
K 7 HOH 64 364 65 HOH HOH A . 
# 
loop_
_software.citation_id 
_software.classification 
_software.compiler_name 
_software.compiler_version 
_software.contact_author 
_software.contact_author_email 
_software.date 
_software.description 
_software.dependencies 
_software.hardware 
_software.language 
_software.location 
_software.mods 
_software.name 
_software.os 
_software.os_version 
_software.type 
_software.version 
_software.pdbx_ordinal 
? 'data scaling'    ? ? ? ? ? ? ? ? ? ? ? Aimless     ? ? ? 0.5.14   1 
? refinement        ? ? ? ? ? ? ? ? ? ? ? REFMAC      ? ? ? 5.8.0135 2 
? 'data extraction' ? ? ? ? ? ? ? ? ? ? ? PDB_EXTRACT ? ? ? 3.22     3 
? 'data reduction'  ? ? ? ? ? ? ? ? ? ? ? iMOSFLM     ? ? ? .        4 
? phasing           ? ? ? ? ? ? ? ? ? ? ? MOLREP      ? ? ? .        5 
# 
_cell.angle_alpha                  90.000 
_cell.angle_alpha_esd              ? 
_cell.angle_beta                   90.000 
_cell.angle_beta_esd               ? 
_cell.angle_gamma                  90.000 
_cell.angle_gamma_esd              ? 
_cell.entry_id                     5Y8W 
_cell.details                      ? 
_cell.formula_units_Z              ? 
_cell.length_a                     38.970 
_cell.length_a_esd                 ? 
_cell.length_b                     48.200 
_cell.length_b_esd                 ? 
_cell.length_c                     77.680 
_cell.length_c_esd                 ? 
_cell.volume                       ? 
_cell.volume_esd                   ? 
_cell.Z_PDB                        4 
_cell.reciprocal_angle_alpha       ? 
_cell.reciprocal_angle_beta        ? 
_cell.reciprocal_angle_gamma       ? 
_cell.reciprocal_angle_alpha_esd   ? 
_cell.reciprocal_angle_beta_esd    ? 
_cell.reciprocal_angle_gamma_esd   ? 
_cell.reciprocal_length_a          ? 
_cell.reciprocal_length_b          ? 
_cell.reciprocal_length_c          ? 
_cell.reciprocal_length_a_esd      ? 
_cell.reciprocal_length_b_esd      ? 
_cell.reciprocal_length_c_esd      ? 
_cell.pdbx_unique_axis             ? 
# 
_symmetry.entry_id                         5Y8W 
_symmetry.cell_setting                     ? 
_symmetry.Int_Tables_number                19 
_symmetry.space_group_name_Hall            ? 
_symmetry.space_group_name_H-M             'P 21 21 21' 
_symmetry.pdbx_full_space_group_name_H-M   ? 
# 
_exptl.absorpt_coefficient_mu     ? 
_exptl.absorpt_correction_T_max   ? 
_exptl.absorpt_correction_T_min   ? 
_exptl.absorpt_correction_type    ? 
_exptl.absorpt_process_details    ? 
_exptl.entry_id                   5Y8W 
_exptl.crystals_number            1 
_exptl.details                    ? 
_exptl.method                     'X-RAY DIFFRACTION' 
_exptl.method_details             ? 
# 
_exptl_crystal.colour                      ? 
_exptl_crystal.density_diffrn              ? 
_exptl_crystal.density_Matthews            2.22 
_exptl_crystal.density_method              ? 
_exptl_crystal.density_percent_sol         44.67 
_exptl_crystal.description                 ? 
_exptl_crystal.F_000                       ? 
_exptl_crystal.id                          1 
_exptl_crystal.preparation                 ? 
_exptl_crystal.size_max                    ? 
_exptl_crystal.size_mid                    ? 
_exptl_crystal.size_min                    ? 
_exptl_crystal.size_rad                    ? 
_exptl_crystal.colour_lustre               ? 
_exptl_crystal.colour_modifier             ? 
_exptl_crystal.colour_primary              ? 
_exptl_crystal.density_meas                ? 
_exptl_crystal.density_meas_esd            ? 
_exptl_crystal.density_meas_gt             ? 
_exptl_crystal.density_meas_lt             ? 
_exptl_crystal.density_meas_temp           ? 
_exptl_crystal.density_meas_temp_esd       ? 
_exptl_crystal.density_meas_temp_gt        ? 
_exptl_crystal.density_meas_temp_lt        ? 
_exptl_crystal.pdbx_crystal_image_url      ? 
_exptl_crystal.pdbx_crystal_image_format   ? 
_exptl_crystal.pdbx_mosaicity              ? 
_exptl_crystal.pdbx_mosaicity_esd          ? 
# 
_exptl_crystal_grow.apparatus       ? 
_exptl_crystal_grow.atmosphere      ? 
_exptl_crystal_grow.crystal_id      1 
_exptl_crystal_grow.details         ? 
_exptl_crystal_grow.method          'VAPOR DIFFUSION, SITTING DROP' 
_exptl_crystal_grow.method_ref      ? 
_exptl_crystal_grow.pH              8.2 
_exptl_crystal_grow.pressure        ? 
_exptl_crystal_grow.pressure_esd    ? 
_exptl_crystal_grow.seeding         ? 
_exptl_crystal_grow.seeding_ref     ? 
_exptl_crystal_grow.temp            277 
_exptl_crystal_grow.temp_details    ? 
_exptl_crystal_grow.temp_esd        ? 
_exptl_crystal_grow.time            ? 
_exptl_crystal_grow.pdbx_details    '20% PEG3350, 0.2M NaNO3, 0.1M HEPES, 10% EtGhly,pH8.2' 
_exptl_crystal_grow.pdbx_pH_range   ? 
# 
_diffrn.ambient_environment    ? 
_diffrn.ambient_temp           80 
_diffrn.ambient_temp_details   ? 
_diffrn.ambient_temp_esd       ? 
_diffrn.crystal_id             1 
_diffrn.crystal_support        ? 
_diffrn.crystal_treatment      ? 
_diffrn.details                ? 
_diffrn.id                     1 
_diffrn.ambient_pressure       ? 
_diffrn.ambient_pressure_esd   ? 
_diffrn.ambient_pressure_gt    ? 
_diffrn.ambient_pressure_lt    ? 
_diffrn.ambient_temp_gt        ? 
_diffrn.ambient_temp_lt        ? 
# 
_diffrn_detector.details                      ? 
_diffrn_detector.detector                     PIXEL 
_diffrn_detector.diffrn_id                    1 
_diffrn_detector.type                         'DECTRIS PILATUS3 6M' 
_diffrn_detector.area_resol_mean              ? 
_diffrn_detector.dtime                        ? 
_diffrn_detector.pdbx_frames_total            ? 
_diffrn_detector.pdbx_collection_time_total   ? 
_diffrn_detector.pdbx_collection_date         2015-05-23 
# 
_diffrn_radiation.collimation                      ? 
_diffrn_radiation.diffrn_id                        1 
_diffrn_radiation.filter_edge                      ? 
_diffrn_radiation.inhomogeneity                    ? 
_diffrn_radiation.monochromator                    ? 
_diffrn_radiation.polarisn_norm                    ? 
_diffrn_radiation.polarisn_ratio                   ? 
_diffrn_radiation.probe                            ? 
_diffrn_radiation.type                             ? 
_diffrn_radiation.xray_symbol                      ? 
_diffrn_radiation.wavelength_id                    1 
_diffrn_radiation.pdbx_monochromatic_or_laue_m_l   M 
_diffrn_radiation.pdbx_wavelength_list             ? 
_diffrn_radiation.pdbx_wavelength                  ? 
_diffrn_radiation.pdbx_diffrn_protocol             'SINGLE WAVELENGTH' 
_diffrn_radiation.pdbx_analyzer                    ? 
_diffrn_radiation.pdbx_scattering_type             x-ray 
# 
_diffrn_radiation_wavelength.id           1 
_diffrn_radiation_wavelength.wavelength   0.9793 
_diffrn_radiation_wavelength.wt           1.0 
# 
_diffrn_source.current                     ? 
_diffrn_source.details                     ? 
_diffrn_source.diffrn_id                   1 
_diffrn_source.power                       ? 
_diffrn_source.size                        ? 
_diffrn_source.source                      SYNCHROTRON 
_diffrn_source.target                      ? 
_diffrn_source.type                        'SSRF BEAMLINE BL17U1' 
_diffrn_source.voltage                     ? 
_diffrn_source.take-off_angle              ? 
_diffrn_source.pdbx_wavelength_list        0.9793 
_diffrn_source.pdbx_wavelength             ? 
_diffrn_source.pdbx_synchrotron_beamline   BL17U1 
_diffrn_source.pdbx_synchrotron_site       SSRF 
# 
_reflns.B_iso_Wilson_estimate            ? 
_reflns.entry_id                         5Y8W 
_reflns.data_reduction_details           ? 
_reflns.data_reduction_method            ? 
_reflns.d_resolution_high                1.760 
_reflns.d_resolution_low                 77.680 
_reflns.details                          ? 
_reflns.limit_h_max                      ? 
_reflns.limit_h_min                      ? 
_reflns.limit_k_max                      ? 
_reflns.limit_k_min                      ? 
_reflns.limit_l_max                      ? 
_reflns.limit_l_min                      ? 
_reflns.number_all                       ? 
_reflns.number_obs                       14984 
_reflns.observed_criterion               ? 
_reflns.observed_criterion_F_max         ? 
_reflns.observed_criterion_F_min         ? 
_reflns.observed_criterion_I_max         ? 
_reflns.observed_criterion_I_min         ? 
_reflns.observed_criterion_sigma_F       ? 
_reflns.observed_criterion_sigma_I       ? 
_reflns.percent_possible_obs             99.800 
_reflns.R_free_details                   ? 
_reflns.Rmerge_F_all                     ? 
_reflns.Rmerge_F_obs                     ? 
_reflns.Friedel_coverage                 ? 
_reflns.number_gt                        ? 
_reflns.threshold_expression             ? 
_reflns.pdbx_redundancy                  5.600 
_reflns.pdbx_Rmerge_I_obs                0.081 
_reflns.pdbx_Rmerge_I_all                ? 
_reflns.pdbx_Rsym_value                  ? 
_reflns.pdbx_netI_over_av_sigmaI         ? 
_reflns.pdbx_netI_over_sigmaI            11.000 
_reflns.pdbx_res_netI_over_av_sigmaI_2   ? 
_reflns.pdbx_res_netI_over_sigmaI_2      ? 
_reflns.pdbx_chi_squared                 ? 
_reflns.pdbx_scaling_rejects             ? 
_reflns.pdbx_d_res_high_opt              ? 
_reflns.pdbx_d_res_low_opt               ? 
_reflns.pdbx_d_res_opt_method            ? 
_reflns.phase_calculation_details        ? 
_reflns.pdbx_Rrim_I_all                  0.089 
_reflns.pdbx_Rpim_I_all                  0.037 
_reflns.pdbx_d_opt                       ? 
_reflns.pdbx_number_measured_all         ? 
_reflns.pdbx_diffrn_id                   1 
_reflns.pdbx_ordinal                     1 
_reflns.pdbx_CC_half                     0.998 
_reflns.pdbx_R_split                     ? 
# 
_reflns_shell.d_res_high                  1.760 
_reflns_shell.d_res_low                   1.800 
_reflns_shell.meanI_over_sigI_all         ? 
_reflns_shell.meanI_over_sigI_obs         ? 
_reflns_shell.number_measured_all         ? 
_reflns_shell.number_measured_obs         ? 
_reflns_shell.number_possible             ? 
_reflns_shell.number_unique_all           ? 
_reflns_shell.number_unique_obs           833 
_reflns_shell.percent_possible_all        99.900 
_reflns_shell.percent_possible_obs        ? 
_reflns_shell.Rmerge_F_all                ? 
_reflns_shell.Rmerge_F_obs                ? 
_reflns_shell.Rmerge_I_all                ? 
_reflns_shell.Rmerge_I_obs                0.480 
_reflns_shell.meanI_over_sigI_gt          ? 
_reflns_shell.meanI_over_uI_all           ? 
_reflns_shell.meanI_over_uI_gt            ? 
_reflns_shell.number_measured_gt          ? 
_reflns_shell.number_unique_gt            ? 
_reflns_shell.percent_possible_gt         ? 
_reflns_shell.Rmerge_F_gt                 ? 
_reflns_shell.Rmerge_I_gt                 ? 
_reflns_shell.pdbx_redundancy             5.500 
_reflns_shell.pdbx_Rsym_value             ? 
_reflns_shell.pdbx_chi_squared            ? 
_reflns_shell.pdbx_netI_over_sigmaI_all   ? 
_reflns_shell.pdbx_netI_over_sigmaI_obs   ? 
_reflns_shell.pdbx_Rrim_I_all             0.531 
_reflns_shell.pdbx_Rpim_I_all             0.221 
_reflns_shell.pdbx_rejects                ? 
_reflns_shell.pdbx_ordinal                1 
_reflns_shell.pdbx_diffrn_id              1 
_reflns_shell.pdbx_CC_half                0.952 
_reflns_shell.pdbx_R_split                ? 
# 
_refine.aniso_B[1][1]                            4.7500 
_refine.aniso_B[1][2]                            -0.0000 
_refine.aniso_B[1][3]                            0.0000 
_refine.aniso_B[2][2]                            -1.8100 
_refine.aniso_B[2][3]                            0.0000 
_refine.aniso_B[3][3]                            -2.9400 
_refine.B_iso_max                                75.640 
_refine.B_iso_mean                               29.1050 
_refine.B_iso_min                                15.840 
_refine.correlation_coeff_Fo_to_Fc               0.9610 
_refine.correlation_coeff_Fo_to_Fc_free          0.9430 
_refine.details                                  
'HYDROGENS HAVE BEEN ADDED IN THE RIDING POSITIONS U VALUES      : REFINED INDIVIDUALLY' 
_refine.diff_density_max                         ? 
_refine.diff_density_max_esd                     ? 
_refine.diff_density_min                         ? 
_refine.diff_density_min_esd                     ? 
_refine.diff_density_rms                         ? 
_refine.diff_density_rms_esd                     ? 
_refine.entry_id                                 5Y8W 
_refine.pdbx_refine_id                           'X-RAY DIFFRACTION' 
_refine.ls_abs_structure_details                 ? 
_refine.ls_abs_structure_Flack                   ? 
_refine.ls_abs_structure_Flack_esd               ? 
_refine.ls_abs_structure_Rogers                  ? 
_refine.ls_abs_structure_Rogers_esd              ? 
_refine.ls_d_res_high                            1.7600 
_refine.ls_d_res_low                             40.9600 
_refine.ls_extinction_coef                       ? 
_refine.ls_extinction_coef_esd                   ? 
_refine.ls_extinction_expression                 ? 
_refine.ls_extinction_method                     ? 
_refine.ls_goodness_of_fit_all                   ? 
_refine.ls_goodness_of_fit_all_esd               ? 
_refine.ls_goodness_of_fit_obs                   ? 
_refine.ls_goodness_of_fit_obs_esd               ? 
_refine.ls_hydrogen_treatment                    ? 
_refine.ls_matrix_type                           ? 
_refine.ls_number_constraints                    ? 
_refine.ls_number_parameters                     ? 
_refine.ls_number_reflns_all                     ? 
_refine.ls_number_reflns_obs                     14168 
_refine.ls_number_reflns_R_free                  771 
_refine.ls_number_reflns_R_work                  ? 
_refine.ls_number_restraints                     ? 
_refine.ls_percent_reflns_obs                    99.7100 
_refine.ls_percent_reflns_R_free                 5.2000 
_refine.ls_R_factor_all                          ? 
_refine.ls_R_factor_obs                          0.1914 
_refine.ls_R_factor_R_free                       0.2358 
_refine.ls_R_factor_R_free_error                 ? 
_refine.ls_R_factor_R_free_error_details         ? 
_refine.ls_R_factor_R_work                       0.1890 
_refine.ls_R_Fsqd_factor_obs                     ? 
_refine.ls_R_I_factor_obs                        ? 
_refine.ls_redundancy_reflns_all                 ? 
_refine.ls_redundancy_reflns_obs                 ? 
_refine.ls_restrained_S_all                      ? 
_refine.ls_restrained_S_obs                      ? 
_refine.ls_shift_over_esd_max                    ? 
_refine.ls_shift_over_esd_mean                   ? 
_refine.ls_structure_factor_coef                 ? 
_refine.ls_weighting_details                     ? 
_refine.ls_weighting_scheme                      ? 
_refine.ls_wR_factor_all                         ? 
_refine.ls_wR_factor_obs                         ? 
_refine.ls_wR_factor_R_free                      ? 
_refine.ls_wR_factor_R_work                      ? 
_refine.occupancy_max                            ? 
_refine.occupancy_min                            ? 
_refine.solvent_model_details                    ? 
_refine.solvent_model_param_bsol                 ? 
_refine.solvent_model_param_ksol                 ? 
_refine.ls_R_factor_gt                           ? 
_refine.ls_goodness_of_fit_gt                    ? 
_refine.ls_goodness_of_fit_ref                   ? 
_refine.ls_shift_over_su_max                     ? 
_refine.ls_shift_over_su_max_lt                  ? 
_refine.ls_shift_over_su_mean                    ? 
_refine.ls_shift_over_su_mean_lt                 ? 
_refine.pdbx_ls_sigma_I                          ? 
_refine.pdbx_ls_sigma_F                          0.000 
_refine.pdbx_ls_sigma_Fsqd                       ? 
_refine.pdbx_data_cutoff_high_absF               ? 
_refine.pdbx_data_cutoff_high_rms_absF           ? 
_refine.pdbx_data_cutoff_low_absF                ? 
_refine.pdbx_isotropic_thermal_model             ? 
_refine.pdbx_ls_cross_valid_method               THROUGHOUT 
_refine.pdbx_method_to_determine_struct          ? 
_refine.pdbx_starting_model                      ? 
_refine.pdbx_stereochemistry_target_values       ? 
_refine.pdbx_R_Free_selection_details            RANDOM 
_refine.pdbx_stereochem_target_val_spec_case     ? 
_refine.pdbx_overall_ESU_R                       0.1180 
_refine.pdbx_overall_ESU_R_Free                  0.1210 
_refine.pdbx_solvent_vdw_probe_radii             1.2000 
_refine.pdbx_solvent_ion_probe_radii             0.8000 
_refine.pdbx_solvent_shrinkage_radii             0.8000 
_refine.pdbx_real_space_R                        ? 
_refine.pdbx_density_correlation                 ? 
_refine.pdbx_pd_number_of_powder_patterns        ? 
_refine.pdbx_pd_number_of_points                 ? 
_refine.pdbx_pd_meas_number_of_points            ? 
_refine.pdbx_pd_proc_ls_prof_R_factor            ? 
_refine.pdbx_pd_proc_ls_prof_wR_factor           ? 
_refine.pdbx_pd_Marquardt_correlation_coeff      ? 
_refine.pdbx_pd_Fsqrd_R_factor                   ? 
_refine.pdbx_pd_ls_matrix_band_width             ? 
_refine.pdbx_overall_phase_error                 ? 
_refine.pdbx_overall_SU_R_free_Cruickshank_DPI   ? 
_refine.pdbx_overall_SU_R_free_Blow_DPI          ? 
_refine.pdbx_overall_SU_R_Blow_DPI               ? 
_refine.pdbx_TLS_residual_ADP_flag               ? 
_refine.pdbx_diffrn_id                           1 
_refine.overall_SU_B                             4.1080 
_refine.overall_SU_ML                            0.1160 
_refine.overall_SU_R_Cruickshank_DPI             ? 
_refine.overall_SU_R_free                        ? 
_refine.overall_FOM_free_R_set                   ? 
_refine.overall_FOM_work_R_set                   ? 
_refine.pdbx_average_fsc_overall                 ? 
_refine.pdbx_average_fsc_work                    ? 
_refine.pdbx_average_fsc_free                    ? 
# 
_refine_hist.cycle_id                         final 
_refine_hist.pdbx_refine_id                   'X-RAY DIFFRACTION' 
_refine_hist.d_res_high                       1.7600 
_refine_hist.d_res_low                        40.9600 
_refine_hist.pdbx_number_atoms_ligand         55 
_refine_hist.number_atoms_solvent             64 
_refine_hist.number_atoms_total               1151 
_refine_hist.pdbx_number_residues_total       124 
_refine_hist.pdbx_B_iso_mean_ligand           35.18 
_refine_hist.pdbx_B_iso_mean_solvent          31.85 
_refine_hist.pdbx_number_atoms_protein        1032 
_refine_hist.pdbx_number_atoms_nucleic_acid   0 
# 
loop_
_refine_ls_restr.pdbx_refine_id 
_refine_ls_restr.criterion 
_refine_ls_restr.dev_ideal 
_refine_ls_restr.dev_ideal_target 
_refine_ls_restr.number 
_refine_ls_restr.rejects 
_refine_ls_restr.type 
_refine_ls_restr.weight 
_refine_ls_restr.pdbx_restraint_function 
'X-RAY DIFFRACTION' ? 0.018  0.020  1111 ? r_bond_refined_d       ? ? 
'X-RAY DIFFRACTION' ? 0.002  0.020  1060 ? r_bond_other_d         ? ? 
'X-RAY DIFFRACTION' ? 1.776  2.008  1502 ? r_angle_refined_deg    ? ? 
'X-RAY DIFFRACTION' ? 1.027  3.004  2445 ? r_angle_other_deg      ? ? 
'X-RAY DIFFRACTION' ? 5.955  5.000  123  ? r_dihedral_angle_1_deg ? ? 
'X-RAY DIFFRACTION' ? 37.212 25.769 52   ? r_dihedral_angle_2_deg ? ? 
'X-RAY DIFFRACTION' ? 14.468 15.000 189  ? r_dihedral_angle_3_deg ? ? 
'X-RAY DIFFRACTION' ? 7.768  15.000 3    ? r_dihedral_angle_4_deg ? ? 
'X-RAY DIFFRACTION' ? 0.104  0.200  155  ? r_chiral_restr         ? ? 
'X-RAY DIFFRACTION' ? 0.010  0.021  1217 ? r_gen_planes_refined   ? ? 
'X-RAY DIFFRACTION' ? 0.001  0.020  246  ? r_gen_planes_other     ? ? 
# 
_refine_ls_shell.pdbx_refine_id                   'X-RAY DIFFRACTION' 
_refine_ls_shell.d_res_high                       1.7640 
_refine_ls_shell.d_res_low                        1.8100 
_refine_ls_shell.number_reflns_all                ? 
_refine_ls_shell.number_reflns_obs                1075 
_refine_ls_shell.number_reflns_R_free             48 
_refine_ls_shell.number_reflns_R_work             1027 
_refine_ls_shell.percent_reflns_obs               99.8100 
_refine_ls_shell.percent_reflns_R_free            ? 
_refine_ls_shell.R_factor_all                     ? 
_refine_ls_shell.R_factor_obs                     ? 
_refine_ls_shell.R_factor_R_free                  0.2500 
_refine_ls_shell.R_factor_R_free_error            0.0000 
_refine_ls_shell.R_factor_R_work                  0.2930 
_refine_ls_shell.redundancy_reflns_all            ? 
_refine_ls_shell.redundancy_reflns_obs            ? 
_refine_ls_shell.wR_factor_all                    ? 
_refine_ls_shell.wR_factor_obs                    ? 
_refine_ls_shell.wR_factor_R_free                 ? 
_refine_ls_shell.wR_factor_R_work                 ? 
_refine_ls_shell.pdbx_total_number_of_bins_used   20 
_refine_ls_shell.pdbx_phase_error                 ? 
_refine_ls_shell.pdbx_fsc_work                    ? 
_refine_ls_shell.pdbx_fsc_free                    ? 
# 
_struct.entry_id                     5Y8W 
_struct.title                        'Crystal Structure Analysis of the BRD4' 
_struct.pdbx_model_details           ? 
_struct.pdbx_formula_weight          ? 
_struct.pdbx_formula_weight_method   ? 
_struct.pdbx_model_type_details      ? 
_struct.pdbx_CASP_flag               N 
# 
_struct_keywords.entry_id        5Y8W 
_struct_keywords.text            'BRD4(1), Bromodomain, TRANSCRIPTION' 
_struct_keywords.pdbx_keywords   TRANSCRIPTION 
# 
loop_
_struct_asym.id 
_struct_asym.pdbx_blank_PDB_chainid_flag 
_struct_asym.pdbx_modified 
_struct_asym.entity_id 
_struct_asym.details 
A N N 1 ? 
B N N 2 ? 
C N N 3 ? 
D N N 3 ? 
E N N 3 ? 
F N N 3 ? 
G N N 3 ? 
H N N 4 ? 
I N N 5 ? 
J N N 6 ? 
K N N 7 ? 
# 
_struct_ref.id                         1 
_struct_ref.db_name                    UNP 
_struct_ref.db_code                    BRD4_HUMAN 
_struct_ref.pdbx_db_accession          O60885 
_struct_ref.pdbx_db_isoform            ? 
_struct_ref.entity_id                  1 
_struct_ref.pdbx_seq_one_letter_code   
;NPPPPETSNPNKPKRQTNQLQYLLRVVLKTLWKHQFAWPFQQPVDAVKLNLPDYYKIIKTPMDMGTIKKRLENNYYWNAQ
ECIQDFNTMFTNCYIYNKPGDDIVLMAEALEKLFLQKINELPTEE
;
_struct_ref.pdbx_align_begin           44 
# 
_struct_ref_seq.align_id                      1 
_struct_ref_seq.ref_id                        1 
_struct_ref_seq.pdbx_PDB_id_code              5Y8W 
_struct_ref_seq.pdbx_strand_id                A 
_struct_ref_seq.seq_align_beg                 17 
_struct_ref_seq.pdbx_seq_align_beg_ins_code   ? 
_struct_ref_seq.seq_align_end                 141 
_struct_ref_seq.pdbx_seq_align_end_ins_code   ? 
_struct_ref_seq.pdbx_db_accession             O60885 
_struct_ref_seq.db_align_beg                  44 
_struct_ref_seq.pdbx_db_align_beg_ins_code    ? 
_struct_ref_seq.db_align_end                  168 
_struct_ref_seq.pdbx_db_align_end_ins_code    ? 
_struct_ref_seq.pdbx_auth_seq_align_beg       44 
_struct_ref_seq.pdbx_auth_seq_align_end       168 
# 
loop_
_struct_ref_seq_dif.align_id 
_struct_ref_seq_dif.pdbx_pdb_id_code 
_struct_ref_seq_dif.mon_id 
_struct_ref_seq_dif.pdbx_pdb_strand_id 
_struct_ref_seq_dif.seq_num 
_struct_ref_seq_dif.pdbx_pdb_ins_code 
_struct_ref_seq_dif.pdbx_seq_db_name 
_struct_ref_seq_dif.pdbx_seq_db_accession_code 
_struct_ref_seq_dif.db_mon_id 
_struct_ref_seq_dif.pdbx_seq_db_seq_num 
_struct_ref_seq_dif.details 
_struct_ref_seq_dif.pdbx_auth_seq_num 
_struct_ref_seq_dif.pdbx_ordinal 
1 5Y8W MET A 1  ? UNP O60885 ? ? 'expression tag' 28 1  
1 5Y8W LYS A 2  ? UNP O60885 ? ? 'expression tag' 29 2  
1 5Y8W LYS A 3  ? UNP O60885 ? ? 'expression tag' 30 3  
1 5Y8W GLY A 4  ? UNP O60885 ? ? 'expression tag' 31 4  
1 5Y8W HIS A 5  ? UNP O60885 ? ? 'expression tag' 32 5  
1 5Y8W HIS A 6  ? UNP O60885 ? ? 'expression tag' 33 6  
1 5Y8W HIS A 7  ? UNP O60885 ? ? 'expression tag' 34 7  
1 5Y8W HIS A 8  ? UNP O60885 ? ? 'expression tag' 35 8  
1 5Y8W HIS A 9  ? UNP O60885 ? ? 'expression tag' 36 9  
1 5Y8W HIS A 10 ? UNP O60885 ? ? 'expression tag' 37 10 
1 5Y8W LEU A 11 ? UNP O60885 ? ? 'expression tag' 38 11 
1 5Y8W VAL A 12 ? UNP O60885 ? ? 'expression tag' 39 12 
1 5Y8W PRO A 13 ? UNP O60885 ? ? 'expression tag' 40 13 
1 5Y8W ARG A 14 ? UNP O60885 ? ? 'expression tag' 41 14 
1 5Y8W GLY A 15 ? UNP O60885 ? ? 'expression tag' 42 15 
1 5Y8W SER A 16 ? UNP O60885 ? ? 'expression tag' 43 16 
# 
_pdbx_struct_assembly.id                   1 
_pdbx_struct_assembly.details              author_and_software_defined_assembly 
_pdbx_struct_assembly.method_details       PISA 
_pdbx_struct_assembly.oligomeric_details   monomeric 
_pdbx_struct_assembly.oligomeric_count     1 
# 
loop_
_pdbx_struct_assembly_prop.biol_id 
_pdbx_struct_assembly_prop.type 
_pdbx_struct_assembly_prop.value 
_pdbx_struct_assembly_prop.details 
1 'ABSA (A^2)' 130  ? 
1 MORE         -9   ? 
1 'SSA (A^2)'  7310 ? 
# 
_pdbx_struct_assembly_gen.assembly_id       1 
_pdbx_struct_assembly_gen.oper_expression   1 
_pdbx_struct_assembly_gen.asym_id_list      A,B,C,D,E,F,G,H,I,J,K 
# 
_pdbx_struct_assembly_auth_evidence.id                     1 
_pdbx_struct_assembly_auth_evidence.assembly_id            1 
_pdbx_struct_assembly_auth_evidence.experimental_support   none 
_pdbx_struct_assembly_auth_evidence.details                ? 
# 
_pdbx_struct_oper_list.id                   1 
_pdbx_struct_oper_list.type                 'identity operation' 
_pdbx_struct_oper_list.name                 1_555 
_pdbx_struct_oper_list.symmetry_operation   x,y,z 
_pdbx_struct_oper_list.matrix[1][1]         1.0000000000 
_pdbx_struct_oper_list.matrix[1][2]         0.0000000000 
_pdbx_struct_oper_list.matrix[1][3]         0.0000000000 
_pdbx_struct_oper_list.vector[1]            0.0000000000 
_pdbx_struct_oper_list.matrix[2][1]         0.0000000000 
_pdbx_struct_oper_list.matrix[2][2]         1.0000000000 
_pdbx_struct_oper_list.matrix[2][3]         0.0000000000 
_pdbx_struct_oper_list.vector[2]            0.0000000000 
_pdbx_struct_oper_list.matrix[3][1]         0.0000000000 
_pdbx_struct_oper_list.matrix[3][2]         0.0000000000 
_pdbx_struct_oper_list.matrix[3][3]         1.0000000000 
_pdbx_struct_oper_list.vector[3]            0.0000000000 
# 
loop_
_struct_conf.conf_type_id 
_struct_conf.id 
_struct_conf.pdbx_PDB_helix_id 
_struct_conf.beg_label_comp_id 
_struct_conf.beg_label_asym_id 
_struct_conf.beg_label_seq_id 
_struct_conf.pdbx_beg_PDB_ins_code 
_struct_conf.end_label_comp_id 
_struct_conf.end_label_asym_id 
_struct_conf.end_label_seq_id 
_struct_conf.pdbx_end_PDB_ins_code 
_struct_conf.beg_auth_comp_id 
_struct_conf.beg_auth_asym_id 
_struct_conf.beg_auth_seq_id 
_struct_conf.end_auth_comp_id 
_struct_conf.end_auth_asym_id 
_struct_conf.end_auth_seq_id 
_struct_conf.pdbx_PDB_helix_class 
_struct_conf.details 
_struct_conf.pdbx_PDB_helix_length 
HELX_P HELX_P1 AA1 THR A 33  ? VAL A 42  ? THR A 60  VAL A 69  1 ? 10 
HELX_P HELX_P2 AA2 VAL A 42  ? HIS A 50  ? VAL A 69  HIS A 77  1 ? 9  
HELX_P HELX_P3 AA3 GLN A 51  ? GLN A 57  ? GLN A 78  GLN A 84  5 ? 7  
HELX_P HELX_P4 AA4 ASP A 69  ? ILE A 74  ? ASP A 96  ILE A 101 1 ? 6  
HELX_P HELX_P5 AA5 ASP A 79  ? ASN A 89  ? ASP A 106 ASN A 116 1 ? 11 
HELX_P HELX_P6 AA6 ASN A 94  ? ASN A 113 ? ASN A 121 ASN A 140 1 ? 20 
HELX_P HELX_P7 AA7 ASP A 117 ? GLU A 136 ? ASP A 144 GLU A 163 1 ? 20 
# 
_struct_conf_type.id          HELX_P 
_struct_conf_type.criteria    ? 
_struct_conf_type.reference   ? 
# 
loop_
_struct_conn.id 
_struct_conn.conn_type_id 
_struct_conn.pdbx_leaving_atom_flag 
_struct_conn.pdbx_PDB_id 
_struct_conn.ptnr1_label_asym_id 
_struct_conn.ptnr1_label_comp_id 
_struct_conn.ptnr1_label_seq_id 
_struct_conn.ptnr1_label_atom_id 
_struct_conn.pdbx_ptnr1_label_alt_id 
_struct_conn.pdbx_ptnr1_PDB_ins_code 
_struct_conn.pdbx_ptnr1_standard_comp_id 
_struct_conn.ptnr1_symmetry 
_struct_conn.ptnr2_label_asym_id 
_struct_conn.ptnr2_label_comp_id 
_struct_conn.ptnr2_label_seq_id 
_struct_conn.ptnr2_label_atom_id 
_struct_conn.pdbx_ptnr2_label_alt_id 
_struct_conn.pdbx_ptnr2_PDB_ins_code 
_struct_conn.ptnr1_auth_asym_id 
_struct_conn.ptnr1_auth_comp_id 
_struct_conn.ptnr1_auth_seq_id 
_struct_conn.ptnr2_auth_asym_id 
_struct_conn.ptnr2_auth_comp_id 
_struct_conn.ptnr2_auth_seq_id 
_struct_conn.ptnr2_symmetry 
_struct_conn.pdbx_ptnr3_label_atom_id 
_struct_conn.pdbx_ptnr3_label_seq_id 
_struct_conn.pdbx_ptnr3_label_comp_id 
_struct_conn.pdbx_ptnr3_label_asym_id 
_struct_conn.pdbx_ptnr3_label_alt_id 
_struct_conn.pdbx_ptnr3_PDB_ins_code 
_struct_conn.details 
_struct_conn.pdbx_dist_value 
_struct_conn.pdbx_value_order 
_struct_conn.pdbx_role 
metalc1 metalc ? ? A TYR 110 O  ? ? ? 1_555 I NA  . NA ? ? A TYR 137 A NA  208 1_555 ? ? ? ? ? ? ? 2.471 ? ? 
metalc2 metalc ? ? A ILE 111 O  ? ? ? 1_555 I NA  . NA ? ? A ILE 138 A NA  208 1_555 ? ? ? ? ? ? ? 2.532 ? ? 
metalc3 metalc ? ? A ASN 113 O  ? ? ? 1_555 I NA  . NA ? ? A ASN 140 A NA  208 1_555 ? ? ? ? ? ? ? 2.272 ? ? 
metalc4 metalc ? ? I NA  .   NA ? ? ? 1_555 K HOH . O  ? ? A NA  208 A HOH 356 1_555 ? ? ? ? ? ? ? 2.401 ? ? 
metalc5 metalc ? ? I NA  .   NA ? ? ? 1_555 K HOH . O  ? ? A NA  208 A HOH 357 1_555 ? ? ? ? ? ? ? 2.252 ? ? 
metalc6 metalc ? ? I NA  .   NA ? ? ? 1_555 K HOH . O  ? ? A NA  208 A HOH 360 1_555 ? ? ? ? ? ? ? 2.201 ? ? 
# 
_struct_conn_type.id          metalc 
_struct_conn_type.criteria    ? 
_struct_conn_type.reference   ? 
# 
loop_
_pdbx_struct_conn_angle.id 
_pdbx_struct_conn_angle.ptnr1_label_atom_id 
_pdbx_struct_conn_angle.ptnr1_label_alt_id 
_pdbx_struct_conn_angle.ptnr1_label_asym_id 
_pdbx_struct_conn_angle.ptnr1_label_comp_id 
_pdbx_struct_conn_angle.ptnr1_label_seq_id 
_pdbx_struct_conn_angle.ptnr1_auth_atom_id 
_pdbx_struct_conn_angle.ptnr1_auth_asym_id 
_pdbx_struct_conn_angle.ptnr1_auth_comp_id 
_pdbx_struct_conn_angle.ptnr1_auth_seq_id 
_pdbx_struct_conn_angle.ptnr1_PDB_ins_code 
_pdbx_struct_conn_angle.ptnr1_symmetry 
_pdbx_struct_conn_angle.ptnr2_label_atom_id 
_pdbx_struct_conn_angle.ptnr2_label_alt_id 
_pdbx_struct_conn_angle.ptnr2_label_asym_id 
_pdbx_struct_conn_angle.ptnr2_label_comp_id 
_pdbx_struct_conn_angle.ptnr2_label_seq_id 
_pdbx_struct_conn_angle.ptnr2_auth_atom_id 
_pdbx_struct_conn_angle.ptnr2_auth_asym_id 
_pdbx_struct_conn_angle.ptnr2_auth_comp_id 
_pdbx_struct_conn_angle.ptnr2_auth_seq_id 
_pdbx_struct_conn_angle.ptnr2_PDB_ins_code 
_pdbx_struct_conn_angle.ptnr2_symmetry 
_pdbx_struct_conn_angle.ptnr3_label_atom_id 
_pdbx_struct_conn_angle.ptnr3_label_alt_id 
_pdbx_struct_conn_angle.ptnr3_label_asym_id 
_pdbx_struct_conn_angle.ptnr3_label_comp_id 
_pdbx_struct_conn_angle.ptnr3_label_seq_id 
_pdbx_struct_conn_angle.ptnr3_auth_atom_id 
_pdbx_struct_conn_angle.ptnr3_auth_asym_id 
_pdbx_struct_conn_angle.ptnr3_auth_comp_id 
_pdbx_struct_conn_angle.ptnr3_auth_seq_id 
_pdbx_struct_conn_angle.ptnr3_PDB_ins_code 
_pdbx_struct_conn_angle.ptnr3_symmetry 
_pdbx_struct_conn_angle.value 
_pdbx_struct_conn_angle.value_esd 
1  O ? A TYR 110 ? A TYR 137 ? 1_555 NA ? I NA . ? A NA 208 ? 1_555 O ? A ILE 111 ? A ILE 138 ? 1_555 84.5  ? 
2  O ? A TYR 110 ? A TYR 137 ? 1_555 NA ? I NA . ? A NA 208 ? 1_555 O ? A ASN 113 ? A ASN 140 ? 1_555 84.5  ? 
3  O ? A ILE 111 ? A ILE 138 ? 1_555 NA ? I NA . ? A NA 208 ? 1_555 O ? A ASN 113 ? A ASN 140 ? 1_555 97.4  ? 
4  O ? A TYR 110 ? A TYR 137 ? 1_555 NA ? I NA . ? A NA 208 ? 1_555 O ? K HOH .   ? A HOH 356 ? 1_555 168.2 ? 
5  O ? A ILE 111 ? A ILE 138 ? 1_555 NA ? I NA . ? A NA 208 ? 1_555 O ? K HOH .   ? A HOH 356 ? 1_555 84.7  ? 
6  O ? A ASN 113 ? A ASN 140 ? 1_555 NA ? I NA . ? A NA 208 ? 1_555 O ? K HOH .   ? A HOH 356 ? 1_555 92.0  ? 
7  O ? A TYR 110 ? A TYR 137 ? 1_555 NA ? I NA . ? A NA 208 ? 1_555 O ? K HOH .   ? A HOH 357 ? 1_555 87.7  ? 
8  O ? A ILE 111 ? A ILE 138 ? 1_555 NA ? I NA . ? A NA 208 ? 1_555 O ? K HOH .   ? A HOH 357 ? 1_555 169.0 ? 
9  O ? A ASN 113 ? A ASN 140 ? 1_555 NA ? I NA . ? A NA 208 ? 1_555 O ? K HOH .   ? A HOH 357 ? 1_555 89.6  ? 
10 O ? K HOH .   ? A HOH 356 ? 1_555 NA ? I NA . ? A NA 208 ? 1_555 O ? K HOH .   ? A HOH 357 ? 1_555 103.6 ? 
11 O ? A TYR 110 ? A TYR 137 ? 1_555 NA ? I NA . ? A NA 208 ? 1_555 O ? K HOH .   ? A HOH 360 ? 1_555 91.1  ? 
12 O ? A ILE 111 ? A ILE 138 ? 1_555 NA ? I NA . ? A NA 208 ? 1_555 O ? K HOH .   ? A HOH 360 ? 1_555 93.3  ? 
13 O ? A ASN 113 ? A ASN 140 ? 1_555 NA ? I NA . ? A NA 208 ? 1_555 O ? K HOH .   ? A HOH 360 ? 1_555 168.0 ? 
14 O ? K HOH .   ? A HOH 356 ? 1_555 NA ? I NA . ? A NA 208 ? 1_555 O ? K HOH .   ? A HOH 360 ? 1_555 94.4  ? 
15 O ? K HOH .   ? A HOH 357 ? 1_555 NA ? I NA . ? A NA 208 ? 1_555 O ? K HOH .   ? A HOH 360 ? 1_555 79.0  ? 
# 
loop_
_struct_site.id 
_struct_site.pdbx_evidence_code 
_struct_site.pdbx_auth_asym_id 
_struct_site.pdbx_auth_comp_id 
_struct_site.pdbx_auth_seq_id 
_struct_site.pdbx_auth_ins_code 
_struct_site.pdbx_num_residues 
_struct_site.details 
AC1 Software A 8PU 201 ? 12 'binding site for residue 8PU A 201' 
AC2 Software A EDO 202 ? 5  'binding site for residue EDO A 202' 
AC3 Software A EDO 203 ? 4  'binding site for residue EDO A 203' 
AC4 Software A EDO 204 ? 5  'binding site for residue EDO A 204' 
AC5 Software A EDO 205 ? 3  'binding site for residue EDO A 205' 
AC6 Software A EDO 206 ? 3  'binding site for residue EDO A 206' 
AC7 Software A NO3 207 ? 7  'binding site for residue NO3 A 207' 
AC8 Software A NA  208 ? 6  'binding site for residue NA A 208'  
AC9 Software A GOL 209 ? 4  'binding site for residue GOL A 209' 
# 
loop_
_struct_site_gen.id 
_struct_site_gen.site_id 
_struct_site_gen.pdbx_num_res 
_struct_site_gen.label_comp_id 
_struct_site_gen.label_asym_id 
_struct_site_gen.label_seq_id 
_struct_site_gen.pdbx_auth_ins_code 
_struct_site_gen.auth_comp_id 
_struct_site_gen.auth_asym_id 
_struct_site_gen.auth_seq_id 
_struct_site_gen.label_atom_id 
_struct_site_gen.label_alt_id 
_struct_site_gen.symmetry 
_struct_site_gen.details 
1  AC1 12 TRP A 54  ? TRP A 81  . ? 1_555 ? 
2  AC1 12 PRO A 55  ? PRO A 82  . ? 1_555 ? 
3  AC1 12 VAL A 60  ? VAL A 87  . ? 1_555 ? 
4  AC1 12 LEU A 65  ? LEU A 92  . ? 1_555 ? 
5  AC1 12 LEU A 67  ? LEU A 94  . ? 1_555 ? 
6  AC1 12 LYS A 72  ? LYS A 99  . ? 4_555 ? 
7  AC1 12 ASN A 113 ? ASN A 140 . ? 1_555 ? 
8  AC1 12 MET A 122 ? MET A 149 . ? 1_555 ? 
9  AC1 12 HOH K .   ? HOH A 302 . ? 1_555 ? 
10 AC1 12 HOH K .   ? HOH A 306 . ? 1_555 ? 
11 AC1 12 HOH K .   ? HOH A 308 . ? 1_555 ? 
12 AC1 12 HOH K .   ? HOH A 337 . ? 1_555 ? 
13 AC2 5  ILE A 73  ? ILE A 100 . ? 1_555 ? 
14 AC2 5  ILE A 74  ? ILE A 101 . ? 1_555 ? 
15 AC2 5  LYS A 75  ? LYS A 102 . ? 1_555 ? 
16 AC2 5  THR A 76  ? THR A 103 . ? 1_555 ? 
17 AC2 5  ASN A 108 ? ASN A 135 . ? 1_555 ? 
18 AC3 4  PRO A 115 ? PRO A 142 . ? 1_555 ? 
19 AC3 4  GLY A 116 ? GLY A 143 . ? 1_555 ? 
20 AC3 4  VAL A 120 ? VAL A 147 . ? 1_555 ? 
21 AC3 4  GLU A 124 ? GLU A 151 . ? 1_555 ? 
22 AC4 5  ARG A 31  ? ARG A 58  . ? 1_555 ? 
23 AC4 5  THR A 33  ? THR A 60  . ? 1_555 ? 
24 AC4 5  GLN A 35  ? GLN A 62  . ? 1_555 ? 
25 AC4 5  ASN A 94  ? ASN A 121 . ? 1_555 ? 
26 AC4 5  ALA A 95  ? ALA A 122 . ? 1_555 ? 
27 AC5 3  ASP A 117 ? ASP A 144 . ? 1_555 ? 
28 AC5 3  ASP A 118 ? ASP A 145 . ? 1_555 ? 
29 AC5 3  HOH K .   ? HOH A 320 . ? 1_555 ? 
30 AC6 3  TYR A 110 ? TYR A 137 . ? 1_555 ? 
31 AC6 3  GLU A 124 ? GLU A 151 . ? 1_555 ? 
32 AC6 3  HOH K .   ? HOH A 314 . ? 1_555 ? 
33 AC7 7  ASN A 27  ? ASN A 54  . ? 2_454 ? 
34 AC7 7  GLN A 51  ? GLN A 78  . ? 1_555 ? 
35 AC7 7  PHE A 52  ? PHE A 79  . ? 1_555 ? 
36 AC7 7  TRP A 54  ? TRP A 81  . ? 1_555 ? 
37 AC7 7  ASP A 69  ? ASP A 96  . ? 4_555 ? 
38 AC7 7  LYS A 72  ? LYS A 99  . ? 4_555 ? 
39 AC7 7  MET A 122 ? MET A 149 . ? 1_555 ? 
40 AC8 6  TYR A 110 ? TYR A 137 . ? 1_555 ? 
41 AC8 6  ILE A 111 ? ILE A 138 . ? 1_555 ? 
42 AC8 6  ASN A 113 ? ASN A 140 . ? 1_555 ? 
43 AC8 6  HOH K .   ? HOH A 356 . ? 1_555 ? 
44 AC8 6  HOH K .   ? HOH A 357 . ? 1_555 ? 
45 AC8 6  HOH K .   ? HOH A 360 . ? 1_555 ? 
46 AC9 4  PRO A 59  ? PRO A 86  . ? 1_555 ? 
47 AC9 4  GLY A 81  ? GLY A 108 . ? 1_555 ? 
48 AC9 4  LYS A 85  ? LYS A 112 . ? 1_555 ? 
49 AC9 4  HOH K .   ? HOH A 303 . ? 1_555 ? 
# 
_pdbx_validate_rmsd_angle.id                         1 
_pdbx_validate_rmsd_angle.PDB_model_num              1 
_pdbx_validate_rmsd_angle.auth_atom_id_1             NE 
_pdbx_validate_rmsd_angle.auth_asym_id_1             A 
_pdbx_validate_rmsd_angle.auth_comp_id_1             ARG 
_pdbx_validate_rmsd_angle.auth_seq_id_1              58 
_pdbx_validate_rmsd_angle.PDB_ins_code_1             ? 
_pdbx_validate_rmsd_angle.label_alt_id_1             ? 
_pdbx_validate_rmsd_angle.auth_atom_id_2             CZ 
_pdbx_validate_rmsd_angle.auth_asym_id_2             A 
_pdbx_validate_rmsd_angle.auth_comp_id_2             ARG 
_pdbx_validate_rmsd_angle.auth_seq_id_2              58 
_pdbx_validate_rmsd_angle.PDB_ins_code_2             ? 
_pdbx_validate_rmsd_angle.label_alt_id_2             ? 
_pdbx_validate_rmsd_angle.auth_atom_id_3             NH2 
_pdbx_validate_rmsd_angle.auth_asym_id_3             A 
_pdbx_validate_rmsd_angle.auth_comp_id_3             ARG 
_pdbx_validate_rmsd_angle.auth_seq_id_3              58 
_pdbx_validate_rmsd_angle.PDB_ins_code_3             ? 
_pdbx_validate_rmsd_angle.label_alt_id_3             ? 
_pdbx_validate_rmsd_angle.angle_value                116.73 
_pdbx_validate_rmsd_angle.angle_target_value         120.30 
_pdbx_validate_rmsd_angle.angle_deviation            -3.57 
_pdbx_validate_rmsd_angle.angle_standard_deviation   0.50 
_pdbx_validate_rmsd_angle.linker_flag                N 
# 
loop_
_pdbx_validate_torsion.id 
_pdbx_validate_torsion.PDB_model_num 
_pdbx_validate_torsion.auth_comp_id 
_pdbx_validate_torsion.auth_asym_id 
_pdbx_validate_torsion.auth_seq_id 
_pdbx_validate_torsion.PDB_ins_code 
_pdbx_validate_torsion.label_alt_id 
_pdbx_validate_torsion.phi 
_pdbx_validate_torsion.psi 
1 1 ASN A 52 ? ? -163.11 109.55 
2 1 VAL A 69 ? ? -108.24 -60.23 
# 
loop_
_pdbx_unobs_or_zero_occ_residues.id 
_pdbx_unobs_or_zero_occ_residues.PDB_model_num 
_pdbx_unobs_or_zero_occ_residues.polymer_flag 
_pdbx_unobs_or_zero_occ_residues.occupancy_flag 
_pdbx_unobs_or_zero_occ_residues.auth_asym_id 
_pdbx_unobs_or_zero_occ_residues.auth_comp_id 
_pdbx_unobs_or_zero_occ_residues.auth_seq_id 
_pdbx_unobs_or_zero_occ_residues.PDB_ins_code 
_pdbx_unobs_or_zero_occ_residues.label_asym_id 
_pdbx_unobs_or_zero_occ_residues.label_comp_id 
_pdbx_unobs_or_zero_occ_residues.label_seq_id 
1  1 Y 1 A MET 28  ? A MET 1   
2  1 Y 1 A LYS 29  ? A LYS 2   
3  1 Y 1 A LYS 30  ? A LYS 3   
4  1 Y 1 A GLY 31  ? A GLY 4   
5  1 Y 1 A HIS 32  ? A HIS 5   
6  1 Y 1 A HIS 33  ? A HIS 6   
7  1 Y 1 A HIS 34  ? A HIS 7   
8  1 Y 1 A HIS 35  ? A HIS 8   
9  1 Y 1 A HIS 36  ? A HIS 9   
10 1 Y 1 A HIS 37  ? A HIS 10  
11 1 Y 1 A LEU 38  ? A LEU 11  
12 1 Y 1 A VAL 39  ? A VAL 12  
13 1 Y 1 A PRO 40  ? A PRO 13  
14 1 Y 1 A ARG 41  ? A ARG 14  
15 1 Y 1 A THR 166 ? A THR 139 
16 1 Y 1 A GLU 167 ? A GLU 140 
17 1 Y 1 A GLU 168 ? A GLU 141 
# 
loop_
_chem_comp_atom.comp_id 
_chem_comp_atom.atom_id 
_chem_comp_atom.type_symbol 
_chem_comp_atom.pdbx_aromatic_flag 
_chem_comp_atom.pdbx_stereo_config 
_chem_comp_atom.pdbx_ordinal 
8PU CAW  C  N N 1   
8PU OAV  O  N N 2   
8PU CAQ  C  Y N 3   
8PU CAR  C  Y N 4   
8PU CAS  C  Y N 5   
8PU CAT  C  Y N 6   
8PU BRAX BR N N 7   
8PU CAU  C  Y N 8   
8PU CAP  C  Y N 9   
8PU SAM  S  N N 10  
8PU OAN  O  N N 11  
8PU OAO  O  N N 12  
8PU NAH  N  N N 13  
8PU CAC  C  Y N 14  
8PU CAB  C  Y N 15  
8PU CAA  C  Y N 16  
8PU CAJ  C  Y N 17  
8PU CAK  C  N N 18  
8PU NAL  N  Y N 19  
8PU OAG  O  Y N 20  
8PU CAF  C  Y N 21  
8PU CAE  C  Y N 22  
8PU CAD  C  Y N 23  
8PU OAI  O  N N 24  
8PU H1   H  N N 25  
8PU H2   H  N N 26  
8PU H3   H  N N 27  
8PU H4   H  N N 28  
8PU H5   H  N N 29  
8PU H6   H  N N 30  
8PU H7   H  N N 31  
8PU H8   H  N N 32  
8PU H9   H  N N 33  
8PU H10  H  N N 34  
8PU H11  H  N N 35  
8PU H12  H  N N 36  
8PU H13  H  N N 37  
ALA N    N  N N 38  
ALA CA   C  N S 39  
ALA C    C  N N 40  
ALA O    O  N N 41  
ALA CB   C  N N 42  
ALA OXT  O  N N 43  
ALA H    H  N N 44  
ALA H2   H  N N 45  
ALA HA   H  N N 46  
ALA HB1  H  N N 47  
ALA HB2  H  N N 48  
ALA HB3  H  N N 49  
ALA HXT  H  N N 50  
ARG N    N  N N 51  
ARG CA   C  N S 52  
ARG C    C  N N 53  
ARG O    O  N N 54  
ARG CB   C  N N 55  
ARG CG   C  N N 56  
ARG CD   C  N N 57  
ARG NE   N  N N 58  
ARG CZ   C  N N 59  
ARG NH1  N  N N 60  
ARG NH2  N  N N 61  
ARG OXT  O  N N 62  
ARG H    H  N N 63  
ARG H2   H  N N 64  
ARG HA   H  N N 65  
ARG HB2  H  N N 66  
ARG HB3  H  N N 67  
ARG HG2  H  N N 68  
ARG HG3  H  N N 69  
ARG HD2  H  N N 70  
ARG HD3  H  N N 71  
ARG HE   H  N N 72  
ARG HH11 H  N N 73  
ARG HH12 H  N N 74  
ARG HH21 H  N N 75  
ARG HH22 H  N N 76  
ARG HXT  H  N N 77  
ASN N    N  N N 78  
ASN CA   C  N S 79  
ASN C    C  N N 80  
ASN O    O  N N 81  
ASN CB   C  N N 82  
ASN CG   C  N N 83  
ASN OD1  O  N N 84  
ASN ND2  N  N N 85  
ASN OXT  O  N N 86  
ASN H    H  N N 87  
ASN H2   H  N N 88  
ASN HA   H  N N 89  
ASN HB2  H  N N 90  
ASN HB3  H  N N 91  
ASN HD21 H  N N 92  
ASN HD22 H  N N 93  
ASN HXT  H  N N 94  
ASP N    N  N N 95  
ASP CA   C  N S 96  
ASP C    C  N N 97  
ASP O    O  N N 98  
ASP CB   C  N N 99  
ASP CG   C  N N 100 
ASP OD1  O  N N 101 
ASP OD2  O  N N 102 
ASP OXT  O  N N 103 
ASP H    H  N N 104 
ASP H2   H  N N 105 
ASP HA   H  N N 106 
ASP HB2  H  N N 107 
ASP HB3  H  N N 108 
ASP HD2  H  N N 109 
ASP HXT  H  N N 110 
CYS N    N  N N 111 
CYS CA   C  N R 112 
CYS C    C  N N 113 
CYS O    O  N N 114 
CYS CB   C  N N 115 
CYS SG   S  N N 116 
CYS OXT  O  N N 117 
CYS H    H  N N 118 
CYS H2   H  N N 119 
CYS HA   H  N N 120 
CYS HB2  H  N N 121 
CYS HB3  H  N N 122 
CYS HG   H  N N 123 
CYS HXT  H  N N 124 
EDO C1   C  N N 125 
EDO O1   O  N N 126 
EDO C2   C  N N 127 
EDO O2   O  N N 128 
EDO H11  H  N N 129 
EDO H12  H  N N 130 
EDO HO1  H  N N 131 
EDO H21  H  N N 132 
EDO H22  H  N N 133 
EDO HO2  H  N N 134 
GLN N    N  N N 135 
GLN CA   C  N S 136 
GLN C    C  N N 137 
GLN O    O  N N 138 
GLN CB   C  N N 139 
GLN CG   C  N N 140 
GLN CD   C  N N 141 
GLN OE1  O  N N 142 
GLN NE2  N  N N 143 
GLN OXT  O  N N 144 
GLN H    H  N N 145 
GLN H2   H  N N 146 
GLN HA   H  N N 147 
GLN HB2  H  N N 148 
GLN HB3  H  N N 149 
GLN HG2  H  N N 150 
GLN HG3  H  N N 151 
GLN HE21 H  N N 152 
GLN HE22 H  N N 153 
GLN HXT  H  N N 154 
GLU N    N  N N 155 
GLU CA   C  N S 156 
GLU C    C  N N 157 
GLU O    O  N N 158 
GLU CB   C  N N 159 
GLU CG   C  N N 160 
GLU CD   C  N N 161 
GLU OE1  O  N N 162 
GLU OE2  O  N N 163 
GLU OXT  O  N N 164 
GLU H    H  N N 165 
GLU H2   H  N N 166 
GLU HA   H  N N 167 
GLU HB2  H  N N 168 
GLU HB3  H  N N 169 
GLU HG2  H  N N 170 
GLU HG3  H  N N 171 
GLU HE2  H  N N 172 
GLU HXT  H  N N 173 
GLY N    N  N N 174 
GLY CA   C  N N 175 
GLY C    C  N N 176 
GLY O    O  N N 177 
GLY OXT  O  N N 178 
GLY H    H  N N 179 
GLY H2   H  N N 180 
GLY HA2  H  N N 181 
GLY HA3  H  N N 182 
GLY HXT  H  N N 183 
GOL C1   C  N N 184 
GOL O1   O  N N 185 
GOL C2   C  N N 186 
GOL O2   O  N N 187 
GOL C3   C  N N 188 
GOL O3   O  N N 189 
GOL H11  H  N N 190 
GOL H12  H  N N 191 
GOL HO1  H  N N 192 
GOL H2   H  N N 193 
GOL HO2  H  N N 194 
GOL H31  H  N N 195 
GOL H32  H  N N 196 
GOL HO3  H  N N 197 
HIS N    N  N N 198 
HIS CA   C  N S 199 
HIS C    C  N N 200 
HIS O    O  N N 201 
HIS CB   C  N N 202 
HIS CG   C  Y N 203 
HIS ND1  N  Y N 204 
HIS CD2  C  Y N 205 
HIS CE1  C  Y N 206 
HIS NE2  N  Y N 207 
HIS OXT  O  N N 208 
HIS H    H  N N 209 
HIS H2   H  N N 210 
HIS HA   H  N N 211 
HIS HB2  H  N N 212 
HIS HB3  H  N N 213 
HIS HD1  H  N N 214 
HIS HD2  H  N N 215 
HIS HE1  H  N N 216 
HIS HE2  H  N N 217 
HIS HXT  H  N N 218 
HOH O    O  N N 219 
HOH H1   H  N N 220 
HOH H2   H  N N 221 
ILE N    N  N N 222 
ILE CA   C  N S 223 
ILE C    C  N N 224 
ILE O    O  N N 225 
ILE CB   C  N S 226 
ILE CG1  C  N N 227 
ILE CG2  C  N N 228 
ILE CD1  C  N N 229 
ILE OXT  O  N N 230 
ILE H    H  N N 231 
ILE H2   H  N N 232 
ILE HA   H  N N 233 
ILE HB   H  N N 234 
ILE HG12 H  N N 235 
ILE HG13 H  N N 236 
ILE HG21 H  N N 237 
ILE HG22 H  N N 238 
ILE HG23 H  N N 239 
ILE HD11 H  N N 240 
ILE HD12 H  N N 241 
ILE HD13 H  N N 242 
ILE HXT  H  N N 243 
LEU N    N  N N 244 
LEU CA   C  N S 245 
LEU C    C  N N 246 
LEU O    O  N N 247 
LEU CB   C  N N 248 
LEU CG   C  N N 249 
LEU CD1  C  N N 250 
LEU CD2  C  N N 251 
LEU OXT  O  N N 252 
LEU H    H  N N 253 
LEU H2   H  N N 254 
LEU HA   H  N N 255 
LEU HB2  H  N N 256 
LEU HB3  H  N N 257 
LEU HG   H  N N 258 
LEU HD11 H  N N 259 
LEU HD12 H  N N 260 
LEU HD13 H  N N 261 
LEU HD21 H  N N 262 
LEU HD22 H  N N 263 
LEU HD23 H  N N 264 
LEU HXT  H  N N 265 
LYS N    N  N N 266 
LYS CA   C  N S 267 
LYS C    C  N N 268 
LYS O    O  N N 269 
LYS CB   C  N N 270 
LYS CG   C  N N 271 
LYS CD   C  N N 272 
LYS CE   C  N N 273 
LYS NZ   N  N N 274 
LYS OXT  O  N N 275 
LYS H    H  N N 276 
LYS H2   H  N N 277 
LYS HA   H  N N 278 
LYS HB2  H  N N 279 
LYS HB3  H  N N 280 
LYS HG2  H  N N 281 
LYS HG3  H  N N 282 
LYS HD2  H  N N 283 
LYS HD3  H  N N 284 
LYS HE2  H  N N 285 
LYS HE3  H  N N 286 
LYS HZ1  H  N N 287 
LYS HZ2  H  N N 288 
LYS HZ3  H  N N 289 
LYS HXT  H  N N 290 
MET N    N  N N 291 
MET CA   C  N S 292 
MET C    C  N N 293 
MET O    O  N N 294 
MET CB   C  N N 295 
MET CG   C  N N 296 
MET SD   S  N N 297 
MET CE   C  N N 298 
MET OXT  O  N N 299 
MET H    H  N N 300 
MET H2   H  N N 301 
MET HA   H  N N 302 
MET HB2  H  N N 303 
MET HB3  H  N N 304 
MET HG2  H  N N 305 
MET HG3  H  N N 306 
MET HE1  H  N N 307 
MET HE2  H  N N 308 
MET HE3  H  N N 309 
MET HXT  H  N N 310 
NA  NA   NA N N 311 
NO3 N    N  N N 312 
NO3 O1   O  N N 313 
NO3 O2   O  N N 314 
NO3 O3   O  N N 315 
PHE N    N  N N 316 
PHE CA   C  N S 317 
PHE C    C  N N 318 
PHE O    O  N N 319 
PHE CB   C  N N 320 
PHE CG   C  Y N 321 
PHE CD1  C  Y N 322 
PHE CD2  C  Y N 323 
PHE CE1  C  Y N 324 
PHE CE2  C  Y N 325 
PHE CZ   C  Y N 326 
PHE OXT  O  N N 327 
PHE H    H  N N 328 
PHE H2   H  N N 329 
PHE HA   H  N N 330 
PHE HB2  H  N N 331 
PHE HB3  H  N N 332 
PHE HD1  H  N N 333 
PHE HD2  H  N N 334 
PHE HE1  H  N N 335 
PHE HE2  H  N N 336 
PHE HZ   H  N N 337 
PHE HXT  H  N N 338 
PRO N    N  N N 339 
PRO CA   C  N S 340 
PRO C    C  N N 341 
PRO O    O  N N 342 
PRO CB   C  N N 343 
PRO CG   C  N N 344 
PRO CD   C  N N 345 
PRO OXT  O  N N 346 
PRO H    H  N N 347 
PRO HA   H  N N 348 
PRO HB2  H  N N 349 
PRO HB3  H  N N 350 
PRO HG2  H  N N 351 
PRO HG3  H  N N 352 
PRO HD2  H  N N 353 
PRO HD3  H  N N 354 
PRO HXT  H  N N 355 
SER N    N  N N 356 
SER CA   C  N S 357 
SER C    C  N N 358 
SER O    O  N N 359 
SER CB   C  N N 360 
SER OG   O  N N 361 
SER OXT  O  N N 362 
SER H    H  N N 363 
SER H2   H  N N 364 
SER HA   H  N N 365 
SER HB2  H  N N 366 
SER HB3  H  N N 367 
SER HG   H  N N 368 
SER HXT  H  N N 369 
THR N    N  N N 370 
THR CA   C  N S 371 
THR C    C  N N 372 
THR O    O  N N 373 
THR CB   C  N R 374 
THR OG1  O  N N 375 
THR CG2  C  N N 376 
THR OXT  O  N N 377 
THR H    H  N N 378 
THR H2   H  N N 379 
THR HA   H  N N 380 
THR HB   H  N N 381 
THR HG1  H  N N 382 
THR HG21 H  N N 383 
THR HG22 H  N N 384 
THR HG23 H  N N 385 
THR HXT  H  N N 386 
TRP N    N  N N 387 
TRP CA   C  N S 388 
TRP C    C  N N 389 
TRP O    O  N N 390 
TRP CB   C  N N 391 
TRP CG   C  Y N 392 
TRP CD1  C  Y N 393 
TRP CD2  C  Y N 394 
TRP NE1  N  Y N 395 
TRP CE2  C  Y N 396 
TRP CE3  C  Y N 397 
TRP CZ2  C  Y N 398 
TRP CZ3  C  Y N 399 
TRP CH2  C  Y N 400 
TRP OXT  O  N N 401 
TRP H    H  N N 402 
TRP H2   H  N N 403 
TRP HA   H  N N 404 
TRP HB2  H  N N 405 
TRP HB3  H  N N 406 
TRP HD1  H  N N 407 
TRP HE1  H  N N 408 
TRP HE3  H  N N 409 
TRP HZ2  H  N N 410 
TRP HZ3  H  N N 411 
TRP HH2  H  N N 412 
TRP HXT  H  N N 413 
TYR N    N  N N 414 
TYR CA   C  N S 415 
TYR C    C  N N 416 
TYR O    O  N N 417 
TYR CB   C  N N 418 
TYR CG   C  Y N 419 
TYR CD1  C  Y N 420 
TYR CD2  C  Y N 421 
TYR CE1  C  Y N 422 
TYR CE2  C  Y N 423 
TYR CZ   C  Y N 424 
TYR OH   O  N N 425 
TYR OXT  O  N N 426 
TYR H    H  N N 427 
TYR H2   H  N N 428 
TYR HA   H  N N 429 
TYR HB2  H  N N 430 
TYR HB3  H  N N 431 
TYR HD1  H  N N 432 
TYR HD2  H  N N 433 
TYR HE1  H  N N 434 
TYR HE2  H  N N 435 
TYR HH   H  N N 436 
TYR HXT  H  N N 437 
VAL N    N  N N 438 
VAL CA   C  N S 439 
VAL C    C  N N 440 
VAL O    O  N N 441 
VAL CB   C  N N 442 
VAL CG1  C  N N 443 
VAL CG2  C  N N 444 
VAL OXT  O  N N 445 
VAL H    H  N N 446 
VAL H2   H  N N 447 
VAL HA   H  N N 448 
VAL HB   H  N N 449 
VAL HG11 H  N N 450 
VAL HG12 H  N N 451 
VAL HG13 H  N N 452 
VAL HG21 H  N N 453 
VAL HG22 H  N N 454 
VAL HG23 H  N N 455 
VAL HXT  H  N N 456 
# 
loop_
_chem_comp_bond.comp_id 
_chem_comp_bond.atom_id_1 
_chem_comp_bond.atom_id_2 
_chem_comp_bond.value_order 
_chem_comp_bond.pdbx_aromatic_flag 
_chem_comp_bond.pdbx_stereo_config 
_chem_comp_bond.pdbx_ordinal 
8PU CAS  CAR  doub Y N 1   
8PU CAS  CAT  sing Y N 2   
8PU CAR  CAQ  sing Y N 3   
8PU CAW  OAV  sing N N 4   
8PU BRAX CAT  sing N N 5   
8PU CAT  CAU  doub Y N 6   
8PU CAQ  OAV  sing N N 7   
8PU CAQ  CAP  doub Y N 8   
8PU CAU  CAP  sing Y N 9   
8PU OAI  CAD  sing N N 10  
8PU CAP  SAM  sing N N 11  
8PU CAE  CAD  sing Y N 12  
8PU CAE  CAF  doub Y N 13  
8PU CAD  CAC  doub Y N 14  
8PU CAF  OAG  sing Y N 15  
8PU CAF  CAA  sing Y N 16  
8PU OAG  NAL  sing Y N 17  
8PU SAM  OAO  doub N N 18  
8PU SAM  NAH  sing N N 19  
8PU SAM  OAN  doub N N 20  
8PU CAC  NAH  sing N N 21  
8PU CAC  CAB  sing Y N 22  
8PU CAA  CAB  doub Y N 23  
8PU CAA  CAJ  sing Y N 24  
8PU NAL  CAJ  doub Y N 25  
8PU CAJ  CAK  sing N N 26  
8PU CAW  H1   sing N N 27  
8PU CAW  H2   sing N N 28  
8PU CAW  H3   sing N N 29  
8PU CAR  H4   sing N N 30  
8PU CAS  H5   sing N N 31  
8PU CAU  H6   sing N N 32  
8PU NAH  H7   sing N N 33  
8PU CAB  H8   sing N N 34  
8PU CAK  H9   sing N N 35  
8PU CAK  H10  sing N N 36  
8PU CAK  H11  sing N N 37  
8PU CAE  H12  sing N N 38  
8PU OAI  H13  sing N N 39  
ALA N    CA   sing N N 40  
ALA N    H    sing N N 41  
ALA N    H2   sing N N 42  
ALA CA   C    sing N N 43  
ALA CA   CB   sing N N 44  
ALA CA   HA   sing N N 45  
ALA C    O    doub N N 46  
ALA C    OXT  sing N N 47  
ALA CB   HB1  sing N N 48  
ALA CB   HB2  sing N N 49  
ALA CB   HB3  sing N N 50  
ALA OXT  HXT  sing N N 51  
ARG N    CA   sing N N 52  
ARG N    H    sing N N 53  
ARG N    H2   sing N N 54  
ARG CA   C    sing N N 55  
ARG CA   CB   sing N N 56  
ARG CA   HA   sing N N 57  
ARG C    O    doub N N 58  
ARG C    OXT  sing N N 59  
ARG CB   CG   sing N N 60  
ARG CB   HB2  sing N N 61  
ARG CB   HB3  sing N N 62  
ARG CG   CD   sing N N 63  
ARG CG   HG2  sing N N 64  
ARG CG   HG3  sing N N 65  
ARG CD   NE   sing N N 66  
ARG CD   HD2  sing N N 67  
ARG CD   HD3  sing N N 68  
ARG NE   CZ   sing N N 69  
ARG NE   HE   sing N N 70  
ARG CZ   NH1  sing N N 71  
ARG CZ   NH2  doub N N 72  
ARG NH1  HH11 sing N N 73  
ARG NH1  HH12 sing N N 74  
ARG NH2  HH21 sing N N 75  
ARG NH2  HH22 sing N N 76  
ARG OXT  HXT  sing N N 77  
ASN N    CA   sing N N 78  
ASN N    H    sing N N 79  
ASN N    H2   sing N N 80  
ASN CA   C    sing N N 81  
ASN CA   CB   sing N N 82  
ASN CA   HA   sing N N 83  
ASN C    O    doub N N 84  
ASN C    OXT  sing N N 85  
ASN CB   CG   sing N N 86  
ASN CB   HB2  sing N N 87  
ASN CB   HB3  sing N N 88  
ASN CG   OD1  doub N N 89  
ASN CG   ND2  sing N N 90  
ASN ND2  HD21 sing N N 91  
ASN ND2  HD22 sing N N 92  
ASN OXT  HXT  sing N N 93  
ASP N    CA   sing N N 94  
ASP N    H    sing N N 95  
ASP N    H2   sing N N 96  
ASP CA   C    sing N N 97  
ASP CA   CB   sing N N 98  
ASP CA   HA   sing N N 99  
ASP C    O    doub N N 100 
ASP C    OXT  sing N N 101 
ASP CB   CG   sing N N 102 
ASP CB   HB2  sing N N 103 
ASP CB   HB3  sing N N 104 
ASP CG   OD1  doub N N 105 
ASP CG   OD2  sing N N 106 
ASP OD2  HD2  sing N N 107 
ASP OXT  HXT  sing N N 108 
CYS N    CA   sing N N 109 
CYS N    H    sing N N 110 
CYS N    H2   sing N N 111 
CYS CA   C    sing N N 112 
CYS CA   CB   sing N N 113 
CYS CA   HA   sing N N 114 
CYS C    O    doub N N 115 
CYS C    OXT  sing N N 116 
CYS CB   SG   sing N N 117 
CYS CB   HB2  sing N N 118 
CYS CB   HB3  sing N N 119 
CYS SG   HG   sing N N 120 
CYS OXT  HXT  sing N N 121 
EDO C1   O1   sing N N 122 
EDO C1   C2   sing N N 123 
EDO C1   H11  sing N N 124 
EDO C1   H12  sing N N 125 
EDO O1   HO1  sing N N 126 
EDO C2   O2   sing N N 127 
EDO C2   H21  sing N N 128 
EDO C2   H22  sing N N 129 
EDO O2   HO2  sing N N 130 
GLN N    CA   sing N N 131 
GLN N    H    sing N N 132 
GLN N    H2   sing N N 133 
GLN CA   C    sing N N 134 
GLN CA   CB   sing N N 135 
GLN CA   HA   sing N N 136 
GLN C    O    doub N N 137 
GLN C    OXT  sing N N 138 
GLN CB   CG   sing N N 139 
GLN CB   HB2  sing N N 140 
GLN CB   HB3  sing N N 141 
GLN CG   CD   sing N N 142 
GLN CG   HG2  sing N N 143 
GLN CG   HG3  sing N N 144 
GLN CD   OE1  doub N N 145 
GLN CD   NE2  sing N N 146 
GLN NE2  HE21 sing N N 147 
GLN NE2  HE22 sing N N 148 
GLN OXT  HXT  sing N N 149 
GLU N    CA   sing N N 150 
GLU N    H    sing N N 151 
GLU N    H2   sing N N 152 
GLU CA   C    sing N N 153 
GLU CA   CB   sing N N 154 
GLU CA   HA   sing N N 155 
GLU C    O    doub N N 156 
GLU C    OXT  sing N N 157 
GLU CB   CG   sing N N 158 
GLU CB   HB2  sing N N 159 
GLU CB   HB3  sing N N 160 
GLU CG   CD   sing N N 161 
GLU CG   HG2  sing N N 162 
GLU CG   HG3  sing N N 163 
GLU CD   OE1  doub N N 164 
GLU CD   OE2  sing N N 165 
GLU OE2  HE2  sing N N 166 
GLU OXT  HXT  sing N N 167 
GLY N    CA   sing N N 168 
GLY N    H    sing N N 169 
GLY N    H2   sing N N 170 
GLY CA   C    sing N N 171 
GLY CA   HA2  sing N N 172 
GLY CA   HA3  sing N N 173 
GLY C    O    doub N N 174 
GLY C    OXT  sing N N 175 
GLY OXT  HXT  sing N N 176 
GOL C1   O1   sing N N 177 
GOL C1   C2   sing N N 178 
GOL C1   H11  sing N N 179 
GOL C1   H12  sing N N 180 
GOL O1   HO1  sing N N 181 
GOL C2   O2   sing N N 182 
GOL C2   C3   sing N N 183 
GOL C2   H2   sing N N 184 
GOL O2   HO2  sing N N 185 
GOL C3   O3   sing N N 186 
GOL C3   H31  sing N N 187 
GOL C3   H32  sing N N 188 
GOL O3   HO3  sing N N 189 
HIS N    CA   sing N N 190 
HIS N    H    sing N N 191 
HIS N    H2   sing N N 192 
HIS CA   C    sing N N 193 
HIS CA   CB   sing N N 194 
HIS CA   HA   sing N N 195 
HIS C    O    doub N N 196 
HIS C    OXT  sing N N 197 
HIS CB   CG   sing N N 198 
HIS CB   HB2  sing N N 199 
HIS CB   HB3  sing N N 200 
HIS CG   ND1  sing Y N 201 
HIS CG   CD2  doub Y N 202 
HIS ND1  CE1  doub Y N 203 
HIS ND1  HD1  sing N N 204 
HIS CD2  NE2  sing Y N 205 
HIS CD2  HD2  sing N N 206 
HIS CE1  NE2  sing Y N 207 
HIS CE1  HE1  sing N N 208 
HIS NE2  HE2  sing N N 209 
HIS OXT  HXT  sing N N 210 
HOH O    H1   sing N N 211 
HOH O    H2   sing N N 212 
ILE N    CA   sing N N 213 
ILE N    H    sing N N 214 
ILE N    H2   sing N N 215 
ILE CA   C    sing N N 216 
ILE CA   CB   sing N N 217 
ILE CA   HA   sing N N 218 
ILE C    O    doub N N 219 
ILE C    OXT  sing N N 220 
ILE CB   CG1  sing N N 221 
ILE CB   CG2  sing N N 222 
ILE CB   HB   sing N N 223 
ILE CG1  CD1  sing N N 224 
ILE CG1  HG12 sing N N 225 
ILE CG1  HG13 sing N N 226 
ILE CG2  HG21 sing N N 227 
ILE CG2  HG22 sing N N 228 
ILE CG2  HG23 sing N N 229 
ILE CD1  HD11 sing N N 230 
ILE CD1  HD12 sing N N 231 
ILE CD1  HD13 sing N N 232 
ILE OXT  HXT  sing N N 233 
LEU N    CA   sing N N 234 
LEU N    H    sing N N 235 
LEU N    H2   sing N N 236 
LEU CA   C    sing N N 237 
LEU CA   CB   sing N N 238 
LEU CA   HA   sing N N 239 
LEU C    O    doub N N 240 
LEU C    OXT  sing N N 241 
LEU CB   CG   sing N N 242 
LEU CB   HB2  sing N N 243 
LEU CB   HB3  sing N N 244 
LEU CG   CD1  sing N N 245 
LEU CG   CD2  sing N N 246 
LEU CG   HG   sing N N 247 
LEU CD1  HD11 sing N N 248 
LEU CD1  HD12 sing N N 249 
LEU CD1  HD13 sing N N 250 
LEU CD2  HD21 sing N N 251 
LEU CD2  HD22 sing N N 252 
LEU CD2  HD23 sing N N 253 
LEU OXT  HXT  sing N N 254 
LYS N    CA   sing N N 255 
LYS N    H    sing N N 256 
LYS N    H2   sing N N 257 
LYS CA   C    sing N N 258 
LYS CA   CB   sing N N 259 
LYS CA   HA   sing N N 260 
LYS C    O    doub N N 261 
LYS C    OXT  sing N N 262 
LYS CB   CG   sing N N 263 
LYS CB   HB2  sing N N 264 
LYS CB   HB3  sing N N 265 
LYS CG   CD   sing N N 266 
LYS CG   HG2  sing N N 267 
LYS CG   HG3  sing N N 268 
LYS CD   CE   sing N N 269 
LYS CD   HD2  sing N N 270 
LYS CD   HD3  sing N N 271 
LYS CE   NZ   sing N N 272 
LYS CE   HE2  sing N N 273 
LYS CE   HE3  sing N N 274 
LYS NZ   HZ1  sing N N 275 
LYS NZ   HZ2  sing N N 276 
LYS NZ   HZ3  sing N N 277 
LYS OXT  HXT  sing N N 278 
MET N    CA   sing N N 279 
MET N    H    sing N N 280 
MET N    H2   sing N N 281 
MET CA   C    sing N N 282 
MET CA   CB   sing N N 283 
MET CA   HA   sing N N 284 
MET C    O    doub N N 285 
MET C    OXT  sing N N 286 
MET CB   CG   sing N N 287 
MET CB   HB2  sing N N 288 
MET CB   HB3  sing N N 289 
MET CG   SD   sing N N 290 
MET CG   HG2  sing N N 291 
MET CG   HG3  sing N N 292 
MET SD   CE   sing N N 293 
MET CE   HE1  sing N N 294 
MET CE   HE2  sing N N 295 
MET CE   HE3  sing N N 296 
MET OXT  HXT  sing N N 297 
NO3 N    O1   doub N N 298 
NO3 N    O2   sing N N 299 
NO3 N    O3   sing N N 300 
PHE N    CA   sing N N 301 
PHE N    H    sing N N 302 
PHE N    H2   sing N N 303 
PHE CA   C    sing N N 304 
PHE CA   CB   sing N N 305 
PHE CA   HA   sing N N 306 
PHE C    O    doub N N 307 
PHE C    OXT  sing N N 308 
PHE CB   CG   sing N N 309 
PHE CB   HB2  sing N N 310 
PHE CB   HB3  sing N N 311 
PHE CG   CD1  doub Y N 312 
PHE CG   CD2  sing Y N 313 
PHE CD1  CE1  sing Y N 314 
PHE CD1  HD1  sing N N 315 
PHE CD2  CE2  doub Y N 316 
PHE CD2  HD2  sing N N 317 
PHE CE1  CZ   doub Y N 318 
PHE CE1  HE1  sing N N 319 
PHE CE2  CZ   sing Y N 320 
PHE CE2  HE2  sing N N 321 
PHE CZ   HZ   sing N N 322 
PHE OXT  HXT  sing N N 323 
PRO N    CA   sing N N 324 
PRO N    CD   sing N N 325 
PRO N    H    sing N N 326 
PRO CA   C    sing N N 327 
PRO CA   CB   sing N N 328 
PRO CA   HA   sing N N 329 
PRO C    O    doub N N 330 
PRO C    OXT  sing N N 331 
PRO CB   CG   sing N N 332 
PRO CB   HB2  sing N N 333 
PRO CB   HB3  sing N N 334 
PRO CG   CD   sing N N 335 
PRO CG   HG2  sing N N 336 
PRO CG   HG3  sing N N 337 
PRO CD   HD2  sing N N 338 
PRO CD   HD3  sing N N 339 
PRO OXT  HXT  sing N N 340 
SER N    CA   sing N N 341 
SER N    H    sing N N 342 
SER N    H2   sing N N 343 
SER CA   C    sing N N 344 
SER CA   CB   sing N N 345 
SER CA   HA   sing N N 346 
SER C    O    doub N N 347 
SER C    OXT  sing N N 348 
SER CB   OG   sing N N 349 
SER CB   HB2  sing N N 350 
SER CB   HB3  sing N N 351 
SER OG   HG   sing N N 352 
SER OXT  HXT  sing N N 353 
THR N    CA   sing N N 354 
THR N    H    sing N N 355 
THR N    H2   sing N N 356 
THR CA   C    sing N N 357 
THR CA   CB   sing N N 358 
THR CA   HA   sing N N 359 
THR C    O    doub N N 360 
THR C    OXT  sing N N 361 
THR CB   OG1  sing N N 362 
THR CB   CG2  sing N N 363 
THR CB   HB   sing N N 364 
THR OG1  HG1  sing N N 365 
THR CG2  HG21 sing N N 366 
THR CG2  HG22 sing N N 367 
THR CG2  HG23 sing N N 368 
THR OXT  HXT  sing N N 369 
TRP N    CA   sing N N 370 
TRP N    H    sing N N 371 
TRP N    H2   sing N N 372 
TRP CA   C    sing N N 373 
TRP CA   CB   sing N N 374 
TRP CA   HA   sing N N 375 
TRP C    O    doub N N 376 
TRP C    OXT  sing N N 377 
TRP CB   CG   sing N N 378 
TRP CB   HB2  sing N N 379 
TRP CB   HB3  sing N N 380 
TRP CG   CD1  doub Y N 381 
TRP CG   CD2  sing Y N 382 
TRP CD1  NE1  sing Y N 383 
TRP CD1  HD1  sing N N 384 
TRP CD2  CE2  doub Y N 385 
TRP CD2  CE3  sing Y N 386 
TRP NE1  CE2  sing Y N 387 
TRP NE1  HE1  sing N N 388 
TRP CE2  CZ2  sing Y N 389 
TRP CE3  CZ3  doub Y N 390 
TRP CE3  HE3  sing N N 391 
TRP CZ2  CH2  doub Y N 392 
TRP CZ2  HZ2  sing N N 393 
TRP CZ3  CH2  sing Y N 394 
TRP CZ3  HZ3  sing N N 395 
TRP CH2  HH2  sing N N 396 
TRP OXT  HXT  sing N N 397 
TYR N    CA   sing N N 398 
TYR N    H    sing N N 399 
TYR N    H2   sing N N 400 
TYR CA   C    sing N N 401 
TYR CA   CB   sing N N 402 
TYR CA   HA   sing N N 403 
TYR C    O    doub N N 404 
TYR C    OXT  sing N N 405 
TYR CB   CG   sing N N 406 
TYR CB   HB2  sing N N 407 
TYR CB   HB3  sing N N 408 
TYR CG   CD1  doub Y N 409 
TYR CG   CD2  sing Y N 410 
TYR CD1  CE1  sing Y N 411 
TYR CD1  HD1  sing N N 412 
TYR CD2  CE2  doub Y N 413 
TYR CD2  HD2  sing N N 414 
TYR CE1  CZ   doub Y N 415 
TYR CE1  HE1  sing N N 416 
TYR CE2  CZ   sing Y N 417 
TYR CE2  HE2  sing N N 418 
TYR CZ   OH   sing N N 419 
TYR OH   HH   sing N N 420 
TYR OXT  HXT  sing N N 421 
VAL N    CA   sing N N 422 
VAL N    H    sing N N 423 
VAL N    H2   sing N N 424 
VAL CA   C    sing N N 425 
VAL CA   CB   sing N N 426 
VAL CA   HA   sing N N 427 
VAL C    O    doub N N 428 
VAL C    OXT  sing N N 429 
VAL CB   CG1  sing N N 430 
VAL CB   CG2  sing N N 431 
VAL CB   HB   sing N N 432 
VAL CG1  HG11 sing N N 433 
VAL CG1  HG12 sing N N 434 
VAL CG1  HG13 sing N N 435 
VAL CG2  HG21 sing N N 436 
VAL CG2  HG22 sing N N 437 
VAL CG2  HG23 sing N N 438 
VAL OXT  HXT  sing N N 439 
# 
_pdbx_entity_instance_feature.ordinal        1 
_pdbx_entity_instance_feature.comp_id        8PU 
_pdbx_entity_instance_feature.asym_id        ? 
_pdbx_entity_instance_feature.seq_num        ? 
_pdbx_entity_instance_feature.auth_comp_id   8PU 
_pdbx_entity_instance_feature.auth_asym_id   ? 
_pdbx_entity_instance_feature.auth_seq_num   ? 
_pdbx_entity_instance_feature.feature_type   'SUBJECT OF INVESTIGATION' 
_pdbx_entity_instance_feature.details        ? 
# 
_atom_sites.entry_id                    5Y8W 
_atom_sites.fract_transf_matrix[1][1]   -0.00987114 
_atom_sites.fract_transf_matrix[1][2]   -0.00543704 
_atom_sites.fract_transf_matrix[1][3]   0.02305398 
_atom_sites.fract_transf_matrix[2][1]   0.01646437 
_atom_sites.fract_transf_matrix[2][2]   0.00873848 
_atom_sites.fract_transf_matrix[2][3]   0.00911051 
_atom_sites.fract_transf_matrix[3][1]   -0.00606889 
_atom_sites.fract_transf_matrix[3][2]   0.01135238 
_atom_sites.fract_transf_matrix[3][3]   0.00007879 
_atom_sites.fract_transf_vector[1]      -0.268044 
_atom_sites.fract_transf_vector[2]      -0.014448 
_atom_sites.fract_transf_vector[3]      0.130576 
# 
loop_
_atom_type.symbol 
BR 
C  
N  
NA 
O  
S  
# 
loop_
_atom_site.group_PDB 
_atom_site.id 
_atom_site.type_symbol 
_atom_site.label_atom_id 
_atom_site.label_alt_id 
_atom_site.label_comp_id 
_atom_site.label_asym_id 
_atom_site.label_entity_id 
_atom_site.label_seq_id 
_atom_site.pdbx_PDB_ins_code 
_atom_site.Cartn_x 
_atom_site.Cartn_y 
_atom_site.Cartn_z 
_atom_site.occupancy 
_atom_site.B_iso_or_equiv 
_atom_site.pdbx_formal_charge 
_atom_site.auth_seq_id 
_atom_site.auth_comp_id 
_atom_site.auth_asym_id 
_atom_site.auth_atom_id 
_atom_site.pdbx_PDB_model_num 
ATOM   1    N  N    . GLY A 1 15  ? 20.788  10.832  7.235   1.00 45.67 ? 42  GLY A N    1 
ATOM   2    C  CA   . GLY A 1 15  ? 19.620  10.225  6.548   1.00 40.90 ? 42  GLY A CA   1 
ATOM   3    C  C    . GLY A 1 15  ? 18.317  10.750  7.111   1.00 40.49 ? 42  GLY A C    1 
ATOM   4    O  O    . GLY A 1 15  ? 18.025  10.562  8.275   1.00 46.22 ? 42  GLY A O    1 
ATOM   5    N  N    . SER A 1 16  ? 17.579  11.486  6.305   1.00 37.38 ? 43  SER A N    1 
ATOM   6    C  CA   . SER A 1 16  ? 16.247  11.925  6.631   1.00 30.99 ? 43  SER A CA   1 
ATOM   7    C  C    . SER A 1 16  ? 15.225  11.076  5.810   1.00 28.48 ? 43  SER A C    1 
ATOM   8    O  O    . SER A 1 16  ? 15.546  10.387  4.832   1.00 24.98 ? 43  SER A O    1 
ATOM   9    C  CB   . SER A 1 16  ? 16.082  13.385  6.290   1.00 32.74 ? 43  SER A CB   1 
ATOM   10   O  OG   . SER A 1 16  ? 16.651  13.620  4.960   1.00 39.76 ? 43  SER A OG   1 
ATOM   11   N  N    . ASN A 1 17  ? 13.981  11.169  6.218   1.00 24.37 ? 44  ASN A N    1 
ATOM   12   C  CA   . ASN A 1 17  ? 12.876  10.541  5.475   1.00 24.77 ? 44  ASN A CA   1 
ATOM   13   C  C    . ASN A 1 17  ? 12.374  11.471  4.407   1.00 25.95 ? 44  ASN A C    1 
ATOM   14   O  O    . ASN A 1 17  ? 12.386  12.677  4.617   1.00 25.32 ? 44  ASN A O    1 
ATOM   15   C  CB   . ASN A 1 17  ? 11.753  10.201  6.451   1.00 23.22 ? 44  ASN A CB   1 
ATOM   16   C  CG   . ASN A 1 17  ? 12.073  9.002   7.270   1.00 24.12 ? 44  ASN A CG   1 
ATOM   17   O  OD1  . ASN A 1 17  ? 12.516  7.994   6.744   1.00 24.44 ? 44  ASN A OD1  1 
ATOM   18   N  ND2  . ASN A 1 17  ? 11.821  9.073   8.553   1.00 27.04 ? 44  ASN A ND2  1 
ATOM   19   N  N    . PRO A 1 18  ? 11.925  10.938  3.239   1.00 24.79 ? 45  PRO A N    1 
ATOM   20   C  CA   . PRO A 1 18  ? 11.284  11.839  2.286   1.00 23.21 ? 45  PRO A CA   1 
ATOM   21   C  C    . PRO A 1 18  ? 9.885   12.205  2.835   1.00 23.75 ? 45  PRO A C    1 
ATOM   22   O  O    . PRO A 1 18  ? 9.362   11.496  3.707   1.00 22.14 ? 45  PRO A O    1 
ATOM   23   C  CB   . PRO A 1 18  ? 11.137  10.991  1.039   1.00 23.49 ? 45  PRO A CB   1 
ATOM   24   C  CG   . PRO A 1 18  ? 10.944  9.593   1.578   1.00 24.89 ? 45  PRO A CG   1 
ATOM   25   C  CD   . PRO A 1 18  ? 11.725  9.517   2.872   1.00 23.45 ? 45  PRO A CD   1 
ATOM   26   N  N    . PRO A 1 19  ? 9.297   13.264  2.293   1.00 24.66 ? 46  PRO A N    1 
ATOM   27   C  CA   . PRO A 1 19  ? 7.901   13.534  2.523   1.00 24.53 ? 46  PRO A CA   1 
ATOM   28   C  C    . PRO A 1 19  ? 7.082   12.313  2.042   1.00 25.65 ? 46  PRO A C    1 
ATOM   29   O  O    . PRO A 1 19  ? 7.369   11.706  0.945   1.00 23.43 ? 46  PRO A O    1 
ATOM   30   C  CB   . PRO A 1 19  ? 7.565   14.725  1.607   1.00 24.93 ? 46  PRO A CB   1 
ATOM   31   C  CG   . PRO A 1 19  ? 8.730   14.933  0.709   1.00 27.19 ? 46  PRO A CG   1 
ATOM   32   C  CD   . PRO A 1 19  ? 9.884   14.110  1.220   1.00 24.51 ? 46  PRO A CD   1 
ATOM   33   N  N    . PRO A 1 20  ? 6.086   11.950  2.843   1.00 22.65 ? 47  PRO A N    1 
ATOM   34   C  CA   . PRO A 1 20  ? 5.260   10.833  2.454   1.00 24.05 ? 47  PRO A CA   1 
ATOM   35   C  C    . PRO A 1 20  ? 4.440   11.095  1.145   1.00 24.53 ? 47  PRO A C    1 
ATOM   36   O  O    . PRO A 1 20  ? 4.258   12.236  0.715   1.00 23.12 ? 47  PRO A O    1 
ATOM   37   C  CB   . PRO A 1 20  ? 4.322   10.655  3.654   1.00 23.78 ? 47  PRO A CB   1 
ATOM   38   C  CG   . PRO A 1 20  ? 4.250   11.986  4.281   1.00 25.95 ? 47  PRO A CG   1 
ATOM   39   C  CD   . PRO A 1 20  ? 5.571   12.686  4.009   1.00 24.57 ? 47  PRO A CD   1 
ATOM   40   N  N    . PRO A 1 21  ? 3.922   10.041  0.524   1.00 23.73 ? 48  PRO A N    1 
ATOM   41   C  CA   . PRO A 1 21  ? 3.070   10.253  -0.649  1.00 21.52 ? 48  PRO A CA   1 
ATOM   42   C  C    . PRO A 1 21  ? 1.810   11.063  -0.271  1.00 22.20 ? 48  PRO A C    1 
ATOM   43   O  O    . PRO A 1 21  ? 1.255   10.895  0.840   1.00 21.25 ? 48  PRO A O    1 
ATOM   44   C  CB   . PRO A 1 21  ? 2.684   8.818   -1.046  1.00 20.22 ? 48  PRO A CB   1 
ATOM   45   C  CG   . PRO A 1 21  ? 3.726   7.956   -0.387  1.00 22.46 ? 48  PRO A CG   1 
ATOM   46   C  CD   . PRO A 1 21  ? 3.959   8.622   0.918   1.00 24.57 ? 48  PRO A CD   1 
ATOM   47   N  N    . GLU A 1 22  ? 1.337   11.856  -1.220  1.00 21.66 ? 49  GLU A N    1 
ATOM   48   C  CA   . GLU A 1 22  ? 0.175   12.699  -1.061  1.00 22.01 ? 49  GLU A CA   1 
ATOM   49   C  C    . GLU A 1 22  ? -1.075  11.822  -0.865  1.00 21.29 ? 49  GLU A C    1 
ATOM   50   O  O    . GLU A 1 22  ? -1.168  10.682  -1.366  1.00 19.58 ? 49  GLU A O    1 
ATOM   51   C  CB   . GLU A 1 22  ? 0.043   13.657  -2.286  1.00 24.41 ? 49  GLU A CB   1 
ATOM   52   C  CG   . GLU A 1 22  ? -0.526  13.016  -3.517  1.00 25.67 ? 49  GLU A CG   1 
ATOM   53   C  CD   . GLU A 1 22  ? -0.628  13.932  -4.731  1.00 29.44 ? 49  GLU A CD   1 
ATOM   54   O  OE1  . GLU A 1 22  ? -0.052  15.014  -4.698  1.00 31.50 ? 49  GLU A OE1  1 
ATOM   55   O  OE2  . GLU A 1 22  ? -1.260  13.519  -5.731  1.00 30.68 ? 49  GLU A OE2  1 
ATOM   56   N  N    . THR A 1 23  ? -1.994  12.310  -0.048  1.00 22.42 ? 50  THR A N    1 
ATOM   57   C  CA   . THR A 1 23  ? -3.243  11.673  0.131   1.00 24.11 ? 50  THR A CA   1 
ATOM   58   C  C    . THR A 1 23  ? -4.449  12.509  -0.343  1.00 25.22 ? 50  THR A C    1 
ATOM   59   O  O    . THR A 1 23  ? -5.593  12.031  -0.270  1.00 26.00 ? 50  THR A O    1 
ATOM   60   C  CB   . THR A 1 23  ? -3.413  11.264  1.584   1.00 25.27 ? 50  THR A CB   1 
ATOM   61   O  OG1  . THR A 1 23  ? -3.396  12.428  2.390   1.00 25.09 ? 50  THR A OG1  1 
ATOM   62   C  CG2  . THR A 1 23  ? -2.271  10.264  2.018   1.00 24.20 ? 50  THR A CG2  1 
ATOM   63   N  N    . SER A 1 24  ? -4.207  13.712  -0.807  1.00 24.41 ? 51  SER A N    1 
ATOM   64   C  CA   . SER A 1 24  ? -5.221  14.477  -1.503  1.00 25.68 ? 51  SER A CA   1 
ATOM   65   C  C    . SER A 1 24  ? -4.503  15.435  -2.427  1.00 24.53 ? 51  SER A C    1 
ATOM   66   O  O    . SER A 1 24  ? -3.350  15.744  -2.231  1.00 24.88 ? 51  SER A O    1 
ATOM   67   C  CB   . SER A 1 24  ? -6.120  15.296  -0.566  1.00 26.00 ? 51  SER A CB   1 
ATOM   68   O  OG   . SER A 1 24  ? -5.311  16.216  0.098   1.00 26.71 ? 51  SER A OG   1 
ATOM   69   N  N    . ASN A 1 25  ? -5.226  15.893  -3.432  1.00 25.38 ? 52  ASN A N    1 
ATOM   70   C  CA   . ASN A 1 25  ? -4.654  16.650  -4.513  1.00 24.79 ? 52  ASN A CA   1 
ATOM   71   C  C    . ASN A 1 25  ? -5.789  17.346  -5.224  1.00 26.28 ? 52  ASN A C    1 
ATOM   72   O  O    . ASN A 1 25  ? -6.655  16.693  -5.812  1.00 26.14 ? 52  ASN A O    1 
ATOM   73   C  CB   . ASN A 1 25  ? -3.909  15.755  -5.454  1.00 26.66 ? 52  ASN A CB   1 
ATOM   74   C  CG   . ASN A 1 25  ? -3.289  16.528  -6.592  1.00 29.74 ? 52  ASN A CG   1 
ATOM   75   O  OD1  . ASN A 1 25  ? -3.745  17.634  -6.964  1.00 32.95 ? 52  ASN A OD1  1 
ATOM   76   N  ND2  . ASN A 1 25  ? -2.246  15.964  -7.158  1.00 32.71 ? 52  ASN A ND2  1 
ATOM   77   N  N    . PRO A 1 26  ? -5.871  18.676  -5.085  1.00 31.79 ? 53  PRO A N    1 
ATOM   78   C  CA   . PRO A 1 26  ? -7.085  19.394  -5.561  1.00 31.74 ? 53  PRO A CA   1 
ATOM   79   C  C    . PRO A 1 26  ? -7.417  19.118  -7.011  1.00 32.86 ? 53  PRO A C    1 
ATOM   80   O  O    . PRO A 1 26  ? -8.591  18.792  -7.327  1.00 40.65 ? 53  PRO A O    1 
ATOM   81   C  CB   . PRO A 1 26  ? -6.720  20.830  -5.379  1.00 30.62 ? 53  PRO A CB   1 
ATOM   82   C  CG   . PRO A 1 26  ? -5.740  20.806  -4.267  1.00 34.55 ? 53  PRO A CG   1 
ATOM   83   C  CD   . PRO A 1 26  ? -4.928  19.570  -4.406  1.00 30.98 ? 53  PRO A CD   1 
ATOM   84   N  N    . ASN A 1 27  ? -6.402  19.172  -7.859  1.00 30.96 ? 54  ASN A N    1 
ATOM   85   C  CA   . ASN A 1 27  ? -6.607  19.035  -9.290  1.00 34.53 ? 54  ASN A CA   1 
ATOM   86   C  C    . ASN A 1 27  ? -6.305  17.650  -9.909  1.00 36.95 ? 54  ASN A C    1 
ATOM   87   O  O    . ASN A 1 27  ? -6.120  17.549  -11.130 1.00 45.52 ? 54  ASN A O    1 
ATOM   88   C  CB   . ASN A 1 27  ? -5.764  20.082  -10.020 1.00 33.77 ? 54  ASN A CB   1 
ATOM   89   C  CG   . ASN A 1 27  ? -6.134  21.536  -9.650  1.00 33.79 ? 54  ASN A CG   1 
ATOM   90   O  OD1  . ASN A 1 27  ? -5.243  22.328  -9.395  1.00 38.75 ? 54  ASN A OD1  1 
ATOM   91   N  ND2  . ASN A 1 27  ? -7.423  21.900  -9.664  1.00 27.54 ? 54  ASN A ND2  1 
ATOM   92   N  N    . LYS A 1 28  ? -6.216  16.596  -9.092  1.00 31.58 ? 55  LYS A N    1 
ATOM   93   C  CA   . LYS A 1 28  ? -6.143  15.227  -9.613  1.00 29.50 ? 55  LYS A CA   1 
ATOM   94   C  C    . LYS A 1 28  ? -7.594  14.724  -9.686  1.00 28.95 ? 55  LYS A C    1 
ATOM   95   O  O    . LYS A 1 28  ? -8.316  14.748  -8.652  1.00 26.70 ? 55  LYS A O    1 
ATOM   96   C  CB   . LYS A 1 28  ? -5.305  14.287  -8.728  1.00 27.73 ? 55  LYS A CB   1 
ATOM   97   C  CG   . LYS A 1 28  ? -5.400  12.851  -9.236  1.00 26.62 ? 55  LYS A CG   1 
ATOM   98   C  CD   . LYS A 1 28  ? -4.698  11.802  -8.368  1.00 28.74 ? 55  LYS A CD   1 
ATOM   99   C  CE   . LYS A 1 28  ? -4.987  10.359  -8.762  1.00 25.84 ? 55  LYS A CE   1 
ATOM   100  N  NZ   . LYS A 1 28  ? -6.418  10.021  -8.929  1.00 28.05 ? 55  LYS A NZ   1 
ATOM   101  N  N    . PRO A 1 29  ? -8.033  14.310  -10.874 1.00 26.67 ? 56  PRO A N    1 
ATOM   102  C  CA   . PRO A 1 29  ? -9.416  13.817  -10.998 1.00 28.80 ? 56  PRO A CA   1 
ATOM   103  C  C    . PRO A 1 29  ? -9.681  12.679  -10.042 1.00 26.69 ? 56  PRO A C    1 
ATOM   104  O  O    . PRO A 1 29  ? -8.875  11.730  -9.959  1.00 27.65 ? 56  PRO A O    1 
ATOM   105  C  CB   . PRO A 1 29  ? -9.470  13.315  -12.440 1.00 29.45 ? 56  PRO A CB   1 
ATOM   106  C  CG   . PRO A 1 29  ? -8.536  14.196  -13.140 1.00 29.39 ? 56  PRO A CG   1 
ATOM   107  C  CD   . PRO A 1 29  ? -7.372  14.309  -12.183 1.00 30.29 ? 56  PRO A CD   1 
ATOM   108  N  N    . LYS A 1 30  ? -10.832 12.756  -9.392  1.00 27.72 ? 57  LYS A N    1 
ATOM   109  C  CA   . LYS A 1 30  ? -11.232 11.838  -8.332  1.00 29.23 ? 57  LYS A CA   1 
ATOM   110  C  C    . LYS A 1 30  ? -12.736 11.573  -8.355  1.00 26.52 ? 57  LYS A C    1 
ATOM   111  O  O    . LYS A 1 30  ? -13.518 12.415  -8.768  1.00 22.49 ? 57  LYS A O    1 
ATOM   112  C  CB   . LYS A 1 30  ? -10.845 12.465  -6.975  1.00 30.17 ? 57  LYS A CB   1 
ATOM   113  C  CG   . LYS A 1 30  ? -11.612 13.740  -6.670  1.00 30.39 ? 57  LYS A CG   1 
ATOM   114  C  CD   . LYS A 1 30  ? -11.412 14.228  -5.245  1.00 34.26 ? 57  LYS A CD   1 
ATOM   115  C  CE   . LYS A 1 30  ? -10.335 15.305  -5.159  1.00 30.98 ? 57  LYS A CE   1 
ATOM   116  N  NZ   . LYS A 1 30  ? -9.549  15.824  -6.347  1.00 27.50 ? 57  LYS A NZ   1 
ATOM   117  N  N    . ARG A 1 31  ? -13.142 10.389  -7.916  1.00 24.15 ? 58  ARG A N    1 
ATOM   118  C  CA   . ARG A 1 31  ? -14.559 10.092  -7.740  1.00 28.07 ? 58  ARG A CA   1 
ATOM   119  C  C    . ARG A 1 31  ? -14.762 8.913   -6.752  1.00 29.13 ? 58  ARG A C    1 
ATOM   120  O  O    . ARG A 1 31  ? -13.810 8.333   -6.187  1.00 27.89 ? 58  ARG A O    1 
ATOM   121  C  CB   . ARG A 1 31  ? -15.273 9.872   -9.083  1.00 28.69 ? 58  ARG A CB   1 
ATOM   122  C  CG   . ARG A 1 31  ? -14.665 8.808   -9.947  1.00 26.73 ? 58  ARG A CG   1 
ATOM   123  C  CD   . ARG A 1 31  ? -15.444 8.585   -11.203 1.00 27.53 ? 58  ARG A CD   1 
ATOM   124  N  NE   . ARG A 1 31  ? -14.907 7.393   -11.820 1.00 26.90 ? 58  ARG A NE   1 
ATOM   125  C  CZ   . ARG A 1 31  ? -15.233 6.906   -12.995 1.00 28.98 ? 58  ARG A CZ   1 
ATOM   126  N  NH1  . ARG A 1 31  ? -16.070 7.549   -13.834 1.00 24.13 ? 58  ARG A NH1  1 
ATOM   127  N  NH2  . ARG A 1 31  ? -14.663 5.758   -13.346 1.00 32.04 ? 58  ARG A NH2  1 
ATOM   128  N  N    . GLN A 1 32  ? -16.015 8.659   -6.476  1.00 32.35 ? 59  GLN A N    1 
ATOM   129  C  CA   . GLN A 1 32  ? -16.420 7.494   -5.737  1.00 34.66 ? 59  GLN A CA   1 
ATOM   130  C  C    . GLN A 1 32  ? -16.959 6.487   -6.732  1.00 34.85 ? 59  GLN A C    1 
ATOM   131  O  O    . GLN A 1 32  ? -17.605 6.864   -7.704  1.00 33.83 ? 59  GLN A O    1 
ATOM   132  C  CB   . GLN A 1 32  ? -17.439 7.902   -4.686  1.00 37.49 ? 59  GLN A CB   1 
ATOM   133  C  CG   . GLN A 1 32  ? -18.059 6.756   -3.899  1.00 46.51 ? 59  GLN A CG   1 
ATOM   134  C  CD   . GLN A 1 32  ? -17.924 6.967   -2.393  1.00 56.60 ? 59  GLN A CD   1 
ATOM   135  O  OE1  . GLN A 1 32  ? -17.249 6.194   -1.704  1.00 60.66 ? 59  GLN A OE1  1 
ATOM   136  N  NE2  . GLN A 1 32  ? -18.515 8.053   -1.888  1.00 55.71 ? 59  GLN A NE2  1 
ATOM   137  N  N    . THR A 1 33  ? -16.634 5.208   -6.519  1.00 33.64 ? 60  THR A N    1 
ATOM   138  C  CA   . THR A 1 33  ? -17.230 4.096   -7.254  1.00 31.98 ? 60  THR A CA   1 
ATOM   139  C  C    . THR A 1 33  ? -17.541 2.974   -6.255  1.00 36.17 ? 60  THR A C    1 
ATOM   140  O  O    . THR A 1 33  ? -16.968 2.893   -5.189  1.00 32.92 ? 60  THR A O    1 
ATOM   141  C  CB   . THR A 1 33  ? -16.360 3.571   -8.408  1.00 34.70 ? 60  THR A CB   1 
ATOM   142  O  OG1  . THR A 1 33  ? -15.267 2.744   -7.906  1.00 30.90 ? 60  THR A OG1  1 
ATOM   143  C  CG2  . THR A 1 33  ? -15.891 4.732   -9.300  1.00 31.26 ? 60  THR A CG2  1 
ATOM   144  N  N    . ASN A 1 34  ? -18.496 2.114   -6.575  1.00 37.01 ? 61  ASN A N    1 
ATOM   145  C  CA   . ASN A 1 34  ? -18.828 1.051   -5.610  1.00 36.96 ? 61  ASN A CA   1 
ATOM   146  C  C    . ASN A 1 34  ? -17.633 0.051   -5.473  1.00 31.28 ? 61  ASN A C    1 
ATOM   147  O  O    . ASN A 1 34  ? -17.472 -0.594  -4.480  1.00 34.18 ? 61  ASN A O    1 
ATOM   148  C  CB   . ASN A 1 34  ? -20.113 0.323   -6.033  1.00 39.99 ? 61  ASN A CB   1 
ATOM   149  C  CG   . ASN A 1 34  ? -19.980 -0.293  -7.389  1.00 43.49 ? 61  ASN A CG   1 
ATOM   150  O  OD1  . ASN A 1 34  ? -19.446 0.334   -8.299  1.00 51.12 ? 61  ASN A OD1  1 
ATOM   151  N  ND2  . ASN A 1 34  ? -20.386 -1.562  -7.526  1.00 56.79 ? 61  ASN A ND2  1 
ATOM   152  N  N    . GLN A 1 35  ? -16.836 -0.077  -6.500  1.00 28.18 ? 62  GLN A N    1 
ATOM   153  C  CA   . GLN A 1 35  ? -15.587 -0.853  -6.436  1.00 32.65 ? 62  GLN A CA   1 
ATOM   154  C  C    . GLN A 1 35  ? -14.549 -0.278  -5.477  1.00 31.51 ? 62  GLN A C    1 
ATOM   155  O  O    . GLN A 1 35  ? -13.865 -1.010  -4.750  1.00 27.58 ? 62  GLN A O    1 
ATOM   156  C  CB   . GLN A 1 35  ? -14.982 -0.914  -7.812  1.00 34.96 ? 62  GLN A CB   1 
ATOM   157  C  CG   . GLN A 1 35  ? -15.801 -1.785  -8.739  1.00 38.80 ? 62  GLN A CG   1 
ATOM   158  C  CD   . GLN A 1 35  ? -15.207 -1.872  -10.105 1.00 43.46 ? 62  GLN A CD   1 
ATOM   159  O  OE1  . GLN A 1 35  ? -14.438 -1.003  -10.518 1.00 38.75 ? 62  GLN A OE1  1 
ATOM   160  N  NE2  . GLN A 1 35  ? -15.547 -2.956  -10.825 1.00 48.87 ? 62  GLN A NE2  1 
ATOM   161  N  N    . LEU A 1 36  ? -14.418 1.056   -5.504  1.00 30.87 ? 63  LEU A N    1 
ATOM   162  C  CA   . LEU A 1 36  ? -13.535 1.733   -4.588  1.00 27.13 ? 63  LEU A CA   1 
ATOM   163  C  C    . LEU A 1 36  ? -14.070 1.613   -3.196  1.00 29.98 ? 63  LEU A C    1 
ATOM   164  O  O    . LEU A 1 36  ? -13.270 1.478   -2.259  1.00 25.76 ? 63  LEU A O    1 
ATOM   165  C  CB   . LEU A 1 36  ? -13.272 3.193   -5.017  1.00 25.25 ? 63  LEU A CB   1 
ATOM   166  C  CG   . LEU A 1 36  ? -12.318 3.384   -6.190  1.00 21.69 ? 63  LEU A CG   1 
ATOM   167  C  CD1  . LEU A 1 36  ? -12.568 4.731   -6.855  1.00 21.83 ? 63  LEU A CD1  1 
ATOM   168  C  CD2  . LEU A 1 36  ? -10.880 3.249   -5.726  1.00 22.07 ? 63  LEU A CD2  1 
ATOM   169  N  N    . GLN A 1 37  ? -15.404 1.603   -3.018  1.00 31.54 ? 64  GLN A N    1 
ATOM   170  C  CA   . GLN A 1 37  ? -15.979 1.451   -1.648  1.00 34.92 ? 64  GLN A CA   1 
ATOM   171  C  C    . GLN A 1 37  ? -15.663 0.085   -1.045  1.00 32.44 ? 64  GLN A C    1 
ATOM   172  O  O    . GLN A 1 37  ? -15.360 -0.044  0.130   1.00 34.50 ? 64  GLN A O    1 
ATOM   173  C  CB   . GLN A 1 37  ? -17.502 1.572   -1.656  1.00 39.62 ? 64  GLN A CB   1 
ATOM   174  C  CG   . GLN A 1 37  ? -17.965 2.982   -1.976  1.00 48.88 ? 64  GLN A CG   1 
ATOM   175  C  CD   . GLN A 1 37  ? -19.475 3.141   -2.117  1.00 53.08 ? 64  GLN A CD   1 
ATOM   176  O  OE1  . GLN A 1 37  ? -19.958 4.255   -2.279  1.00 53.91 ? 64  GLN A OE1  1 
ATOM   177  N  NE2  . GLN A 1 37  ? -20.221 2.040   -2.061  1.00 55.93 ? 64  GLN A NE2  1 
ATOM   178  N  N    . TYR A 1 38  ? -15.837 -0.912  -1.872  1.00 31.63 ? 65  TYR A N    1 
ATOM   179  C  CA   . TYR A 1 38  ? -15.475 -2.281  -1.577  1.00 37.60 ? 65  TYR A CA   1 
ATOM   180  C  C    . TYR A 1 38  ? -13.981 -2.394  -1.226  1.00 31.50 ? 65  TYR A C    1 
ATOM   181  O  O    . TYR A 1 38  ? -13.643 -2.976  -0.194  1.00 29.39 ? 65  TYR A O    1 
ATOM   182  C  CB   . TYR A 1 38  ? -15.794 -3.169  -2.792  1.00 41.10 ? 65  TYR A CB   1 
ATOM   183  C  CG   . TYR A 1 38  ? -15.458 -4.654  -2.615  1.00 47.95 ? 65  TYR A CG   1 
ATOM   184  C  CD1  . TYR A 1 38  ? -16.260 -5.492  -1.824  1.00 48.40 ? 65  TYR A CD1  1 
ATOM   185  C  CD2  . TYR A 1 38  ? -14.348 -5.209  -3.254  1.00 51.55 ? 65  TYR A CD2  1 
ATOM   186  C  CE1  . TYR A 1 38  ? -15.963 -6.835  -1.670  1.00 49.04 ? 65  TYR A CE1  1 
ATOM   187  C  CE2  . TYR A 1 38  ? -14.036 -6.554  -3.097  1.00 58.26 ? 65  TYR A CE2  1 
ATOM   188  C  CZ   . TYR A 1 38  ? -14.852 -7.359  -2.311  1.00 56.49 ? 65  TYR A CZ   1 
ATOM   189  O  OH   . TYR A 1 38  ? -14.521 -8.687  -2.166  1.00 66.63 ? 65  TYR A OH   1 
ATOM   190  N  N    . LEU A 1 39  ? -13.121 -1.827  -2.086  1.00 30.75 ? 66  LEU A N    1 
ATOM   191  C  CA   . LEU A 1 39  ? -11.648 -1.703  -1.787  1.00 27.67 ? 66  LEU A CA   1 
ATOM   192  C  C    . LEU A 1 39  ? -11.408 -1.213  -0.397  1.00 28.29 ? 66  LEU A C    1 
ATOM   193  O  O    . LEU A 1 39  ? -10.565 -1.773  0.281   1.00 31.55 ? 66  LEU A O    1 
ATOM   194  C  CB   . LEU A 1 39  ? -10.870 -0.882  -2.824  1.00 28.84 ? 66  LEU A CB   1 
ATOM   195  C  CG   . LEU A 1 39  ? -10.521 -1.617  -4.131  1.00 31.20 ? 66  LEU A CG   1 
ATOM   196  C  CD1  . LEU A 1 39  ? -10.188 -0.704  -5.310  1.00 30.88 ? 66  LEU A CD1  1 
ATOM   197  C  CD2  . LEU A 1 39  ? -9.353  -2.562  -3.899  1.00 35.48 ? 66  LEU A CD2  1 
ATOM   198  N  N    . LEU A 1 40  ? -12.164 -0.217  0.087   1.00 26.23 ? 67  LEU A N    1 
ATOM   199  C  CA   . LEU A 1 40  ? -11.966 0.270   1.420   1.00 26.33 ? 67  LEU A CA   1 
ATOM   200  C  C    . LEU A 1 40  ? -12.570 -0.652  2.520   1.00 33.01 ? 67  LEU A C    1 
ATOM   201  O  O    . LEU A 1 40  ? -11.932 -0.966  3.526   1.00 31.46 ? 67  LEU A O    1 
ATOM   202  C  CB   . LEU A 1 40  ? -12.562 1.655   1.567   1.00 26.89 ? 67  LEU A CB   1 
ATOM   203  C  CG   . LEU A 1 40  ? -12.500 2.226   2.982   1.00 29.58 ? 67  LEU A CG   1 
ATOM   204  C  CD1  . LEU A 1 40  ? -11.081 2.317   3.503   1.00 33.19 ? 67  LEU A CD1  1 
ATOM   205  C  CD2  . LEU A 1 40  ? -13.129 3.605   3.003   1.00 31.21 ? 67  LEU A CD2  1 
ATOM   206  N  N    . ARG A 1 41  ? -13.824 -1.022  2.310   1.00 36.52 ? 68  ARG A N    1 
ATOM   207  C  CA   . ARG A 1 41  ? -14.669 -1.630  3.321   1.00 38.13 ? 68  ARG A CA   1 
ATOM   208  C  C    . ARG A 1 41  ? -14.349 -3.067  3.549   1.00 36.45 ? 68  ARG A C    1 
ATOM   209  O  O    . ARG A 1 41  ? -14.479 -3.564  4.698   1.00 36.58 ? 68  ARG A O    1 
ATOM   210  C  CB   . ARG A 1 41  ? -16.119 -1.545  2.867   1.00 44.11 ? 68  ARG A CB   1 
ATOM   211  C  CG   . ARG A 1 41  ? -16.622 -0.129  2.990   1.00 52.81 ? 68  ARG A CG   1 
ATOM   212  C  CD   . ARG A 1 41  ? -17.892 0.068   2.202   1.00 60.32 ? 68  ARG A CD   1 
ATOM   213  N  NE   . ARG A 1 41  ? -18.573 1.287   2.613   1.00 63.58 ? 68  ARG A NE   1 
ATOM   214  C  CZ   . ARG A 1 41  ? -19.704 1.721   2.076   1.00 67.55 ? 68  ARG A CZ   1 
ATOM   215  N  NH1  . ARG A 1 41  ? -20.280 1.039   1.090   1.00 66.68 ? 68  ARG A NH1  1 
ATOM   216  N  NH2  . ARG A 1 41  ? -20.258 2.841   2.524   1.00 68.65 ? 68  ARG A NH2  1 
ATOM   217  N  N    . VAL A 1 42  ? -13.985 -3.733  2.462   1.00 30.23 ? 69  VAL A N    1 
ATOM   218  C  CA   . VAL A 1 42  ? -13.658 -5.115  2.503   1.00 33.93 ? 69  VAL A CA   1 
ATOM   219  C  C    . VAL A 1 42  ? -12.176 -5.394  2.328   1.00 33.40 ? 69  VAL A C    1 
ATOM   220  O  O    . VAL A 1 42  ? -11.567 -6.019  3.194   1.00 36.78 ? 69  VAL A O    1 
ATOM   221  C  CB   . VAL A 1 42  ? -14.406 -5.934  1.448   1.00 35.97 ? 69  VAL A CB   1 
ATOM   222  C  CG1  . VAL A 1 42  ? -14.057 -7.420  1.624   1.00 38.34 ? 69  VAL A CG1  1 
ATOM   223  C  CG2  . VAL A 1 42  ? -15.922 -5.734  1.566   1.00 37.11 ? 69  VAL A CG2  1 
ATOM   224  N  N    . VAL A 1 43  ? -11.619 -4.996  1.205   1.00 29.89 ? 70  VAL A N    1 
ATOM   225  C  CA   . VAL A 1 43  ? -10.264 -5.414  0.878   1.00 31.97 ? 70  VAL A CA   1 
ATOM   226  C  C    . VAL A 1 43  ? -9.220  -4.817  1.793   1.00 31.29 ? 70  VAL A C    1 
ATOM   227  O  O    . VAL A 1 43  ? -8.442  -5.547  2.437   1.00 30.53 ? 70  VAL A O    1 
ATOM   228  C  CB   . VAL A 1 43  ? -9.939  -5.066  -0.537  1.00 28.22 ? 70  VAL A CB   1 
ATOM   229  C  CG1  . VAL A 1 43  ? -8.545  -5.562  -0.916  1.00 30.85 ? 70  VAL A CG1  1 
ATOM   230  C  CG2  . VAL A 1 43  ? -11.019 -5.679  -1.399  1.00 30.68 ? 70  VAL A CG2  1 
ATOM   231  N  N    . LEU A 1 44  ? -9.225  -3.502  1.901   1.00 27.12 ? 71  LEU A N    1 
ATOM   232  C  CA   . LEU A 1 44  ? -8.241  -2.869  2.775   1.00 28.57 ? 71  LEU A CA   1 
ATOM   233  C  C    . LEU A 1 44  ? -8.478  -3.294  4.232   1.00 29.41 ? 71  LEU A C    1 
ATOM   234  O  O    . LEU A 1 44  ? -7.527  -3.575  4.977   1.00 25.62 ? 71  LEU A O    1 
ATOM   235  C  CB   . LEU A 1 44  ? -8.266  -1.349  2.644   1.00 28.54 ? 71  LEU A CB   1 
ATOM   236  C  CG   . LEU A 1 44  ? -7.348  -0.643  3.685   1.00 34.92 ? 71  LEU A CG   1 
ATOM   237  C  CD1  . LEU A 1 44  ? -5.949  -0.496  3.140   1.00 37.65 ? 71  LEU A CD1  1 
ATOM   238  C  CD2  . LEU A 1 44  ? -7.896  0.688   4.082   1.00 41.02 ? 71  LEU A CD2  1 
ATOM   239  N  N    . LYS A 1 45  ? -9.735  -3.390  4.625   1.00 28.82 ? 72  LYS A N    1 
ATOM   240  C  CA   . LYS A 1 45  ? -10.022 -3.711  6.036   1.00 31.51 ? 72  LYS A CA   1 
ATOM   241  C  C    . LYS A 1 45  ? -9.521  -5.107  6.443   1.00 30.54 ? 72  LYS A C    1 
ATOM   242  O  O    . LYS A 1 45  ? -9.028  -5.295  7.554   1.00 34.76 ? 72  LYS A O    1 
ATOM   243  C  CB   . LYS A 1 45  ? -11.505 -3.595  6.273   1.00 36.16 ? 72  LYS A CB   1 
ATOM   244  C  CG   . LYS A 1 45  ? -11.977 -4.057  7.641   1.00 43.52 ? 72  LYS A CG   1 
ATOM   245  C  CD   . LYS A 1 45  ? -13.439 -3.661  7.843   1.00 50.30 ? 72  LYS A CD   1 
ATOM   246  C  CE   . LYS A 1 45  ? -13.862 -3.872  9.276   1.00 53.19 ? 72  LYS A CE   1 
ATOM   247  N  NZ   . LYS A 1 45  ? -15.155 -3.226  9.606   1.00 62.55 ? 72  LYS A NZ   1 
ATOM   248  N  N    . THR A 1 46  ? -9.624  -6.051  5.524   1.00 31.80 ? 73  THR A N    1 
ATOM   249  C  CA   . THR A 1 46  ? -9.170  -7.400  5.737   1.00 31.44 ? 73  THR A CA   1 
ATOM   250  C  C    . THR A 1 46  ? -7.672  -7.439  5.878   1.00 32.99 ? 73  THR A C    1 
ATOM   251  O  O    . THR A 1 46  ? -7.165  -8.043  6.818   1.00 28.69 ? 73  THR A O    1 
ATOM   252  C  CB   . THR A 1 46  ? -9.604  -8.307  4.575   1.00 32.04 ? 73  THR A CB   1 
ATOM   253  O  OG1  . THR A 1 46  ? -11.028 -8.342  4.541   1.00 34.06 ? 73  THR A OG1  1 
ATOM   254  C  CG2  . THR A 1 46  ? -9.112  -9.794  4.722   1.00 31.96 ? 73  THR A CG2  1 
ATOM   255  N  N    . LEU A 1 47  ? -6.967  -6.809  4.929   1.00 29.68 ? 74  LEU A N    1 
ATOM   256  C  CA   . LEU A 1 47  ? -5.525  -6.687  5.013   1.00 29.48 ? 74  LEU A CA   1 
ATOM   257  C  C    . LEU A 1 47  ? -5.023  -5.939  6.252   1.00 27.49 ? 74  LEU A C    1 
ATOM   258  O  O    . LEU A 1 47  ? -4.048  -6.376  6.906   1.00 26.72 ? 74  LEU A O    1 
ATOM   259  C  CB   . LEU A 1 47  ? -4.951  -6.112  3.731   1.00 32.49 ? 74  LEU A CB   1 
ATOM   260  C  CG   . LEU A 1 47  ? -4.654  -7.173  2.657   1.00 35.96 ? 74  LEU A CG   1 
ATOM   261  C  CD1  . LEU A 1 47  ? -5.921  -7.853  2.173   1.00 40.52 ? 74  LEU A CD1  1 
ATOM   262  C  CD2  . LEU A 1 47  ? -3.919  -6.524  1.486   1.00 37.61 ? 74  LEU A CD2  1 
ATOM   263  N  N    . TRP A 1 48  ? -5.699  -4.851  6.607   1.00 25.40 ? 75  TRP A N    1 
ATOM   264  C  CA   . TRP A 1 48  ? -5.332  -4.042  7.735   1.00 28.42 ? 75  TRP A CA   1 
ATOM   265  C  C    . TRP A 1 48  ? -5.324  -4.822  9.036   1.00 33.24 ? 75  TRP A C    1 
ATOM   266  O  O    . TRP A 1 48  ? -4.448  -4.599  9.857   1.00 29.34 ? 75  TRP A O    1 
ATOM   267  C  CB   . TRP A 1 48  ? -6.264  -2.839  7.841   1.00 30.68 ? 75  TRP A CB   1 
ATOM   268  C  CG   . TRP A 1 48  ? -5.805  -1.796  8.785   1.00 30.03 ? 75  TRP A CG   1 
ATOM   269  C  CD1  . TRP A 1 48  ? -6.113  -1.717  10.112  1.00 31.11 ? 75  TRP A CD1  1 
ATOM   270  C  CD2  . TRP A 1 48  ? -4.935  -0.687  8.500   1.00 29.05 ? 75  TRP A CD2  1 
ATOM   271  N  NE1  . TRP A 1 48  ? -5.515  -0.629  10.667  1.00 28.46 ? 75  TRP A NE1  1 
ATOM   272  C  CE2  . TRP A 1 48  ? -4.790  0.038   9.707   1.00 29.44 ? 75  TRP A CE2  1 
ATOM   273  C  CE3  . TRP A 1 48  ? -4.276  -0.226  7.347   1.00 30.68 ? 75  TRP A CE3  1 
ATOM   274  C  CZ2  . TRP A 1 48  ? -3.991  1.216   9.811   1.00 28.29 ? 75  TRP A CZ2  1 
ATOM   275  C  CZ3  . TRP A 1 48  ? -3.468  0.939   7.453   1.00 30.51 ? 75  TRP A CZ3  1 
ATOM   276  C  CH2  . TRP A 1 48  ? -3.355  1.654   8.665   1.00 28.44 ? 75  TRP A CH2  1 
ATOM   277  N  N    . LYS A 1 49  ? -6.287  -5.737  9.207   1.00 34.77 ? 76  LYS A N    1 
ATOM   278  C  CA   . LYS A 1 49  ? -6.456  -6.483  10.474  1.00 33.96 ? 76  LYS A CA   1 
ATOM   279  C  C    . LYS A 1 49  ? -5.688  -7.801  10.520  1.00 30.17 ? 76  LYS A C    1 
ATOM   280  O  O    . LYS A 1 49  ? -5.648  -8.464  11.536  1.00 34.11 ? 76  LYS A O    1 
ATOM   281  C  CB   . LYS A 1 49  ? -7.945  -6.798  10.675  1.00 38.00 ? 76  LYS A CB   1 
ATOM   282  C  CG   . LYS A 1 49  ? -8.760  -5.542  10.900  1.00 46.68 ? 76  LYS A CG   1 
ATOM   283  C  CD   . LYS A 1 49  ? -10.224 -5.775  10.535  1.00 53.06 ? 76  LYS A CD   1 
ATOM   284  C  CE   . LYS A 1 49  ? -11.119 -4.730  11.173  1.00 58.51 ? 76  LYS A CE   1 
ATOM   285  N  NZ   . LYS A 1 49  ? -12.418 -5.371  11.516  1.00 63.05 ? 76  LYS A NZ   1 
ATOM   286  N  N    . HIS A 1 50  ? -5.081  -8.186  9.433   1.00 27.17 ? 77  HIS A N    1 
ATOM   287  C  CA   . HIS A 1 50  ? -4.265  -9.396  9.395   1.00 27.69 ? 77  HIS A CA   1 
ATOM   288  C  C    . HIS A 1 50  ? -3.039  -9.223  10.302  1.00 27.67 ? 77  HIS A C    1 
ATOM   289  O  O    . HIS A 1 50  ? -2.519  -8.114  10.501  1.00 27.91 ? 77  HIS A O    1 
ATOM   290  C  CB   . HIS A 1 50  ? -3.892  -9.665  7.927   1.00 25.38 ? 77  HIS A CB   1 
ATOM   291  C  CG   . HIS A 1 50  ? -3.269  -10.989 7.648   1.00 26.14 ? 77  HIS A CG   1 
ATOM   292  N  ND1  . HIS A 1 50  ? -1.941  -11.245 7.874   1.00 23.84 ? 77  HIS A ND1  1 
ATOM   293  C  CD2  . HIS A 1 50  ? -3.760  -12.105 7.065   1.00 26.90 ? 77  HIS A CD2  1 
ATOM   294  C  CE1  . HIS A 1 50  ? -1.651  -12.474 7.530   1.00 25.92 ? 77  HIS A CE1  1 
ATOM   295  N  NE2  . HIS A 1 50  ? -2.729  -13.001 6.982   1.00 27.58 ? 77  HIS A NE2  1 
ATOM   296  N  N    . GLN A 1 51  ? -2.569  -10.346 10.833  1.00 27.69 ? 78  GLN A N    1 
ATOM   297  C  CA   . GLN A 1 51  ? -1.391  -10.378 11.701  1.00 27.77 ? 78  GLN A CA   1 
ATOM   298  C  C    . GLN A 1 51  ? -0.173  -9.664  11.050  1.00 26.34 ? 78  GLN A C    1 
ATOM   299  O  O    . GLN A 1 51  ? 0.623   -9.018  11.695  1.00 23.85 ? 78  GLN A O    1 
ATOM   300  C  CB   . GLN A 1 51  ? -1.038  -11.850 11.978  1.00 32.12 ? 78  GLN A CB   1 
ATOM   301  C  CG   . GLN A 1 51  ? 0.093   -12.003 12.998  1.00 37.00 ? 78  GLN A CG   1 
ATOM   302  C  CD   . GLN A 1 51  ? 0.298   -13.454 13.516  1.00 41.72 ? 78  GLN A CD   1 
ATOM   303  O  OE1  . GLN A 1 51  ? -0.677  -14.153 13.827  1.00 42.48 ? 78  GLN A OE1  1 
ATOM   304  N  NE2  . GLN A 1 51  ? 1.575   -13.902 13.627  1.00 37.87 ? 78  GLN A NE2  1 
ATOM   305  N  N    . PHE A 1 52  ? -0.021  -9.876  9.772   1.00 22.52 ? 79  PHE A N    1 
ATOM   306  C  CA   . PHE A 1 52  ? 1.160   -9.453  9.042   1.00 23.33 ? 79  PHE A CA   1 
ATOM   307  C  C    . PHE A 1 52  ? 1.120   -7.992  8.526   1.00 23.31 ? 79  PHE A C    1 
ATOM   308  O  O    . PHE A 1 52  ? 2.012   -7.603  7.741   1.00 21.71 ? 79  PHE A O    1 
ATOM   309  C  CB   . PHE A 1 52  ? 1.383   -10.362 7.871   1.00 20.99 ? 79  PHE A CB   1 
ATOM   310  C  CG   . PHE A 1 52  ? 1.787   -11.774 8.207   1.00 25.12 ? 79  PHE A CG   1 
ATOM   311  C  CD1  . PHE A 1 52  ? 2.154   -12.169 9.495   1.00 25.57 ? 79  PHE A CD1  1 
ATOM   312  C  CD2  . PHE A 1 52  ? 1.821   -12.709 7.183   1.00 25.27 ? 79  PHE A CD2  1 
ATOM   313  C  CE1  . PHE A 1 52  ? 2.550   -13.476 9.728   1.00 26.53 ? 79  PHE A CE1  1 
ATOM   314  C  CE2  . PHE A 1 52  ? 2.223   -14.010 7.399   1.00 28.28 ? 79  PHE A CE2  1 
ATOM   315  C  CZ   . PHE A 1 52  ? 2.567   -14.397 8.692   1.00 28.51 ? 79  PHE A CZ   1 
ATOM   316  N  N    . ALA A 1 53  ? 0.086   -7.235  8.903   1.00 23.73 ? 80  ALA A N    1 
ATOM   317  C  CA   . ALA A 1 53  ? -0.136  -5.870  8.393   1.00 22.82 ? 80  ALA A CA   1 
ATOM   318  C  C    . ALA A 1 53  ? 0.867   -4.861  8.910   1.00 21.62 ? 80  ALA A C    1 
ATOM   319  O  O    . ALA A 1 53  ? 1.169   -3.901  8.223   1.00 22.64 ? 80  ALA A O    1 
ATOM   320  C  CB   . ALA A 1 53  ? -1.531  -5.385  8.777   1.00 24.11 ? 80  ALA A CB   1 
ATOM   321  N  N    . TRP A 1 54  ? 1.341   -5.072  10.144  1.00 21.50 ? 81  TRP A N    1 
ATOM   322  C  CA   . TRP A 1 54  ? 2.071   -4.063  10.865  1.00 22.21 ? 81  TRP A CA   1 
ATOM   323  C  C    . TRP A 1 54  ? 3.249   -3.322  10.089  1.00 22.96 ? 81  TRP A C    1 
ATOM   324  O  O    . TRP A 1 54  ? 3.339   -2.093  10.218  1.00 22.43 ? 81  TRP A O    1 
ATOM   325  C  CB   . TRP A 1 54  ? 2.474   -4.507  12.269  1.00 22.66 ? 81  TRP A CB   1 
ATOM   326  C  CG   . TRP A 1 54  ? 3.455   -5.665  12.305  1.00 22.40 ? 81  TRP A CG   1 
ATOM   327  C  CD1  . TRP A 1 54  ? 3.145   -6.990  12.375  1.00 23.57 ? 81  TRP A CD1  1 
ATOM   328  C  CD2  . TRP A 1 54  ? 4.869   -5.587  12.285  1.00 24.93 ? 81  TRP A CD2  1 
ATOM   329  N  NE1  . TRP A 1 54  ? 4.269   -7.750  12.388  1.00 22.05 ? 81  TRP A NE1  1 
ATOM   330  C  CE2  . TRP A 1 54  ? 5.358   -6.916  12.333  1.00 23.47 ? 81  TRP A CE2  1 
ATOM   331  C  CE3  . TRP A 1 54  ? 5.783   -4.526  12.241  1.00 23.89 ? 81  TRP A CE3  1 
ATOM   332  C  CZ2  . TRP A 1 54  ? 6.714   -7.208  12.319  1.00 22.88 ? 81  TRP A CZ2  1 
ATOM   333  C  CZ3  . TRP A 1 54  ? 7.130   -4.812  12.243  1.00 24.64 ? 81  TRP A CZ3  1 
ATOM   334  C  CH2  . TRP A 1 54  ? 7.593   -6.134  12.278  1.00 24.64 ? 81  TRP A CH2  1 
ATOM   335  N  N    . PRO A 1 55  ? 4.100   -4.034  9.324   1.00 20.22 ? 82  PRO A N    1 
ATOM   336  C  CA   . PRO A 1 55  ? 5.179   -3.288  8.692   1.00 19.26 ? 82  PRO A CA   1 
ATOM   337  C  C    . PRO A 1 55  ? 4.688   -2.368  7.520   1.00 18.37 ? 82  PRO A C    1 
ATOM   338  O  O    . PRO A 1 55  ? 5.449   -1.522  7.057   1.00 19.30 ? 82  PRO A O    1 
ATOM   339  C  CB   . PRO A 1 55  ? 6.100   -4.387  8.126   1.00 20.49 ? 82  PRO A CB   1 
ATOM   340  C  CG   . PRO A 1 55  ? 5.601   -5.696  8.699   1.00 21.60 ? 82  PRO A CG   1 
ATOM   341  C  CD   . PRO A 1 55  ? 4.136   -5.447  8.910   1.00 21.73 ? 82  PRO A CD   1 
ATOM   342  N  N    . PHE A 1 56  ? 3.462   -2.586  7.072   1.00 18.81 ? 83  PHE A N    1 
ATOM   343  C  CA   . PHE A 1 56  ? 2.886   -1.987  5.897   1.00 21.25 ? 83  PHE A CA   1 
ATOM   344  C  C    . PHE A 1 56  ? 1.788   -0.973  6.209   1.00 20.87 ? 83  PHE A C    1 
ATOM   345  O  O    . PHE A 1 56  ? 1.215   -0.407  5.275   1.00 20.38 ? 83  PHE A O    1 
ATOM   346  C  CB   . PHE A 1 56  ? 2.319   -3.055  5.019   1.00 21.75 ? 83  PHE A CB   1 
ATOM   347  C  CG   . PHE A 1 56  ? 3.300   -4.129  4.688   1.00 21.39 ? 83  PHE A CG   1 
ATOM   348  C  CD1  . PHE A 1 56  ? 4.246   -3.929  3.736   1.00 22.98 ? 83  PHE A CD1  1 
ATOM   349  C  CD2  . PHE A 1 56  ? 3.261   -5.354  5.352   1.00 21.20 ? 83  PHE A CD2  1 
ATOM   350  C  CE1  . PHE A 1 56  ? 5.183   -4.910  3.455   1.00 23.19 ? 83  PHE A CE1  1 
ATOM   351  C  CE2  . PHE A 1 56  ? 4.207   -6.349  5.076   1.00 21.63 ? 83  PHE A CE2  1 
ATOM   352  C  CZ   . PHE A 1 56  ? 5.166   -6.126  4.123   1.00 21.50 ? 83  PHE A CZ   1 
ATOM   353  N  N    . GLN A 1 57  ? 1.560   -0.682  7.494   1.00 18.92 ? 84  GLN A N    1 
ATOM   354  C  CA   . GLN A 1 57  ? 0.504   0.245   7.910   1.00 19.90 ? 84  GLN A CA   1 
ATOM   355  C  C    . GLN A 1 57  ? 0.888   1.728   7.863   1.00 20.67 ? 84  GLN A C    1 
ATOM   356  O  O    . GLN A 1 57  ? 0.069   2.562   8.125   1.00 20.81 ? 84  GLN A O    1 
ATOM   357  C  CB   . GLN A 1 57  ? -0.012  -0.107  9.345   1.00 20.49 ? 84  GLN A CB   1 
ATOM   358  C  CG   . GLN A 1 57  ? -0.970  -1.247  9.329   1.00 23.24 ? 84  GLN A CG   1 
ATOM   359  C  CD   . GLN A 1 57  ? -1.277  -1.790  10.717  1.00 26.64 ? 84  GLN A CD   1 
ATOM   360  O  OE1  . GLN A 1 57  ? -0.496  -1.643  11.618  1.00 24.34 ? 84  GLN A OE1  1 
ATOM   361  N  NE2  . GLN A 1 57  ? -2.404  -2.444  10.849  1.00 28.52 ? 84  GLN A NE2  1 
ATOM   362  N  N    . GLN A 1 58  ? 2.135   2.050   7.549   1.00 20.78 ? 85  GLN A N    1 
ATOM   363  C  CA   . GLN A 1 58  ? 2.620   3.398   7.552   1.00 20.80 ? 85  GLN A CA   1 
ATOM   364  C  C    . GLN A 1 58  ? 3.778   3.452   6.583   1.00 20.72 ? 85  GLN A C    1 
ATOM   365  O  O    . GLN A 1 58  ? 4.455   2.435   6.323   1.00 19.05 ? 85  GLN A O    1 
ATOM   366  C  CB   . GLN A 1 58  ? 3.074   3.849   8.953   1.00 21.03 ? 85  GLN A CB   1 
ATOM   367  C  CG   . GLN A 1 58  ? 4.152   2.959   9.535   1.00 22.19 ? 85  GLN A CG   1 
ATOM   368  C  CD   . GLN A 1 58  ? 3.582   1.664   10.097  1.00 26.40 ? 85  GLN A CD   1 
ATOM   369  O  OE1  . GLN A 1 58  ? 2.558   1.653   10.784  1.00 26.57 ? 85  GLN A OE1  1 
ATOM   370  N  NE2  . GLN A 1 58  ? 4.234   0.562   9.786   1.00 27.48 ? 85  GLN A NE2  1 
ATOM   371  N  N    . PRO A 1 59  ? 4.067   4.633   6.095   1.00 20.90 ? 86  PRO A N    1 
ATOM   372  C  CA   . PRO A 1 59  ? 5.310   4.800   5.323   1.00 20.41 ? 86  PRO A CA   1 
ATOM   373  C  C    . PRO A 1 59  ? 6.583   4.267   6.048   1.00 20.42 ? 86  PRO A C    1 
ATOM   374  O  O    . PRO A 1 59  ? 6.647   4.290   7.286   1.00 22.99 ? 86  PRO A O    1 
ATOM   375  C  CB   . PRO A 1 59  ? 5.395   6.328   5.163   1.00 21.06 ? 86  PRO A CB   1 
ATOM   376  C  CG   . PRO A 1 59  ? 3.990   6.804   5.249   1.00 22.00 ? 86  PRO A CG   1 
ATOM   377  C  CD   . PRO A 1 59  ? 3.346   5.921   6.306   1.00 21.23 ? 86  PRO A CD   1 
ATOM   378  N  N    . VAL A 1 60  ? 7.493   3.643   5.286   1.00 19.79 ? 87  VAL A N    1 
ATOM   379  C  CA   . VAL A 1 60  ? 8.765   3.195   5.770   1.00 21.26 ? 87  VAL A CA   1 
ATOM   380  C  C    . VAL A 1 60  ? 9.526   4.378   6.349   1.00 21.78 ? 87  VAL A C    1 
ATOM   381  O  O    . VAL A 1 60  ? 9.724   5.354   5.696   1.00 20.98 ? 87  VAL A O    1 
ATOM   382  C  CB   . VAL A 1 60  ? 9.627   2.497   4.709   1.00 22.19 ? 87  VAL A CB   1 
ATOM   383  C  CG1  . VAL A 1 60  ? 11.027  2.238   5.270   1.00 23.55 ? 87  VAL A CG1  1 
ATOM   384  C  CG2  . VAL A 1 60  ? 8.970   1.180   4.292   1.00 23.02 ? 87  VAL A CG2  1 
ATOM   385  N  N    . ASP A 1 61  ? 9.754   4.315   7.658   1.00 22.43 ? 88  ASP A N    1 
ATOM   386  C  CA   . ASP A 1 61  ? 10.546  5.284   8.397   1.00 22.37 ? 88  ASP A CA   1 
ATOM   387  C  C    . ASP A 1 61  ? 11.976  4.777   8.409   1.00 22.98 ? 88  ASP A C    1 
ATOM   388  O  O    . ASP A 1 61  ? 12.367  3.940   9.196   1.00 21.71 ? 88  ASP A O    1 
ATOM   389  C  CB   . ASP A 1 61  ? 10.016  5.398   9.818   1.00 23.84 ? 88  ASP A CB   1 
ATOM   390  C  CG   . ASP A 1 61  ? 10.680  6.526   10.563  1.00 25.51 ? 88  ASP A CG   1 
ATOM   391  O  OD1  . ASP A 1 61  ? 11.796  6.908   10.231  1.00 21.04 ? 88  ASP A OD1  1 
ATOM   392  O  OD2  . ASP A 1 61  ? 10.077  7.014   11.514  1.00 30.45 ? 88  ASP A OD2  1 
ATOM   393  N  N    . ALA A 1 62  ? 12.738  5.251   7.442   1.00 20.70 ? 89  ALA A N    1 
ATOM   394  C  CA   . ALA A 1 62  ? 14.091  4.806   7.234   1.00 24.36 ? 89  ALA A CA   1 
ATOM   395  C  C    . ALA A 1 62  ? 15.008  5.201   8.365   1.00 24.38 ? 89  ALA A C    1 
ATOM   396  O  O    . ALA A 1 62  ? 15.991  4.519   8.635   1.00 23.67 ? 89  ALA A O    1 
ATOM   397  C  CB   . ALA A 1 62  ? 14.618  5.350   5.894   1.00 24.76 ? 89  ALA A CB   1 
ATOM   398  N  N    . VAL A 1 63  ? 14.665  6.286   9.034   1.00 26.13 ? 90  VAL A N    1 
ATOM   399  C  CA   . VAL A 1 63  ? 15.431  6.754   10.177  1.00 29.49 ? 90  VAL A CA   1 
ATOM   400  C  C    . VAL A 1 63  ? 15.228  5.831   11.387  1.00 29.18 ? 90  VAL A C    1 
ATOM   401  O  O    . VAL A 1 63  ? 16.217  5.287   11.888  1.00 28.55 ? 90  VAL A O    1 
ATOM   402  C  CB   . VAL A 1 63  ? 15.040  8.204   10.550  1.00 30.06 ? 90  VAL A CB   1 
ATOM   403  C  CG1  . VAL A 1 63  ? 15.659  8.595   11.917  1.00 31.95 ? 90  VAL A CG1  1 
ATOM   404  C  CG2  . VAL A 1 63  ? 15.446  9.140   9.376   1.00 31.51 ? 90  VAL A CG2  1 
ATOM   405  N  N    . LYS A 1 64  ? 13.986  5.665   11.821  1.00 26.05 ? 91  LYS A N    1 
ATOM   406  C  CA   . LYS A 1 64  ? 13.683  4.858   13.014  1.00 29.19 ? 91  LYS A CA   1 
ATOM   407  C  C    . LYS A 1 64  ? 13.920  3.372   12.781  1.00 31.48 ? 91  LYS A C    1 
ATOM   408  O  O    . LYS A 1 64  ? 14.216  2.644   13.729  1.00 24.87 ? 91  LYS A O    1 
ATOM   409  C  CB   . LYS A 1 64  ? 12.235  4.943   13.400  1.00 34.09 ? 91  LYS A CB   1 
ATOM   410  C  CG   . LYS A 1 64  ? 11.787  6.198   14.124  1.00 44.15 ? 91  LYS A CG   1 
ATOM   411  C  CD   . LYS A 1 64  ? 10.358  5.950   14.605  1.00 48.00 ? 91  LYS A CD   1 
ATOM   412  C  CE   . LYS A 1 64  ? 9.921   6.987   15.629  1.00 54.52 ? 91  LYS A CE   1 
ATOM   413  N  NZ   . LYS A 1 64  ? 8.448   6.879   15.841  1.00 56.65 ? 91  LYS A NZ   1 
ATOM   414  N  N    . LEU A 1 65  ? 13.770  2.893   11.526  1.00 28.47 ? 92  LEU A N    1 
ATOM   415  C  CA   . LEU A 1 65  ? 14.050  1.487   11.278  1.00 25.75 ? 92  LEU A CA   1 
ATOM   416  C  C    . LEU A 1 65  ? 15.512  1.213   10.893  1.00 25.21 ? 92  LEU A C    1 
ATOM   417  O  O    . LEU A 1 65  ? 15.874  0.074   10.667  1.00 24.70 ? 92  LEU A O    1 
ATOM   418  C  CB   . LEU A 1 65  ? 13.100  0.909   10.242  1.00 25.58 ? 92  LEU A CB   1 
ATOM   419  C  CG   . LEU A 1 65  ? 11.617  0.972   10.531  1.00 25.66 ? 92  LEU A CG   1 
ATOM   420  C  CD1  . LEU A 1 65  ? 10.812  0.611   9.287   1.00 26.90 ? 92  LEU A CD1  1 
ATOM   421  C  CD2  . LEU A 1 65  ? 11.227  0.058   11.688  1.00 24.66 ? 92  LEU A CD2  1 
ATOM   422  N  N    . ASN A 1 66  ? 16.335  2.242   10.813  1.00 25.28 ? 93  ASN A N    1 
ATOM   423  C  CA   . ASN A 1 66  ? 17.716  2.095   10.451  1.00 28.27 ? 93  ASN A CA   1 
ATOM   424  C  C    . ASN A 1 66  ? 17.925  1.459   9.064   1.00 25.87 ? 93  ASN A C    1 
ATOM   425  O  O    . ASN A 1 66  ? 18.645  0.489   8.923   1.00 21.13 ? 93  ASN A O    1 
ATOM   426  C  CB   . ASN A 1 66  ? 18.483  1.302   11.533  1.00 32.16 ? 93  ASN A CB   1 
ATOM   427  C  CG   . ASN A 1 66  ? 20.009  1.474   11.414  1.00 36.77 ? 93  ASN A CG   1 
ATOM   428  O  OD1  . ASN A 1 66  ? 20.515  2.519   10.988  1.00 40.78 ? 93  ASN A OD1  1 
ATOM   429  N  ND2  . ASN A 1 66  ? 20.741  0.432   11.783  1.00 37.77 ? 93  ASN A ND2  1 
ATOM   430  N  N    . LEU A 1 67  ? 17.251  1.996   8.061   1.00 23.47 ? 94  LEU A N    1 
ATOM   431  C  CA   . LEU A 1 67  ? 17.327  1.459   6.720   1.00 21.92 ? 94  LEU A CA   1 
ATOM   432  C  C    . LEU A 1 67  ? 17.823  2.599   5.822   1.00 23.82 ? 94  LEU A C    1 
ATOM   433  O  O    . LEU A 1 67  ? 17.058  3.126   5.028   1.00 23.97 ? 94  LEU A O    1 
ATOM   434  C  CB   . LEU A 1 67  ? 15.977  0.970   6.282   1.00 22.61 ? 94  LEU A CB   1 
ATOM   435  C  CG   . LEU A 1 67  ? 15.223  -0.086  7.106   1.00 23.03 ? 94  LEU A CG   1 
ATOM   436  C  CD1  . LEU A 1 67  ? 13.839  -0.235  6.523   1.00 21.74 ? 94  LEU A CD1  1 
ATOM   437  C  CD2  . LEU A 1 67  ? 15.948  -1.419  7.075   1.00 25.54 ? 94  LEU A CD2  1 
ATOM   438  N  N    . PRO A 1 68  ? 19.086  3.007   5.969   1.00 23.01 ? 95  PRO A N    1 
ATOM   439  C  CA   . PRO A 1 68  ? 19.478  4.222   5.259   1.00 23.14 ? 95  PRO A CA   1 
ATOM   440  C  C    . PRO A 1 68  ? 19.585  4.054   3.768   1.00 23.54 ? 95  PRO A C    1 
ATOM   441  O  O    . PRO A 1 68  ? 19.550  5.051   3.061   1.00 25.18 ? 95  PRO A O    1 
ATOM   442  C  CB   . PRO A 1 68  ? 20.839  4.575   5.900   1.00 24.86 ? 95  PRO A CB   1 
ATOM   443  C  CG   . PRO A 1 68  ? 21.358  3.305   6.371   1.00 25.36 ? 95  PRO A CG   1 
ATOM   444  C  CD   . PRO A 1 68  ? 20.139  2.606   6.919   1.00 26.51 ? 95  PRO A CD   1 
ATOM   445  N  N    . ASP A 1 69  ? 19.672  2.816   3.268   1.00 20.80 ? 96  ASP A N    1 
ATOM   446  C  CA   . ASP A 1 69  ? 19.540  2.545   1.815   1.00 21.63 ? 96  ASP A CA   1 
ATOM   447  C  C    . ASP A 1 69  ? 18.081  2.436   1.243   1.00 21.44 ? 96  ASP A C    1 
ATOM   448  O  O    . ASP A 1 69  ? 17.914  2.356   0.010   1.00 22.55 ? 96  ASP A O    1 
ATOM   449  C  CB   . ASP A 1 69  ? 20.310  1.267   1.489   1.00 22.44 ? 96  ASP A CB   1 
ATOM   450  C  CG   . ASP A 1 69  ? 19.791  0.029   2.258   1.00 25.31 ? 96  ASP A CG   1 
ATOM   451  O  OD1  . ASP A 1 69  ? 19.127  0.154   3.347   1.00 25.96 ? 96  ASP A OD1  1 
ATOM   452  O  OD2  . ASP A 1 69  ? 20.018  -1.071  1.753   1.00 28.93 ? 96  ASP A OD2  1 
ATOM   453  N  N    . TYR A 1 70  ? 17.057  2.449   2.111   1.00 20.02 ? 97  TYR A N    1 
ATOM   454  C  CA   . TYR A 1 70  ? 15.674  2.170   1.648   1.00 20.53 ? 97  TYR A CA   1 
ATOM   455  C  C    . TYR A 1 70  ? 15.255  3.087   0.478   1.00 19.62 ? 97  TYR A C    1 
ATOM   456  O  O    . TYR A 1 70  ? 14.890  2.613   -0.595  1.00 17.79 ? 97  TYR A O    1 
ATOM   457  C  CB   . TYR A 1 70  ? 14.636  2.249   2.775   1.00 20.36 ? 97  TYR A CB   1 
ATOM   458  C  CG   . TYR A 1 70  ? 13.303  1.716   2.280   1.00 18.18 ? 97  TYR A CG   1 
ATOM   459  C  CD1  . TYR A 1 70  ? 13.071  0.352   2.162   1.00 19.85 ? 97  TYR A CD1  1 
ATOM   460  C  CD2  . TYR A 1 70  ? 12.318  2.562   1.870   1.00 17.41 ? 97  TYR A CD2  1 
ATOM   461  C  CE1  . TYR A 1 70  ? 11.857  -0.150  1.653   1.00 18.82 ? 97  TYR A CE1  1 
ATOM   462  C  CE2  . TYR A 1 70  ? 11.098  2.088   1.396   1.00 18.43 ? 97  TYR A CE2  1 
ATOM   463  C  CZ   . TYR A 1 70  ? 10.874  0.737   1.225   1.00 19.49 ? 97  TYR A CZ   1 
ATOM   464  O  OH   . TYR A 1 70  ? 9.662   0.295   0.645   1.00 20.69 ? 97  TYR A OH   1 
ATOM   465  N  N    . TYR A 1 71  ? 15.364  4.396   0.702   1.00 19.23 ? 98  TYR A N    1 
ATOM   466  C  CA   . TYR A 1 71  ? 14.926  5.349   -0.276  1.00 19.13 ? 98  TYR A CA   1 
ATOM   467  C  C    . TYR A 1 71  ? 16.027  5.670   -1.328  1.00 20.64 ? 98  TYR A C    1 
ATOM   468  O  O    . TYR A 1 71  ? 15.750  6.341   -2.275  1.00 20.00 ? 98  TYR A O    1 
ATOM   469  C  CB   . TYR A 1 71  ? 14.387  6.607   0.369   1.00 20.52 ? 98  TYR A CB   1 
ATOM   470  C  CG   . TYR A 1 71  ? 13.133  6.368   1.139   1.00 20.77 ? 98  TYR A CG   1 
ATOM   471  C  CD1  . TYR A 1 71  ? 11.951  6.131   0.480   1.00 21.25 ? 98  TYR A CD1  1 
ATOM   472  C  CD2  . TYR A 1 71  ? 13.118  6.390   2.575   1.00 20.09 ? 98  TYR A CD2  1 
ATOM   473  C  CE1  . TYR A 1 71  ? 10.756  5.872   1.183   1.00 19.82 ? 98  TYR A CE1  1 
ATOM   474  C  CE2  . TYR A 1 71  ? 11.934  6.172   3.256   1.00 20.76 ? 98  TYR A CE2  1 
ATOM   475  C  CZ   . TYR A 1 71  ? 10.747  5.919   2.570   1.00 20.80 ? 98  TYR A CZ   1 
ATOM   476  O  OH   . TYR A 1 71  ? 9.524   5.719   3.183   1.00 19.34 ? 98  TYR A OH   1 
ATOM   477  N  N    . LYS A 1 72  ? 17.208  5.090   -1.189  1.00 19.54 ? 99  LYS A N    1 
ATOM   478  C  CA   . LYS A 1 72  ? 18.141  4.968   -2.346  1.00 22.24 ? 99  LYS A CA   1 
ATOM   479  C  C    . LYS A 1 72  ? 17.677  3.980   -3.395  1.00 21.81 ? 99  LYS A C    1 
ATOM   480  O  O    . LYS A 1 72  ? 17.871  4.176   -4.567  1.00 21.03 ? 99  LYS A O    1 
ATOM   481  C  CB   . LYS A 1 72  ? 19.559  4.597   -1.867  1.00 24.59 ? 99  LYS A CB   1 
ATOM   482  C  CG   . LYS A 1 72  ? 20.108  5.619   -0.865  1.00 23.75 ? 99  LYS A CG   1 
ATOM   483  C  CD   . LYS A 1 72  ? 21.507  5.250   -0.431  1.00 24.30 ? 99  LYS A CD   1 
ATOM   484  C  CE   . LYS A 1 72  ? 21.980  6.140   0.714   1.00 24.72 ? 99  LYS A CE   1 
ATOM   485  N  NZ   . LYS A 1 72  ? 23.459  6.021   0.899   1.00 26.82 ? 99  LYS A NZ   1 
ATOM   486  N  N    . ILE A 1 73  ? 17.118  2.878   -2.949  1.00 23.27 ? 100 ILE A N    1 
ATOM   487  C  CA   . ILE A 1 73  ? 16.561  1.867   -3.822  1.00 21.86 ? 100 ILE A CA   1 
ATOM   488  C  C    . ILE A 1 73  ? 15.087  2.111   -4.216  1.00 21.54 ? 100 ILE A C    1 
ATOM   489  O  O    . ILE A 1 73  ? 14.737  1.849   -5.336  1.00 21.20 ? 100 ILE A O    1 
ATOM   490  C  CB   . ILE A 1 73  ? 16.746  0.500   -3.110  1.00 22.29 ? 100 ILE A CB   1 
ATOM   491  C  CG1  . ILE A 1 73  ? 18.275  0.213   -2.997  1.00 22.64 ? 100 ILE A CG1  1 
ATOM   492  C  CG2  . ILE A 1 73  ? 16.034  -0.637  -3.830  1.00 23.28 ? 100 ILE A CG2  1 
ATOM   493  C  CD1  . ILE A 1 73  ? 18.560  -0.914  -2.049  1.00 27.84 ? 100 ILE A CD1  1 
ATOM   494  N  N    . ILE A 1 74  ? 14.223  2.541   -3.290  1.00 19.50 ? 101 ILE A N    1 
ATOM   495  C  CA   . ILE A 1 74  ? 12.804  2.655   -3.546  1.00 19.62 ? 101 ILE A CA   1 
ATOM   496  C  C    . ILE A 1 74  ? 12.464  4.128   -3.754  1.00 21.16 ? 101 ILE A C    1 
ATOM   497  O  O    . ILE A 1 74  ? 12.547  4.942   -2.826  1.00 20.09 ? 101 ILE A O    1 
ATOM   498  C  CB   . ILE A 1 74  ? 11.959  2.049   -2.375  1.00 20.46 ? 101 ILE A CB   1 
ATOM   499  C  CG1  . ILE A 1 74  ? 12.235  0.539   -2.229  1.00 20.05 ? 101 ILE A CG1  1 
ATOM   500  C  CG2  . ILE A 1 74  ? 10.457  2.308   -2.572  1.00 18.74 ? 101 ILE A CG2  1 
ATOM   501  C  CD1  . ILE A 1 74  ? 12.041  -0.299  -3.480  1.00 20.26 ? 101 ILE A CD1  1 
ATOM   502  N  N    . LYS A 1 75  ? 12.086  4.455   -4.978  1.00 20.37 ? 102 LYS A N    1 
ATOM   503  C  CA   . LYS A 1 75  ? 11.787  5.851   -5.407  1.00 20.59 ? 102 LYS A CA   1 
ATOM   504  C  C    . LYS A 1 75  ? 10.276  6.097   -5.527  1.00 22.81 ? 102 LYS A C    1 
ATOM   505  O  O    . LYS A 1 75  ? 9.849   7.269   -5.623  1.00 21.71 ? 102 LYS A O    1 
ATOM   506  C  CB   . LYS A 1 75  ? 12.491  6.159   -6.785  1.00 20.60 ? 102 LYS A CB   1 
ATOM   507  C  CG   . LYS A 1 75  ? 14.007  6.039   -6.783  1.00 22.11 ? 102 LYS A CG   1 
ATOM   508  C  CD   . LYS A 1 75  ? 14.641  6.739   -5.575  1.00 23.82 ? 102 LYS A CD   1 
ATOM   509  C  CE   . LYS A 1 75  ? 16.155  6.797   -5.701  1.00 25.03 ? 102 LYS A CE   1 
ATOM   510  N  NZ   . LYS A 1 75  ? 16.783  7.489   -4.521  1.00 22.38 ? 102 LYS A NZ   1 
ATOM   511  N  N    . THR A 1 76  ? 9.465   5.016   -5.508  1.00 20.69 ? 103 THR A N    1 
ATOM   512  C  CA   . THR A 1 76  ? 8.018   5.134   -5.569  1.00 21.78 ? 103 THR A CA   1 
ATOM   513  C  C    . THR A 1 76  ? 7.444   4.408   -4.369  1.00 20.90 ? 103 THR A C    1 
ATOM   514  O  O    . THR A 1 76  ? 6.857   3.335   -4.518  1.00 21.46 ? 103 THR A O    1 
ATOM   515  C  CB   . THR A 1 76  ? 7.463   4.561   -6.897  1.00 24.26 ? 103 THR A CB   1 
ATOM   516  O  OG1  . THR A 1 76  ? 8.166   5.168   -7.988  1.00 27.96 ? 103 THR A OG1  1 
ATOM   517  C  CG2  . THR A 1 76  ? 6.000   4.898   -7.070  1.00 25.98 ? 103 THR A CG2  1 
ATOM   518  N  N    . PRO A 1 77  ? 7.606   4.987   -3.181  1.00 21.33 ? 104 PRO A N    1 
ATOM   519  C  CA   . PRO A 1 77  ? 7.159   4.280   -1.983  1.00 23.14 ? 104 PRO A CA   1 
ATOM   520  C  C    . PRO A 1 77  ? 5.642   4.239   -1.878  1.00 21.64 ? 104 PRO A C    1 
ATOM   521  O  O    . PRO A 1 77  ? 4.940   5.128   -2.390  1.00 17.47 ? 104 PRO A O    1 
ATOM   522  C  CB   . PRO A 1 77  ? 7.754   5.097   -0.806  1.00 24.48 ? 104 PRO A CB   1 
ATOM   523  C  CG   . PRO A 1 77  ? 8.140   6.378   -1.368  1.00 24.51 ? 104 PRO A CG   1 
ATOM   524  C  CD   . PRO A 1 77  ? 8.372   6.198   -2.839  1.00 23.63 ? 104 PRO A CD   1 
ATOM   525  N  N    . MET A 1 78  ? 5.139   3.218   -1.203  1.00 19.93 ? 105 MET A N    1 
ATOM   526  C  CA   . MET A 1 78  ? 3.684   3.103   -0.982  1.00 20.41 ? 105 MET A CA   1 
ATOM   527  C  C    . MET A 1 78  ? 3.419   2.223   0.179   1.00 19.24 ? 105 MET A C    1 
ATOM   528  O  O    . MET A 1 78  ? 4.186   1.319   0.455   1.00 18.47 ? 105 MET A O    1 
ATOM   529  C  CB   . MET A 1 78  ? 2.951   2.557   -2.214  1.00 20.54 ? 105 MET A CB   1 
ATOM   530  C  CG   . MET A 1 78  ? 1.407   2.691   -2.198  1.00 19.95 ? 105 MET A CG   1 
ATOM   531  S  SD   . MET A 1 78  ? 0.728   4.274   -1.668  1.00 19.82 ? 105 MET A SD   1 
ATOM   532  C  CE   . MET A 1 78  ? 1.495   5.390   -2.885  1.00 20.16 ? 105 MET A CE   1 
ATOM   533  N  N    . ASP A 1 79  ? 2.329   2.489   0.876   1.00 20.33 ? 106 ASP A N    1 
ATOM   534  C  CA   . ASP A 1 79  ? 1.973   1.714   2.068   1.00 18.43 ? 106 ASP A CA   1 
ATOM   535  C  C    . ASP A 1 79  ? 0.499   1.746   2.277   1.00 20.66 ? 106 ASP A C    1 
ATOM   536  O  O    . ASP A 1 79  ? -0.179  2.550   1.659   1.00 17.67 ? 106 ASP A O    1 
ATOM   537  C  CB   . ASP A 1 79  ? 2.644   2.325   3.268   1.00 20.16 ? 106 ASP A CB   1 
ATOM   538  C  CG   . ASP A 1 79  ? 2.171   3.714   3.556   1.00 20.58 ? 106 ASP A CG   1 
ATOM   539  O  OD1  . ASP A 1 79  ? 2.670   4.632   2.915   1.00 19.95 ? 106 ASP A OD1  1 
ATOM   540  O  OD2  . ASP A 1 79  ? 1.310   3.897   4.451   1.00 20.79 ? 106 ASP A OD2  1 
ATOM   541  N  N    . MET A 1 80  ? -0.001  0.919   3.202   1.00 19.64 ? 107 MET A N    1 
ATOM   542  C  CA   . MET A 1 80  ? -1.426  0.837   3.447   1.00 21.61 ? 107 MET A CA   1 
ATOM   543  C  C    . MET A 1 80  ? -1.982  2.020   4.200   1.00 18.58 ? 107 MET A C    1 
ATOM   544  O  O    . MET A 1 80  ? -3.138  2.297   4.058   1.00 19.22 ? 107 MET A O    1 
ATOM   545  C  CB   . MET A 1 80  ? -1.840  -0.478  4.092   1.00 22.07 ? 107 MET A CB   1 
ATOM   546  C  CG   . MET A 1 80  ? -1.606  -1.687  3.243   1.00 23.94 ? 107 MET A CG   1 
ATOM   547  S  SD   . MET A 1 80  ? -2.596  -3.114  3.804   1.00 24.82 ? 107 MET A SD   1 
ATOM   548  C  CE   . MET A 1 80  ? -1.813  -3.271  5.414   1.00 25.77 ? 107 MET A CE   1 
ATOM   549  N  N    . GLY A 1 81  ? -1.172  2.739   4.962   1.00 19.48 ? 108 GLY A N    1 
ATOM   550  C  CA   . GLY A 1 81  ? -1.654  3.930   5.656   1.00 20.04 ? 108 GLY A CA   1 
ATOM   551  C  C    . GLY A 1 81  ? -2.024  4.971   4.615   1.00 21.56 ? 108 GLY A C    1 
ATOM   552  O  O    . GLY A 1 81  ? -3.084  5.614   4.695   1.00 23.71 ? 108 GLY A O    1 
ATOM   553  N  N    . THR A 1 82  ? -1.109  5.147   3.638   1.00 18.90 ? 109 THR A N    1 
ATOM   554  C  CA   . THR A 1 82  ? -1.337  6.047   2.537   1.00 17.78 ? 109 THR A CA   1 
ATOM   555  C  C    . THR A 1 82  ? -2.584  5.592   1.714   1.00 16.63 ? 109 THR A C    1 
ATOM   556  O  O    . THR A 1 82  ? -3.469  6.412   1.398   1.00 16.42 ? 109 THR A O    1 
ATOM   557  C  CB   . THR A 1 82  ? -0.098  6.140   1.648   1.00 17.22 ? 109 THR A CB   1 
ATOM   558  O  OG1  . THR A 1 82  ? 0.979   6.721   2.383   1.00 18.87 ? 109 THR A OG1  1 
ATOM   559  C  CG2  . THR A 1 82  ? -0.323  7.042   0.439   1.00 17.07 ? 109 THR A CG2  1 
ATOM   560  N  N    . ILE A 1 83  ? -2.655  4.313   1.387   1.00 15.84 ? 110 ILE A N    1 
ATOM   561  C  CA   . ILE A 1 83  ? -3.815  3.807   0.656   1.00 18.64 ? 110 ILE A CA   1 
ATOM   562  C  C    . ILE A 1 83  ? -5.167  4.084   1.377   1.00 19.63 ? 110 ILE A C    1 
ATOM   563  O  O    . ILE A 1 83  ? -6.181  4.513   0.778   1.00 17.63 ? 110 ILE A O    1 
ATOM   564  C  CB   . ILE A 1 83  ? -3.668  2.315   0.260   1.00 18.74 ? 110 ILE A CB   1 
ATOM   565  C  CG1  . ILE A 1 83  ? -2.503  2.125   -0.710  1.00 20.58 ? 110 ILE A CG1  1 
ATOM   566  C  CG2  . ILE A 1 83  ? -4.997  1.806   -0.339  1.00 19.32 ? 110 ILE A CG2  1 
ATOM   567  C  CD1  . ILE A 1 83  ? -2.056  0.699   -0.884  1.00 19.87 ? 110 ILE A CD1  1 
ATOM   568  N  N    . LYS A 1 84  ? -5.190  3.773   2.664   1.00 21.34 ? 111 LYS A N    1 
ATOM   569  C  CA   . LYS A 1 84  ? -6.381  3.952   3.492   1.00 21.55 ? 111 LYS A CA   1 
ATOM   570  C  C    . LYS A 1 84  ? -6.855  5.394   3.470   1.00 21.48 ? 111 LYS A C    1 
ATOM   571  O  O    . LYS A 1 84  ? -8.016  5.672   3.290   1.00 23.58 ? 111 LYS A O    1 
ATOM   572  C  CB   . LYS A 1 84  ? -6.042  3.552   4.910   1.00 22.96 ? 111 LYS A CB   1 
ATOM   573  C  CG   . LYS A 1 84  ? -7.217  3.703   5.884   1.00 26.90 ? 111 LYS A CG   1 
ATOM   574  C  CD   . LYS A 1 84  ? -7.008  2.848   7.133   1.00 31.20 ? 111 LYS A CD   1 
ATOM   575  C  CE   . LYS A 1 84  ? -8.202  2.967   8.049   1.00 33.46 ? 111 LYS A CE   1 
ATOM   576  N  NZ   . LYS A 1 84  ? -8.137  4.342   8.639   1.00 36.99 ? 111 LYS A NZ   1 
ATOM   577  N  N    . LYS A 1 85  ? -5.929  6.322   3.610   1.00 22.96 ? 112 LYS A N    1 
ATOM   578  C  CA   . LYS A 1 85  ? -6.253  7.705   3.581   1.00 24.31 ? 112 LYS A CA   1 
ATOM   579  C  C    . LYS A 1 85  ? -6.731  8.168   2.176   1.00 23.60 ? 112 LYS A C    1 
ATOM   580  O  O    . LYS A 1 85  ? -7.637  9.007   2.075   1.00 21.99 ? 112 LYS A O    1 
ATOM   581  C  CB   . LYS A 1 85  ? -5.038  8.478   4.103   1.00 28.35 ? 112 LYS A CB   1 
ATOM   582  C  CG   . LYS A 1 85  ? -5.245  9.955   4.367   1.00 35.35 ? 112 LYS A CG   1 
ATOM   583  C  CD   . LYS A 1 85  ? -6.161  10.161  5.563   1.00 40.62 ? 112 LYS A CD   1 
ATOM   584  C  CE   . LYS A 1 85  ? -5.671  11.303  6.415   1.00 46.48 ? 112 LYS A CE   1 
ATOM   585  N  NZ   . LYS A 1 85  ? -6.856  11.886  7.050   1.00 46.47 ? 112 LYS A NZ   1 
ATOM   586  N  N    . ARG A 1 86  ? -6.111  7.661   1.102   1.00 22.44 ? 113 ARG A N    1 
ATOM   587  C  CA   . ARG A 1 86  ? -6.492  8.005   -0.257  1.00 21.01 ? 113 ARG A CA   1 
ATOM   588  C  C    . ARG A 1 86  ? -7.936  7.489   -0.470  1.00 21.98 ? 113 ARG A C    1 
ATOM   589  O  O    . ARG A 1 86  ? -8.814  8.207   -0.890  1.00 22.65 ? 113 ARG A O    1 
ATOM   590  C  CB   . ARG A 1 86  ? -5.507  7.389   -1.290  1.00 20.60 ? 113 ARG A CB   1 
ATOM   591  C  CG   . ARG A 1 86  ? -4.160  8.061   -1.341  1.00 21.14 ? 113 ARG A CG   1 
ATOM   592  C  CD   . ARG A 1 86  ? -3.242  7.397   -2.339  1.00 21.60 ? 113 ARG A CD   1 
ATOM   593  N  NE   . ARG A 1 86  ? -2.093  8.247   -2.547  1.00 20.53 ? 113 ARG A NE   1 
ATOM   594  C  CZ   . ARG A 1 86  ? -1.179  8.134   -3.497  1.00 21.17 ? 113 ARG A CZ   1 
ATOM   595  N  NH1  . ARG A 1 86  ? -1.211  7.132   -4.371  1.00 21.07 ? 113 ARG A NH1  1 
ATOM   596  N  NH2  . ARG A 1 86  ? -0.190  9.027   -3.534  1.00 20.48 ? 113 ARG A NH2  1 
ATOM   597  N  N    . LEU A 1 87  ? -8.199  6.251   -0.092  1.00 23.52 ? 114 LEU A N    1 
ATOM   598  C  CA   . LEU A 1 87  ? -9.581  5.721   -0.164  1.00 25.81 ? 114 LEU A CA   1 
ATOM   599  C  C    . LEU A 1 87  ? -10.551 6.554   0.667   1.00 27.14 ? 114 LEU A C    1 
ATOM   600  O  O    . LEU A 1 87  ? -11.589 6.900   0.145   1.00 23.28 ? 114 LEU A O    1 
ATOM   601  C  CB   . LEU A 1 87  ? -9.676  4.243   0.260   1.00 24.28 ? 114 LEU A CB   1 
ATOM   602  C  CG   . LEU A 1 87  ? -9.053  3.248   -0.761  1.00 23.71 ? 114 LEU A CG   1 
ATOM   603  C  CD1  . LEU A 1 87  ? -8.841  1.871   -0.119  1.00 23.10 ? 114 LEU A CD1  1 
ATOM   604  C  CD2  . LEU A 1 87  ? -9.916  3.145   -2.032  1.00 23.32 ? 114 LEU A CD2  1 
ATOM   605  N  N    . GLU A 1 88  ? -10.222 6.872   1.933   1.00 25.41 ? 115 GLU A N    1 
ATOM   606  C  CA   . GLU A 1 88  ? -11.124 7.676   2.762   1.00 24.01 ? 115 GLU A CA   1 
ATOM   607  C  C    . GLU A 1 88  ? -11.378 9.064   2.194   1.00 26.08 ? 115 GLU A C    1 
ATOM   608  O  O    . GLU A 1 88  ? -12.491 9.555   2.294   1.00 27.75 ? 115 GLU A O    1 
ATOM   609  C  CB   . GLU A 1 88  ? -10.620 7.848   4.179   1.00 25.46 ? 115 GLU A CB   1 
ATOM   610  C  CG   . GLU A 1 88  ? -10.645 6.574   5.006   1.00 28.78 ? 115 GLU A CG   1 
ATOM   611  C  CD   . GLU A 1 88  ? -9.766  6.637   6.256   1.00 30.50 ? 115 GLU A CD   1 
ATOM   612  O  OE1  . GLU A 1 88  ? -8.895  7.541   6.389   1.00 32.75 ? 115 GLU A OE1  1 
ATOM   613  O  OE2  . GLU A 1 88  ? -9.906  5.727   7.105   1.00 33.12 ? 115 GLU A OE2  1 
ATOM   614  N  N    . ASN A 1 89  ? -10.368 9.691   1.580   1.00 25.67 ? 116 ASN A N    1 
ATOM   615  C  CA   . ASN A 1 89  ? -10.548 10.982  0.864   1.00 26.04 ? 116 ASN A CA   1 
ATOM   616  C  C    . ASN A 1 89  ? -11.102 10.953  -0.588  1.00 24.72 ? 116 ASN A C    1 
ATOM   617  O  O    . ASN A 1 89  ? -11.085 12.010  -1.262  1.00 26.06 ? 116 ASN A O    1 
ATOM   618  C  CB   . ASN A 1 89  ? -9.175  11.733  0.780   1.00 26.09 ? 116 ASN A CB   1 
ATOM   619  C  CG   . ASN A 1 89  ? -8.661  12.212  2.140   1.00 29.93 ? 116 ASN A CG   1 
ATOM   620  O  OD1  . ASN A 1 89  ? -9.435  12.491  3.015   1.00 32.02 ? 116 ASN A OD1  1 
ATOM   621  N  ND2  . ASN A 1 89  ? -7.340  12.428  2.247   1.00 32.00 ? 116 ASN A ND2  1 
ATOM   622  N  N    . ASN A 1 90  ? -11.449 9.771   -1.100  1.00 23.81 ? 117 ASN A N    1 
ATOM   623  C  CA   . ASN A 1 90  ? -11.811 9.564   -2.534  1.00 26.55 ? 117 ASN A CA   1 
ATOM   624  C  C    . ASN A 1 90  ? -10.816 10.164  -3.476  1.00 25.02 ? 117 ASN A C    1 
ATOM   625  O  O    . ASN A 1 90  ? -11.203 10.853  -4.404  1.00 26.57 ? 117 ASN A O    1 
ATOM   626  C  CB   . ASN A 1 90  ? -13.231 10.105  -2.823  1.00 24.73 ? 117 ASN A CB   1 
ATOM   627  C  CG   . ASN A 1 90  ? -14.245 9.523   -1.837  1.00 28.15 ? 117 ASN A CG   1 
ATOM   628  O  OD1  . ASN A 1 90  ? -14.899 10.238  -1.101  1.00 29.18 ? 117 ASN A OD1  1 
ATOM   629  N  ND2  . ASN A 1 90  ? -14.297 8.235   -1.764  1.00 27.44 ? 117 ASN A ND2  1 
ATOM   630  N  N    . TYR A 1 91  ? -9.528  9.892   -3.215  1.00 23.80 ? 118 TYR A N    1 
ATOM   631  C  CA   . TYR A 1 91  ? -8.416  10.323  -4.069  1.00 21.37 ? 118 TYR A CA   1 
ATOM   632  C  C    . TYR A 1 91  ? -8.379  9.738   -5.477  1.00 20.87 ? 118 TYR A C    1 
ATOM   633  O  O    . TYR A 1 91  ? -7.730  10.313  -6.435  1.00 20.65 ? 118 TYR A O    1 
ATOM   634  C  CB   . TYR A 1 91  ? -7.078  9.939   -3.337  1.00 21.02 ? 118 TYR A CB   1 
ATOM   635  C  CG   . TYR A 1 91  ? -5.779  10.227  -4.059  1.00 22.85 ? 118 TYR A CG   1 
ATOM   636  C  CD1  . TYR A 1 91  ? -5.167  11.474  -3.952  1.00 21.60 ? 118 TYR A CD1  1 
ATOM   637  C  CD2  . TYR A 1 91  ? -5.117  9.232   -4.811  1.00 21.68 ? 118 TYR A CD2  1 
ATOM   638  C  CE1  . TYR A 1 91  ? -3.975  11.745  -4.559  1.00 21.87 ? 118 TYR A CE1  1 
ATOM   639  C  CE2  . TYR A 1 91  ? -3.919  9.498   -5.419  1.00 22.29 ? 118 TYR A CE2  1 
ATOM   640  C  CZ   . TYR A 1 91  ? -3.352  10.732  -5.301  1.00 23.49 ? 118 TYR A CZ   1 
ATOM   641  O  OH   . TYR A 1 91  ? -2.150  11.039  -5.857  1.00 25.50 ? 118 TYR A OH   1 
ATOM   642  N  N    . TYR A 1 92  ? -8.921  8.537   -5.599  1.00 20.87 ? 119 TYR A N    1 
ATOM   643  C  CA   . TYR A 1 92  ? -8.782  7.778   -6.841  1.00 20.60 ? 119 TYR A CA   1 
ATOM   644  C  C    . TYR A 1 92  ? -9.931  8.061   -7.815  1.00 22.24 ? 119 TYR A C    1 
ATOM   645  O  O    . TYR A 1 92  ? -11.011 8.443   -7.396  1.00 21.42 ? 119 TYR A O    1 
ATOM   646  C  CB   . TYR A 1 92  ? -8.768  6.307   -6.553  1.00 21.38 ? 119 TYR A CB   1 
ATOM   647  C  CG   . TYR A 1 92  ? -7.652  5.818   -5.650  1.00 20.81 ? 119 TYR A CG   1 
ATOM   648  C  CD1  . TYR A 1 92  ? -6.359  5.723   -6.116  1.00 21.87 ? 119 TYR A CD1  1 
ATOM   649  C  CD2  . TYR A 1 92  ? -7.923  5.412   -4.346  1.00 20.88 ? 119 TYR A CD2  1 
ATOM   650  C  CE1  . TYR A 1 92  ? -5.344  5.248   -5.300  1.00 21.65 ? 119 TYR A CE1  1 
ATOM   651  C  CE2  . TYR A 1 92  ? -6.921  4.931   -3.530  1.00 19.69 ? 119 TYR A CE2  1 
ATOM   652  C  CZ   . TYR A 1 92  ? -5.653  4.798   -4.019  1.00 20.46 ? 119 TYR A CZ   1 
ATOM   653  O  OH   . TYR A 1 92  ? -4.688  4.301   -3.200  1.00 20.10 ? 119 TYR A OH   1 
ATOM   654  N  N    . TRP A 1 93  ? -9.657  7.893   -9.113  1.00 23.40 ? 120 TRP A N    1 
ATOM   655  C  CA   . TRP A 1 93  ? -10.685 7.914   -10.162 1.00 22.92 ? 120 TRP A CA   1 
ATOM   656  C  C    . TRP A 1 93  ? -11.322 6.554   -10.335 1.00 26.66 ? 120 TRP A C    1 
ATOM   657  O  O    . TRP A 1 93  ? -12.530 6.448   -10.549 1.00 26.13 ? 120 TRP A O    1 
ATOM   658  C  CB   . TRP A 1 93  ? -10.069 8.381   -11.473 1.00 22.18 ? 120 TRP A CB   1 
ATOM   659  C  CG   . TRP A 1 93  ? -11.059 8.555   -12.565 1.00 23.20 ? 120 TRP A CG   1 
ATOM   660  C  CD1  . TRP A 1 93  ? -11.326 7.679   -13.560 1.00 23.57 ? 120 TRP A CD1  1 
ATOM   661  C  CD2  . TRP A 1 93  ? -11.951 9.669   -12.756 1.00 22.49 ? 120 TRP A CD2  1 
ATOM   662  N  NE1  . TRP A 1 93  ? -12.298 8.160   -14.369 1.00 23.90 ? 120 TRP A NE1  1 
ATOM   663  C  CE2  . TRP A 1 93  ? -12.728 9.370   -13.905 1.00 21.78 ? 120 TRP A CE2  1 
ATOM   664  C  CE3  . TRP A 1 93  ? -12.184 10.861  -12.060 1.00 20.61 ? 120 TRP A CE3  1 
ATOM   665  C  CZ2  . TRP A 1 93  ? -13.677 10.246  -14.420 1.00 21.65 ? 120 TRP A CZ2  1 
ATOM   666  C  CZ3  . TRP A 1 93  ? -13.134 11.739  -12.563 1.00 23.47 ? 120 TRP A CZ3  1 
ATOM   667  C  CH2  . TRP A 1 93  ? -13.889 11.419  -13.737 1.00 20.42 ? 120 TRP A CH2  1 
ATOM   668  N  N    . ASN A 1 94  ? -10.532 5.483   -10.195 1.00 25.85 ? 121 ASN A N    1 
ATOM   669  C  CA   . ASN A 1 94  ? -11.095 4.155   -10.324 1.00 25.51 ? 121 ASN A CA   1 
ATOM   670  C  C    . ASN A 1 94  ? -10.326 3.112   -9.456  1.00 26.91 ? 121 ASN A C    1 
ATOM   671  O  O    . ASN A 1 94  ? -9.259  3.413   -8.905  1.00 25.28 ? 121 ASN A O    1 
ATOM   672  C  CB   . ASN A 1 94  ? -11.167 3.731   -11.801 1.00 23.92 ? 121 ASN A CB   1 
ATOM   673  C  CG   . ASN A 1 94  ? -9.833  3.656   -12.479 1.00 26.45 ? 121 ASN A CG   1 
ATOM   674  O  OD1  . ASN A 1 94  ? -8.749  3.493   -11.863 1.00 27.25 ? 121 ASN A OD1  1 
ATOM   675  N  ND2  . ASN A 1 94  ? -9.886  3.759   -13.768 1.00 26.86 ? 121 ASN A ND2  1 
ATOM   676  N  N    . ALA A 1 95  ? -10.896 1.923   -9.358  1.00 27.76 ? 122 ALA A N    1 
ATOM   677  C  CA   . ALA A 1 95  ? -10.306 0.828   -8.602  1.00 28.30 ? 122 ALA A CA   1 
ATOM   678  C  C    . ALA A 1 95  ? -8.894  0.490   -9.105  1.00 26.27 ? 122 ALA A C    1 
ATOM   679  O  O    . ALA A 1 95  ? -8.010  0.223   -8.312  1.00 22.25 ? 122 ALA A O    1 
ATOM   680  C  CB   . ALA A 1 95  ? -11.214 -0.391  -8.677  1.00 32.10 ? 122 ALA A CB   1 
ATOM   681  N  N    . GLN A 1 96  ? -8.659  0.571   -10.410 1.00 25.44 ? 123 GLN A N    1 
ATOM   682  C  CA   . GLN A 1 96  ? -7.383  0.199   -10.995 1.00 28.09 ? 123 GLN A CA   1 
ATOM   683  C  C    . GLN A 1 96  ? -6.236  1.037   -10.401 1.00 28.67 ? 123 GLN A C    1 
ATOM   684  O  O    . GLN A 1 96  ? -5.137  0.521   -10.200 1.00 23.51 ? 123 GLN A O    1 
ATOM   685  C  CB   . GLN A 1 96  ? -7.449  0.343   -12.527 1.00 33.44 ? 123 GLN A CB   1 
ATOM   686  C  CG   . GLN A 1 96  ? -6.129  0.311   -13.277 1.00 41.53 ? 123 GLN A CG   1 
ATOM   687  C  CD   . GLN A 1 96  ? -5.423  -1.012  -13.084 1.00 58.05 ? 123 GLN A CD   1 
ATOM   688  O  OE1  . GLN A 1 96  ? -5.984  -2.072  -13.392 1.00 69.39 ? 123 GLN A OE1  1 
ATOM   689  N  NE2  . GLN A 1 96  ? -4.207  -0.972  -12.526 1.00 62.64 ? 123 GLN A NE2  1 
ATOM   690  N  N    . GLU A 1 97  ? -6.487  2.331   -10.165 1.00 25.70 ? 124 GLU A N    1 
ATOM   691  C  CA   . GLU A 1 97  ? -5.464  3.205   -9.549  1.00 24.95 ? 124 GLU A CA   1 
ATOM   692  C  C    . GLU A 1 97  ? -5.079  2.733   -8.137  1.00 21.83 ? 124 GLU A C    1 
ATOM   693  O  O    . GLU A 1 97  ? -3.911  2.737   -7.765  1.00 21.49 ? 124 GLU A O    1 
ATOM   694  C  CB   . GLU A 1 97  ? -5.934  4.647   -9.514  1.00 24.67 ? 124 GLU A CB   1 
ATOM   695  C  CG   . GLU A 1 97  ? -5.829  5.388   -10.828 1.00 29.24 ? 124 GLU A CG   1 
ATOM   696  C  CD   . GLU A 1 97  ? -6.476  6.792   -10.788 1.00 29.98 ? 124 GLU A CD   1 
ATOM   697  O  OE1  . GLU A 1 97  ? -6.974  7.237   -9.735  1.00 24.80 ? 124 GLU A OE1  1 
ATOM   698  O  OE2  . GLU A 1 97  ? -6.476  7.474   -11.823 1.00 30.63 ? 124 GLU A OE2  1 
ATOM   699  N  N    . CYS A 1 98  ? -6.082  2.371   -7.370  1.00 20.66 ? 125 CYS A N    1 
ATOM   700  C  CA   . CYS A 1 98  ? -5.891  1.867   -6.022  1.00 21.21 ? 125 CYS A CA   1 
ATOM   701  C  C    . CYS A 1 98  ? -5.128  0.523   -6.032  1.00 23.48 ? 125 CYS A C    1 
ATOM   702  O  O    . CYS A 1 98  ? -4.116  0.355   -5.328  1.00 20.56 ? 125 CYS A O    1 
ATOM   703  C  CB   . CYS A 1 98  ? -7.207  1.719   -5.341  1.00 19.89 ? 125 CYS A CB   1 
ATOM   704  S  SG   . CYS A 1 98  ? -7.054  1.091   -3.653  1.00 23.66 ? 125 CYS A SG   1 
ATOM   705  N  N    . ILE A 1 99  ? -5.632  -0.418  -6.828  1.00 21.32 ? 126 ILE A N    1 
ATOM   706  C  CA   . ILE A 1 99  ? -4.934  -1.675  -7.058  1.00 22.77 ? 126 ILE A CA   1 
ATOM   707  C  C    . ILE A 1 99  ? -3.463  -1.469  -7.406  1.00 24.53 ? 126 ILE A C    1 
ATOM   708  O  O    . ILE A 1 99  ? -2.586  -2.174  -6.873  1.00 22.45 ? 126 ILE A O    1 
ATOM   709  C  CB   . ILE A 1 99  ? -5.653  -2.497  -8.141  1.00 25.45 ? 126 ILE A CB   1 
ATOM   710  C  CG1  . ILE A 1 99  ? -6.960  -2.987  -7.573  1.00 26.42 ? 126 ILE A CG1  1 
ATOM   711  C  CG2  . ILE A 1 99  ? -4.777  -3.670  -8.675  1.00 25.30 ? 126 ILE A CG2  1 
ATOM   712  C  CD1  . ILE A 1 99  ? -7.957  -3.365  -8.668  1.00 27.12 ? 126 ILE A CD1  1 
ATOM   713  N  N    . GLN A 1 100 ? -3.157  -0.518  -8.299  1.00 23.25 ? 127 GLN A N    1 
ATOM   714  C  CA   . GLN A 1 100 ? -1.794  -0.232  -8.625  1.00 21.56 ? 127 GLN A CA   1 
ATOM   715  C  C    . GLN A 1 100 ? -0.939  0.178   -7.388  1.00 21.72 ? 127 GLN A C    1 
ATOM   716  O  O    . GLN A 1 100 ? 0.222   -0.182  -7.289  1.00 18.37 ? 127 GLN A O    1 
ATOM   717  C  CB   . GLN A 1 100 ? -1.750  0.833   -9.683  1.00 27.22 ? 127 GLN A CB   1 
ATOM   718  C  CG   . GLN A 1 100 ? -0.371  1.246   -10.162 1.00 33.27 ? 127 GLN A CG   1 
ATOM   719  C  CD   . GLN A 1 100 ? -0.480  2.040   -11.470 1.00 46.85 ? 127 GLN A CD   1 
ATOM   720  O  OE1  . GLN A 1 100 ? -1.034  1.556   -12.480 1.00 57.00 ? 127 GLN A OE1  1 
ATOM   721  N  NE2  . GLN A 1 100 ? 0.013   3.268   -11.460 1.00 54.85 ? 127 GLN A NE2  1 
ATOM   722  N  N    . ASP A 1 101 ? -1.526  0.944   -6.477  1.00 20.88 ? 128 ASP A N    1 
ATOM   723  C  CA   . ASP A 1 101 ? -0.844  1.323   -5.209  1.00 20.92 ? 128 ASP A CA   1 
ATOM   724  C  C    . ASP A 1 101 ? -0.521  0.092   -4.360  1.00 19.95 ? 128 ASP A C    1 
ATOM   725  O  O    . ASP A 1 101 ? 0.583   -0.002  -3.817  1.00 18.75 ? 128 ASP A O    1 
ATOM   726  C  CB   . ASP A 1 101 ? -1.643  2.306   -4.385  1.00 17.62 ? 128 ASP A CB   1 
ATOM   727  C  CG   . ASP A 1 101 ? -1.535  3.757   -4.868  1.00 19.46 ? 128 ASP A CG   1 
ATOM   728  O  OD1  . ASP A 1 101 ? -0.714  4.083   -5.805  1.00 18.56 ? 128 ASP A OD1  1 
ATOM   729  O  OD2  . ASP A 1 101 ? -2.361  4.578   -4.341  1.00 19.20 ? 128 ASP A OD2  1 
ATOM   730  N  N    . PHE A 1 102 ? -1.478  -0.818  -4.219  1.00 19.46 ? 129 PHE A N    1 
ATOM   731  C  CA   . PHE A 1 102 ? -1.186  -2.101  -3.553  1.00 20.20 ? 129 PHE A CA   1 
ATOM   732  C  C    . PHE A 1 102 ? -0.020  -2.836  -4.245  1.00 19.83 ? 129 PHE A C    1 
ATOM   733  O  O    . PHE A 1 102 ? 0.929   -3.329  -3.581  1.00 19.59 ? 129 PHE A O    1 
ATOM   734  C  CB   . PHE A 1 102 ? -2.419  -2.982  -3.553  1.00 20.69 ? 129 PHE A CB   1 
ATOM   735  C  CG   . PHE A 1 102 ? -3.369  -2.711  -2.411  1.00 20.94 ? 129 PHE A CG   1 
ATOM   736  C  CD1  . PHE A 1 102 ? -3.127  -3.218  -1.160  1.00 20.57 ? 129 PHE A CD1  1 
ATOM   737  C  CD2  . PHE A 1 102 ? -4.528  -1.972  -2.612  1.00 21.54 ? 129 PHE A CD2  1 
ATOM   738  C  CE1  . PHE A 1 102 ? -4.016  -2.989  -0.110  1.00 20.93 ? 129 PHE A CE1  1 
ATOM   739  C  CE2  . PHE A 1 102 ? -5.407  -1.746  -1.586  1.00 23.39 ? 129 PHE A CE2  1 
ATOM   740  C  CZ   . PHE A 1 102 ? -5.157  -2.271  -0.329  1.00 21.40 ? 129 PHE A CZ   1 
ATOM   741  N  N    . ASN A 1 103 ? -0.082  -2.942  -5.565  1.00 19.37 ? 130 ASN A N    1 
ATOM   742  C  CA   . ASN A 1 103 ? 0.998   -3.603  -6.319  1.00 22.07 ? 130 ASN A CA   1 
ATOM   743  C  C    . ASN A 1 103 ? 2.361   -2.971  -6.104  1.00 20.70 ? 130 ASN A C    1 
ATOM   744  O  O    . ASN A 1 103 ? 3.363   -3.666  -6.030  1.00 18.51 ? 130 ASN A O    1 
ATOM   745  C  CB   . ASN A 1 103 ? 0.731   -3.573  -7.824  1.00 25.11 ? 130 ASN A CB   1 
ATOM   746  C  CG   . ASN A 1 103 ? 1.830   -4.242  -8.628  1.00 35.30 ? 130 ASN A CG   1 
ATOM   747  O  OD1  . ASN A 1 103 ? 2.631   -3.570  -9.341  1.00 47.15 ? 130 ASN A OD1  1 
ATOM   748  N  ND2  . ASN A 1 103 ? 1.905   -5.574  -8.528  1.00 38.74 ? 130 ASN A ND2  1 
ATOM   749  N  N    . THR A 1 104 ? 2.381   -1.638  -6.105  1.00 20.55 ? 131 THR A N    1 
ATOM   750  C  CA   . THR A 1 104 ? 3.599   -0.886  -5.806  1.00 21.97 ? 131 THR A CA   1 
ATOM   751  C  C    . THR A 1 104 ? 4.153   -1.238  -4.424  1.00 20.18 ? 131 THR A C    1 
ATOM   752  O  O    . THR A 1 104 ? 5.352   -1.439  -4.295  1.00 18.70 ? 131 THR A O    1 
ATOM   753  C  CB   . THR A 1 104 ? 3.375   0.641   -5.963  1.00 21.07 ? 131 THR A CB   1 
ATOM   754  O  OG1  . THR A 1 104 ? 2.966   0.916   -7.310  1.00 22.00 ? 131 THR A OG1  1 
ATOM   755  C  CG2  . THR A 1 104 ? 4.595   1.421   -5.569  1.00 20.81 ? 131 THR A CG2  1 
ATOM   756  N  N    . MET A 1 105 ? 3.279   -1.258  -3.416  1.00 18.91 ? 132 MET A N    1 
ATOM   757  C  CA   . MET A 1 105 ? 3.681   -1.640  -2.056  1.00 17.88 ? 132 MET A CA   1 
ATOM   758  C  C    . MET A 1 105 ? 4.345   -3.014  -2.080  1.00 17.99 ? 132 MET A C    1 
ATOM   759  O  O    . MET A 1 105 ? 5.415   -3.190  -1.549  1.00 17.37 ? 132 MET A O    1 
ATOM   760  C  CB   . MET A 1 105 ? 2.455   -1.677  -1.154  1.00 18.81 ? 132 MET A CB   1 
ATOM   761  C  CG   . MET A 1 105 ? 2.753   -2.031  0.280   1.00 19.99 ? 132 MET A CG   1 
ATOM   762  S  SD   . MET A 1 105 ? 1.334   -1.928  1.338   1.00 20.99 ? 132 MET A SD   1 
ATOM   763  C  CE   . MET A 1 105 ? 0.500   -3.460  0.871   1.00 24.41 ? 132 MET A CE   1 
ATOM   764  N  N    . PHE A 1 106 ? 3.661   -4.030  -2.627  1.00 18.78 ? 133 PHE A N    1 
ATOM   765  C  CA   . PHE A 1 106 ? 4.221   -5.361  -2.573  1.00 19.18 ? 133 PHE A CA   1 
ATOM   766  C  C    . PHE A 1 106 ? 5.499   -5.420  -3.367  1.00 19.90 ? 133 PHE A C    1 
ATOM   767  O  O    . PHE A 1 106 ? 6.448   -6.048  -2.946  1.00 18.56 ? 133 PHE A O    1 
ATOM   768  C  CB   . PHE A 1 106 ? 3.229   -6.432  -3.128  1.00 21.44 ? 133 PHE A CB   1 
ATOM   769  C  CG   . PHE A 1 106 ? 1.979   -6.590  -2.313  1.00 19.66 ? 133 PHE A CG   1 
ATOM   770  C  CD1  . PHE A 1 106 ? 2.025   -6.774  -0.970  1.00 23.57 ? 133 PHE A CD1  1 
ATOM   771  C  CD2  . PHE A 1 106 ? 0.752   -6.453  -2.915  1.00 25.05 ? 133 PHE A CD2  1 
ATOM   772  C  CE1  . PHE A 1 106 ? 0.846   -6.854  -0.218  1.00 23.91 ? 133 PHE A CE1  1 
ATOM   773  C  CE2  . PHE A 1 106 ? -0.400  -6.514  -2.211  1.00 22.40 ? 133 PHE A CE2  1 
ATOM   774  C  CZ   . PHE A 1 106 ? -0.358  -6.741  -0.845  1.00 22.79 ? 133 PHE A CZ   1 
ATOM   775  N  N    . THR A 1 107 ? 5.497   -4.791  -4.548  1.00 18.23 ? 134 THR A N    1 
ATOM   776  C  CA   . THR A 1 107 ? 6.671   -4.856  -5.371  1.00 20.71 ? 134 THR A CA   1 
ATOM   777  C  C    . THR A 1 107 ? 7.890   -4.216  -4.681  1.00 19.51 ? 134 THR A C    1 
ATOM   778  O  O    . THR A 1 107 ? 9.037   -4.711  -4.769  1.00 19.93 ? 134 THR A O    1 
ATOM   779  C  CB   . THR A 1 107 ? 6.393   -4.203  -6.719  1.00 24.50 ? 134 THR A CB   1 
ATOM   780  O  OG1  . THR A 1 107 ? 5.494   -5.045  -7.428  1.00 32.74 ? 134 THR A OG1  1 
ATOM   781  C  CG2  . THR A 1 107 ? 7.607   -4.152  -7.503  1.00 29.08 ? 134 THR A CG2  1 
ATOM   782  N  N    . ASN A 1 108 ? 7.669   -3.071  -4.058  1.00 18.51 ? 135 ASN A N    1 
ATOM   783  C  CA   . ASN A 1 108 ? 8.759   -2.442  -3.374  1.00 17.56 ? 135 ASN A CA   1 
ATOM   784  C  C    . ASN A 1 108 ? 9.416   -3.380  -2.333  1.00 18.82 ? 135 ASN A C    1 
ATOM   785  O  O    . ASN A 1 108 ? 10.649  -3.392  -2.187  1.00 18.05 ? 135 ASN A O    1 
ATOM   786  C  CB   . ASN A 1 108 ? 8.237   -1.219  -2.617  1.00 17.62 ? 135 ASN A CB   1 
ATOM   787  C  CG   . ASN A 1 108 ? 7.903   -0.038  -3.503  1.00 20.31 ? 135 ASN A CG   1 
ATOM   788  O  OD1  . ASN A 1 108 ? 8.318   0.105   -4.692  1.00 19.68 ? 135 ASN A OD1  1 
ATOM   789  N  ND2  . ASN A 1 108 ? 7.182   0.877   -2.886  1.00 19.86 ? 135 ASN A ND2  1 
ATOM   790  N  N    . CYS A 1 109 ? 8.583   -4.053  -1.539  1.00 18.18 ? 136 CYS A N    1 
ATOM   791  C  CA   . CYS A 1 109 ? 9.055   -5.022  -0.569  1.00 18.94 ? 136 CYS A CA   1 
ATOM   792  C  C    . CYS A 1 109 ? 9.947   -6.072  -1.218  1.00 18.97 ? 136 CYS A C    1 
ATOM   793  O  O    . CYS A 1 109 ? 11.035  -6.328  -0.733  1.00 17.84 ? 136 CYS A O    1 
ATOM   794  C  CB   . CYS A 1 109 ? 7.856   -5.697  0.093   1.00 18.78 ? 136 CYS A CB   1 
ATOM   795  S  SG   . CYS A 1 109 ? 8.379   -6.647  1.544   1.00 22.14 ? 136 CYS A SG   1 
ATOM   796  N  N    . TYR A 1 110 ? 9.479   -6.633  -2.329  1.00 19.25 ? 137 TYR A N    1 
ATOM   797  C  CA   . TYR A 1 110 ? 10.235  -7.657  -3.084  1.00 21.18 ? 137 TYR A CA   1 
ATOM   798  C  C    . TYR A 1 110 ? 11.516  -7.103  -3.703  1.00 22.66 ? 137 TYR A C    1 
ATOM   799  O  O    . TYR A 1 110 ? 12.549  -7.778  -3.744  1.00 20.09 ? 137 TYR A O    1 
ATOM   800  C  CB   . TYR A 1 110 ? 9.370   -8.328  -4.214  1.00 20.79 ? 137 TYR A CB   1 
ATOM   801  C  CG   . TYR A 1 110 ? 8.003   -8.890  -3.731  1.00 20.95 ? 137 TYR A CG   1 
ATOM   802  C  CD1  . TYR A 1 110 ? 7.841   -9.387  -2.435  1.00 22.62 ? 137 TYR A CD1  1 
ATOM   803  C  CD2  . TYR A 1 110 ? 6.865   -8.837  -4.568  1.00 21.97 ? 137 TYR A CD2  1 
ATOM   804  C  CE1  . TYR A 1 110 ? 6.612   -9.899  -2.001  1.00 21.53 ? 137 TYR A CE1  1 
ATOM   805  C  CE2  . TYR A 1 110 ? 5.648   -9.338  -4.163  1.00 22.49 ? 137 TYR A CE2  1 
ATOM   806  C  CZ   . TYR A 1 110 ? 5.517   -9.856  -2.862  1.00 23.01 ? 137 TYR A CZ   1 
ATOM   807  O  OH   . TYR A 1 110 ? 4.343   -10.327 -2.408  1.00 23.10 ? 137 TYR A OH   1 
ATOM   808  N  N    . ILE A 1 111 ? 11.469  -5.875  -4.174  1.00 23.61 ? 138 ILE A N    1 
ATOM   809  C  CA   . ILE A 1 111 ? 12.680  -5.201  -4.672  1.00 22.71 ? 138 ILE A CA   1 
ATOM   810  C  C    . ILE A 1 111 ? 13.745  -4.951  -3.598  1.00 22.04 ? 138 ILE A C    1 
ATOM   811  O  O    . ILE A 1 111 ? 14.899  -5.370  -3.738  1.00 21.38 ? 138 ILE A O    1 
ATOM   812  C  CB   . ILE A 1 111 ? 12.393  -3.884  -5.367  1.00 22.59 ? 138 ILE A CB   1 
ATOM   813  C  CG1  . ILE A 1 111 ? 11.661  -4.140  -6.663  1.00 25.24 ? 138 ILE A CG1  1 
ATOM   814  C  CG2  . ILE A 1 111 ? 13.708  -3.189  -5.722  1.00 24.45 ? 138 ILE A CG2  1 
ATOM   815  C  CD1  . ILE A 1 111 ? 11.052  -2.857  -7.252  1.00 28.28 ? 138 ILE A CD1  1 
ATOM   816  N  N    . TYR A 1 112 ? 13.356  -4.348  -2.498  1.00 20.02 ? 139 TYR A N    1 
ATOM   817  C  CA   . TYR A 1 112 ? 14.321  -3.978  -1.486  1.00 20.17 ? 139 TYR A CA   1 
ATOM   818  C  C    . TYR A 1 112 ? 14.906  -5.223  -0.780  1.00 20.78 ? 139 TYR A C    1 
ATOM   819  O  O    . TYR A 1 112 ? 16.069  -5.220  -0.426  1.00 19.24 ? 139 TYR A O    1 
ATOM   820  C  CB   . TYR A 1 112 ? 13.695  -3.023  -0.465  1.00 19.45 ? 139 TYR A CB   1 
ATOM   821  C  CG   . TYR A 1 112 ? 14.655  -2.607  0.637   1.00 21.03 ? 139 TYR A CG   1 
ATOM   822  C  CD1  . TYR A 1 112 ? 15.729  -1.746  0.388   1.00 21.65 ? 139 TYR A CD1  1 
ATOM   823  C  CD2  . TYR A 1 112 ? 14.468  -3.066  1.941   1.00 20.15 ? 139 TYR A CD2  1 
ATOM   824  C  CE1  . TYR A 1 112 ? 16.620  -1.393  1.418   1.00 19.66 ? 139 TYR A CE1  1 
ATOM   825  C  CE2  . TYR A 1 112 ? 15.332  -2.734  2.943   1.00 21.62 ? 139 TYR A CE2  1 
ATOM   826  C  CZ   . TYR A 1 112 ? 16.389  -1.895  2.698   1.00 21.81 ? 139 TYR A CZ   1 
ATOM   827  O  OH   . TYR A 1 112 ? 17.233  -1.613  3.712   1.00 21.87 ? 139 TYR A OH   1 
ATOM   828  N  N    . ASN A 1 113 ? 14.073  -6.235  -0.530  1.00 20.51 ? 140 ASN A N    1 
ATOM   829  C  CA   . ASN A 1 113 ? 14.469  -7.376  0.239   1.00 21.44 ? 140 ASN A CA   1 
ATOM   830  C  C    . ASN A 1 113 ? 14.890  -8.570  -0.622  1.00 23.03 ? 140 ASN A C    1 
ATOM   831  O  O    . ASN A 1 113 ? 15.026  -8.441  -1.841  1.00 24.26 ? 140 ASN A O    1 
ATOM   832  C  CB   . ASN A 1 113 ? 13.375  -7.737  1.201   1.00 22.30 ? 140 ASN A CB   1 
ATOM   833  C  CG   . ASN A 1 113 ? 13.031  -6.610  2.138   1.00 22.03 ? 140 ASN A CG   1 
ATOM   834  O  OD1  . ASN A 1 113 ? 13.777  -6.354  3.098   1.00 22.07 ? 140 ASN A OD1  1 
ATOM   835  N  ND2  . ASN A 1 113 ? 11.910  -5.894  1.860   1.00 19.88 ? 140 ASN A ND2  1 
ATOM   836  N  N    . LYS A 1 114 ? 15.078  -9.738  -0.012  1.00 25.62 ? 141 LYS A N    1 
ATOM   837  C  CA   . LYS A 1 114 ? 15.533  -10.946 -0.730  1.00 28.17 ? 141 LYS A CA   1 
ATOM   838  C  C    . LYS A 1 114 ? 14.509  -12.071 -0.620  1.00 27.08 ? 141 LYS A C    1 
ATOM   839  O  O    . LYS A 1 114 ? 13.785  -12.139 0.387   1.00 20.35 ? 141 LYS A O    1 
ATOM   840  C  CB   . LYS A 1 114 ? 16.890  -11.403 -0.147  1.00 30.38 ? 141 LYS A CB   1 
ATOM   841  C  CG   . LYS A 1 114 ? 17.966  -10.338 -0.179  1.00 37.94 ? 141 LYS A CG   1 
ATOM   842  C  CD   . LYS A 1 114 ? 18.468  -10.089 -1.613  1.00 42.28 ? 141 LYS A CD   1 
ATOM   843  C  CE   . LYS A 1 114 ? 19.370  -8.851  -1.710  1.00 47.53 ? 141 LYS A CE   1 
ATOM   844  N  NZ   . LYS A 1 114 ? 18.657  -7.601  -1.248  1.00 46.91 ? 141 LYS A NZ   1 
ATOM   845  N  N    . PRO A 1 115 ? 14.456  -13.008 -1.632  1.00 26.85 ? 142 PRO A N    1 
ATOM   846  C  CA   . PRO A 1 115 ? 13.523  -14.166 -1.494  1.00 26.08 ? 142 PRO A CA   1 
ATOM   847  C  C    . PRO A 1 115 ? 13.680  -14.874 -0.149  1.00 24.28 ? 142 PRO A C    1 
ATOM   848  O  O    . PRO A 1 115 ? 14.822  -15.061 0.340   1.00 24.62 ? 142 PRO A O    1 
ATOM   849  C  CB   . PRO A 1 115 ? 13.951  -15.092 -2.632  1.00 26.42 ? 142 PRO A CB   1 
ATOM   850  C  CG   . PRO A 1 115 ? 14.472  -14.118 -3.663  1.00 26.73 ? 142 PRO A CG   1 
ATOM   851  C  CD   . PRO A 1 115 ? 15.263  -13.131 -2.861  1.00 27.81 ? 142 PRO A CD   1 
ATOM   852  N  N    . GLY A 1 116 ? 12.558  -15.210 0.467   1.00 24.83 ? 143 GLY A N    1 
ATOM   853  C  CA   . GLY A 1 116 ? 12.563  -15.933 1.759   1.00 26.21 ? 143 GLY A CA   1 
ATOM   854  C  C    . GLY A 1 116 ? 12.692  -15.078 2.998   1.00 25.74 ? 143 GLY A C    1 
ATOM   855  O  O    . GLY A 1 116 ? 12.480  -15.593 4.121   1.00 22.82 ? 143 GLY A O    1 
ATOM   856  N  N    . ASP A 1 117 ? 12.991  -13.778 2.833   1.00 23.30 ? 144 ASP A N    1 
ATOM   857  C  CA   . ASP A 1 117 ? 13.135  -12.885 3.990   1.00 22.64 ? 144 ASP A CA   1 
ATOM   858  C  C    . ASP A 1 117 ? 11.827  -12.856 4.754   1.00 22.07 ? 144 ASP A C    1 
ATOM   859  O  O    . ASP A 1 117 ? 10.738  -12.950 4.147   1.00 20.78 ? 144 ASP A O    1 
ATOM   860  C  CB   . ASP A 1 117 ? 13.485  -11.447 3.634   1.00 24.21 ? 144 ASP A CB   1 
ATOM   861  C  CG   . ASP A 1 117 ? 14.949  -11.238 3.297   1.00 26.81 ? 144 ASP A CG   1 
ATOM   862  O  OD1  . ASP A 1 117 ? 15.737  -12.181 3.380   1.00 22.49 ? 144 ASP A OD1  1 
ATOM   863  O  OD2  . ASP A 1 117 ? 15.311  -10.097 2.959   1.00 24.37 ? 144 ASP A OD2  1 
ATOM   864  N  N    . ASP A 1 118 ? 11.908  -12.706 6.088   1.00 19.22 ? 145 ASP A N    1 
ATOM   865  C  CA   . ASP A 1 118 ? 10.673  -12.707 6.838   1.00 20.53 ? 145 ASP A CA   1 
ATOM   866  C  C    . ASP A 1 118 ? 9.643   -11.736 6.249   1.00 20.95 ? 145 ASP A C    1 
ATOM   867  O  O    . ASP A 1 118 ? 8.461   -12.070 6.136   1.00 21.66 ? 145 ASP A O    1 
ATOM   868  C  CB   . ASP A 1 118 ? 10.913  -12.303 8.314   1.00 22.52 ? 145 ASP A CB   1 
ATOM   869  C  CG   . ASP A 1 118 ? 11.808  -13.331 9.073   1.00 24.13 ? 145 ASP A CG   1 
ATOM   870  O  OD1  . ASP A 1 118 ? 11.407  -14.462 9.230   1.00 27.04 ? 145 ASP A OD1  1 
ATOM   871  O  OD2  . ASP A 1 118 ? 12.900  -12.972 9.495   1.00 27.56 ? 145 ASP A OD2  1 
ATOM   872  N  N    . ILE A 1 119 ? 10.082  -10.501 5.995   1.00 21.14 ? 146 ILE A N    1 
ATOM   873  C  CA   . ILE A 1 119 ? 9.177   -9.449  5.480   1.00 21.13 ? 146 ILE A CA   1 
ATOM   874  C  C    . ILE A 1 119 ? 8.567   -9.834  4.098   1.00 22.55 ? 146 ILE A C    1 
ATOM   875  O  O    . ILE A 1 119 ? 7.397   -9.546  3.846   1.00 21.16 ? 146 ILE A O    1 
ATOM   876  C  CB   . ILE A 1 119 ? 9.899   -8.094  5.429   1.00 21.33 ? 146 ILE A CB   1 
ATOM   877  C  CG1  . ILE A 1 119 ? 8.960   -6.896  5.173   1.00 22.03 ? 146 ILE A CG1  1 
ATOM   878  C  CG2  . ILE A 1 119 ? 10.938  -8.014  4.372   1.00 20.96 ? 146 ILE A CG2  1 
ATOM   879  C  CD1  . ILE A 1 119 ? 8.248   -6.426  6.366   1.00 23.77 ? 146 ILE A CD1  1 
ATOM   880  N  N    . VAL A 1 120 ? 9.375   -10.455 3.227   1.00 20.75 ? 147 VAL A N    1 
ATOM   881  C  CA   . VAL A 1 120 ? 8.945   -10.877 1.906   1.00 21.13 ? 147 VAL A CA   1 
ATOM   882  C  C    . VAL A 1 120 ? 7.864   -11.970 2.039   1.00 22.66 ? 147 VAL A C    1 
ATOM   883  O  O    . VAL A 1 120 ? 6.880   -11.921 1.329   1.00 20.42 ? 147 VAL A O    1 
ATOM   884  C  CB   . VAL A 1 120 ? 10.165  -11.303 1.058   1.00 22.03 ? 147 VAL A CB   1 
ATOM   885  C  CG1  . VAL A 1 120 ? 9.778   -12.071 -0.196  1.00 23.47 ? 147 VAL A CG1  1 
ATOM   886  C  CG2  . VAL A 1 120 ? 11.023  -10.103 0.766   1.00 21.71 ? 147 VAL A CG2  1 
ATOM   887  N  N    . LEU A 1 121 ? 7.990   -12.874 3.045   1.00 22.14 ? 148 LEU A N    1 
ATOM   888  C  CA   . LEU A 1 121 ? 7.027   -13.901 3.224   1.00 22.39 ? 148 LEU A CA   1 
ATOM   889  C  C    . LEU A 1 121 ? 5.691   -13.292 3.711   1.00 22.55 ? 148 LEU A C    1 
ATOM   890  O  O    . LEU A 1 121 ? 4.588   -13.759 3.345   1.00 20.14 ? 148 LEU A O    1 
ATOM   891  C  CB   . LEU A 1 121 ? 7.543   -15.002 4.177   1.00 23.74 ? 148 LEU A CB   1 
ATOM   892  C  CG   . LEU A 1 121 ? 8.677   -15.868 3.593   1.00 25.53 ? 148 LEU A CG   1 
ATOM   893  C  CD1  . LEU A 1 121 ? 9.063   -16.900 4.623   1.00 26.19 ? 148 LEU A CD1  1 
ATOM   894  C  CD2  . LEU A 1 121 ? 8.264   -16.557 2.295   1.00 27.89 ? 148 LEU A CD2  1 
ATOM   895  N  N    . MET A 1 122 ? 5.795   -12.249 4.525   1.00 22.08 ? 149 MET A N    1 
ATOM   896  C  CA   . MET A 1 122 ? 4.613   -11.576 4.974   1.00 22.29 ? 149 MET A CA   1 
ATOM   897  C  C    . MET A 1 122 ? 3.915   -10.851 3.825   1.00 21.24 ? 149 MET A C    1 
ATOM   898  O  O    . MET A 1 122 ? 2.696   -10.947 3.699   1.00 20.36 ? 149 MET A O    1 
ATOM   899  C  CB   . MET A 1 122 ? 4.931   -10.626 6.093   1.00 22.57 ? 149 MET A CB   1 
ATOM   900  C  CG   . MET A 1 122 ? 5.250   -11.350 7.381   1.00 25.48 ? 149 MET A CG   1 
ATOM   901  S  SD   . MET A 1 122 ? 6.231   -10.418 8.586   1.00 25.16 ? 149 MET A SD   1 
ATOM   902  C  CE   . MET A 1 122 ? 4.976   -9.352  9.278   1.00 24.91 ? 149 MET A CE   1 
ATOM   903  N  N    . ALA A 1 123 ? 4.700   -10.168 2.981   1.00 21.51 ? 150 ALA A N    1 
ATOM   904  C  CA   . ALA A 1 123 ? 4.141   -9.491  1.810   1.00 20.71 ? 150 ALA A CA   1 
ATOM   905  C  C    . ALA A 1 123 ? 3.397   -10.483 0.921   1.00 19.75 ? 150 ALA A C    1 
ATOM   906  O  O    . ALA A 1 123 ? 2.277   -10.212 0.500   1.00 20.71 ? 150 ALA A O    1 
ATOM   907  C  CB   . ALA A 1 123 ? 5.200   -8.753  1.028   1.00 19.27 ? 150 ALA A CB   1 
ATOM   908  N  N    . GLU A 1 124 ? 4.012   -11.621 0.676   1.00 20.61 ? 151 GLU A N    1 
ATOM   909  C  CA   . GLU A 1 124 ? 3.441   -12.661 -0.182  1.00 22.40 ? 151 GLU A CA   1 
ATOM   910  C  C    . GLU A 1 124 ? 2.099   -13.176 0.350   1.00 23.59 ? 151 GLU A C    1 
ATOM   911  O  O    . GLU A 1 124 ? 1.121   -13.402 -0.431  1.00 23.17 ? 151 GLU A O    1 
ATOM   912  C  CB   . GLU A 1 124 ? 4.416   -13.817 -0.321  1.00 23.34 ? 151 GLU A CB   1 
ATOM   913  C  CG   . GLU A 1 124 ? 5.590   -13.546 -1.223  1.00 25.46 ? 151 GLU A CG   1 
ATOM   914  C  CD   . GLU A 1 124 ? 6.624   -14.680 -1.249  1.00 32.36 ? 151 GLU A CD   1 
ATOM   915  O  OE1  . GLU A 1 124 ? 6.590   -15.622 -0.425  1.00 30.90 ? 151 GLU A OE1  1 
ATOM   916  O  OE2  . GLU A 1 124 ? 7.540   -14.593 -2.063  1.00 31.48 ? 151 GLU A OE2  1 
ATOM   917  N  N    . ALA A 1 125 ? 2.046   -13.431 1.657   1.00 22.81 ? 152 ALA A N    1 
ATOM   918  C  CA   . ALA A 1 125 ? 0.793   -13.874 2.255   1.00 24.46 ? 152 ALA A CA   1 
ATOM   919  C  C    . ALA A 1 125 ? -0.269  -12.762 2.150   1.00 23.73 ? 152 ALA A C    1 
ATOM   920  O  O    . ALA A 1 125 ? -1.421  -13.024 1.830   1.00 22.44 ? 152 ALA A O    1 
ATOM   921  C  CB   . ALA A 1 125 ? 0.977   -14.252 3.691   1.00 24.02 ? 152 ALA A CB   1 
ATOM   922  N  N    . LEU A 1 126 ? 0.121   -11.507 2.367   1.00 23.27 ? 153 LEU A N    1 
ATOM   923  C  CA   . LEU A 1 126 ? -0.885  -10.407 2.201   1.00 24.80 ? 153 LEU A CA   1 
ATOM   924  C  C    . LEU A 1 126 ? -1.331  -10.232 0.724   1.00 20.93 ? 153 LEU A C    1 
ATOM   925  O  O    . LEU A 1 126 ? -2.498  -9.956  0.472   1.00 20.89 ? 153 LEU A O    1 
ATOM   926  C  CB   . LEU A 1 126 ? -0.385  -9.071  2.771   1.00 22.97 ? 153 LEU A CB   1 
ATOM   927  C  CG   . LEU A 1 126 ? -0.043  -8.977  4.274   1.00 27.75 ? 153 LEU A CG   1 
ATOM   928  C  CD1  . LEU A 1 126 ? 0.671   -7.656  4.547   1.00 27.21 ? 153 LEU A CD1  1 
ATOM   929  C  CD2  . LEU A 1 126 ? -1.256  -9.107  5.212   1.00 28.94 ? 153 LEU A CD2  1 
ATOM   930  N  N    . GLU A 1 127 ? -0.406  -10.425 -0.191  1.00 20.55 ? 154 GLU A N    1 
ATOM   931  C  CA   . GLU A 1 127 ? -0.651  -10.325 -1.609  1.00 24.44 ? 154 GLU A CA   1 
ATOM   932  C  C    . GLU A 1 127 ? -1.616  -11.449 -2.106  1.00 26.26 ? 154 GLU A C    1 
ATOM   933  O  O    . GLU A 1 127 ? -2.548  -11.176 -2.863  1.00 22.02 ? 154 GLU A O    1 
ATOM   934  C  CB   . GLU A 1 127 ? 0.656   -10.317 -2.386  1.00 24.11 ? 154 GLU A CB   1 
ATOM   935  C  CG   . GLU A 1 127 ? 0.394   -9.942  -3.825  1.00 27.01 ? 154 GLU A CG   1 
ATOM   936  C  CD   . GLU A 1 127 ? 1.574   -9.920  -4.725  1.00 29.11 ? 154 GLU A CD   1 
ATOM   937  O  OE1  . GLU A 1 127 ? 2.654   -10.418 -4.412  1.00 29.97 ? 154 GLU A OE1  1 
ATOM   938  O  OE2  . GLU A 1 127 ? 1.391   -9.422  -5.824  1.00 34.48 ? 154 GLU A OE2  1 
ATOM   939  N  N    . LYS A 1 128 ? -1.415  -12.684 -1.643  1.00 29.01 ? 155 LYS A N    1 
ATOM   940  C  CA   . LYS A 1 128 ? -2.370  -13.794 -1.910  1.00 30.39 ? 155 LYS A CA   1 
ATOM   941  C  C    . LYS A 1 128 ? -3.761  -13.407 -1.442  1.00 26.83 ? 155 LYS A C    1 
ATOM   942  O  O    . LYS A 1 128 ? -4.763  -13.594 -2.141  1.00 26.97 ? 155 LYS A O    1 
ATOM   943  C  CB   . LYS A 1 128 ? -1.933  -15.027 -1.141  1.00 35.64 ? 155 LYS A CB   1 
ATOM   944  C  CG   . LYS A 1 128 ? -2.247  -16.391 -1.756  1.00 45.52 ? 155 LYS A CG   1 
ATOM   945  C  CD   . LYS A 1 128 ? -1.269  -17.467 -1.262  1.00 46.55 ? 155 LYS A CD   1 
ATOM   946  C  CE   . LYS A 1 128 ? 0.172   -16.953 -1.364  1.00 53.66 ? 155 LYS A CE   1 
ATOM   947  N  NZ   . LYS A 1 128 ? 1.239   -17.978 -1.504  1.00 62.91 ? 155 LYS A NZ   1 
ATOM   948  N  N    . LEU A 1 129 ? -3.827  -12.864 -0.245  1.00 26.09 ? 156 LEU A N    1 
ATOM   949  C  CA   . LEU A 1 129 ? -5.083  -12.551 0.356   1.00 28.21 ? 156 LEU A CA   1 
ATOM   950  C  C    . LEU A 1 129 ? -5.731  -11.372 -0.416  1.00 29.58 ? 156 LEU A C    1 
ATOM   951  O  O    . LEU A 1 129 ? -6.931  -11.402 -0.724  1.00 29.26 ? 156 LEU A O    1 
ATOM   952  C  CB   . LEU A 1 129 ? -4.921  -12.237 1.830   1.00 26.88 ? 156 LEU A CB   1 
ATOM   953  C  CG   . LEU A 1 129 ? -6.222  -11.866 2.564   1.00 31.45 ? 156 LEU A CG   1 
ATOM   954  C  CD1  . LEU A 1 129 ? -7.379  -12.886 2.362   1.00 32.61 ? 156 LEU A CD1  1 
ATOM   955  C  CD2  . LEU A 1 129 ? -5.929  -11.646 4.049   1.00 33.93 ? 156 LEU A CD2  1 
ATOM   956  N  N    . PHE A 1 130 ? -4.936  -10.352 -0.705  1.00 27.73 ? 157 PHE A N    1 
ATOM   957  C  CA   . PHE A 1 130 ? -5.359  -9.267  -1.623  1.00 28.28 ? 157 PHE A CA   1 
ATOM   958  C  C    . PHE A 1 130 ? -5.973  -9.790  -2.969  1.00 31.40 ? 157 PHE A C    1 
ATOM   959  O  O    . PHE A 1 130 ? -7.058  -9.357  -3.374  1.00 28.91 ? 157 PHE A O    1 
ATOM   960  C  CB   . PHE A 1 130 ? -4.165  -8.365  -1.968  1.00 29.04 ? 157 PHE A CB   1 
ATOM   961  C  CG   . PHE A 1 130 ? -4.486  -7.281  -2.993  1.00 28.33 ? 157 PHE A CG   1 
ATOM   962  C  CD1  . PHE A 1 130 ? -5.264  -6.197  -2.645  1.00 32.47 ? 157 PHE A CD1  1 
ATOM   963  C  CD2  . PHE A 1 130 ? -3.968  -7.336  -4.264  1.00 32.01 ? 157 PHE A CD2  1 
ATOM   964  C  CE1  . PHE A 1 130 ? -5.517  -5.186  -3.571  1.00 30.73 ? 157 PHE A CE1  1 
ATOM   965  C  CE2  . PHE A 1 130 ? -4.228  -6.337  -5.181  1.00 33.88 ? 157 PHE A CE2  1 
ATOM   966  C  CZ   . PHE A 1 130 ? -5.006  -5.269  -4.827  1.00 30.16 ? 157 PHE A CZ   1 
ATOM   967  N  N    . LEU A 1 131 ? -5.265  -10.676 -3.643  1.00 30.36 ? 158 LEU A N    1 
ATOM   968  C  CA   . LEU A 1 131 ? -5.698  -11.209 -4.934  1.00 33.28 ? 158 LEU A CA   1 
ATOM   969  C  C    . LEU A 1 131 ? -6.984  -12.008 -4.810  1.00 34.84 ? 158 LEU A C    1 
ATOM   970  O  O    . LEU A 1 131 ? -7.887  -11.904 -5.638  1.00 36.77 ? 158 LEU A O    1 
ATOM   971  C  CB   . LEU A 1 131 ? -4.635  -12.073 -5.562  1.00 34.67 ? 158 LEU A CB   1 
ATOM   972  C  CG   . LEU A 1 131 ? -3.412  -11.282 -6.044  1.00 38.42 ? 158 LEU A CG   1 
ATOM   973  C  CD1  . LEU A 1 131 ? -2.248  -12.216 -6.368  1.00 38.23 ? 158 LEU A CD1  1 
ATOM   974  C  CD2  . LEU A 1 131 ? -3.760  -10.424 -7.256  1.00 36.62 ? 158 LEU A CD2  1 
ATOM   975  N  N    . GLN A 1 132 ? -7.099  -12.770 -3.760  1.00 32.66 ? 159 GLN A N    1 
ATOM   976  C  CA   . GLN A 1 132 ? -8.350  -13.439 -3.496  1.00 36.20 ? 159 GLN A CA   1 
ATOM   977  C  C    . GLN A 1 132 ? -9.514  -12.458 -3.296  1.00 37.92 ? 159 GLN A C    1 
ATOM   978  O  O    . GLN A 1 132 ? -10.601 -12.639 -3.840  1.00 33.63 ? 159 GLN A O    1 
ATOM   979  C  CB   . GLN A 1 132 ? -8.141  -14.354 -2.313  1.00 41.01 ? 159 GLN A CB   1 
ATOM   980  C  CG   . GLN A 1 132 ? -9.377  -14.671 -1.518  1.00 49.13 ? 159 GLN A CG   1 
ATOM   981  C  CD   . GLN A 1 132 ? -9.209  -15.926 -0.726  1.00 57.33 ? 159 GLN A CD   1 
ATOM   982  O  OE1  . GLN A 1 132 ? -10.190 -16.494 -0.259  1.00 64.45 ? 159 GLN A OE1  1 
ATOM   983  N  NE2  . GLN A 1 132 ? -7.959  -16.381 -0.574  1.00 58.46 ? 159 GLN A NE2  1 
ATOM   984  N  N    . LYS A 1 133 ? -9.309  -11.410 -2.518  1.00 35.52 ? 160 LYS A N    1 
ATOM   985  C  CA   . LYS A 1 133 ? -10.379 -10.435 -2.305  1.00 37.57 ? 160 LYS A CA   1 
ATOM   986  C  C    . LYS A 1 133 ? -10.726 -9.582  -3.481  1.00 37.84 ? 160 LYS A C    1 
ATOM   987  O  O    . LYS A 1 133 ? -11.895 -9.202  -3.571  1.00 44.96 ? 160 LYS A O    1 
ATOM   988  C  CB   . LYS A 1 133 ? -10.108 -9.561  -1.084  1.00 38.04 ? 160 LYS A CB   1 
ATOM   989  C  CG   . LYS A 1 133 ? -10.174 -10.295 0.223   1.00 39.13 ? 160 LYS A CG   1 
ATOM   990  C  CD   . LYS A 1 133 ? -11.208 -11.406 0.186   1.00 45.45 ? 160 LYS A CD   1 
ATOM   991  C  CE   . LYS A 1 133 ? -11.465 -12.015 1.528   1.00 47.11 ? 160 LYS A CE   1 
ATOM   992  N  NZ   . LYS A 1 133 ? -12.137 -10.994 2.341   1.00 48.41 ? 160 LYS A NZ   1 
ATOM   993  N  N    . ILE A 1 134 ? -9.798  -9.309  -4.394  1.00 37.64 ? 161 ILE A N    1 
ATOM   994  C  CA   . ILE A 1 134 ? -10.133 -8.513  -5.606  1.00 46.96 ? 161 ILE A CA   1 
ATOM   995  C  C    . ILE A 1 134 ? -10.707 -9.323  -6.763  1.00 51.51 ? 161 ILE A C    1 
ATOM   996  O  O    . ILE A 1 134 ? -11.017 -8.769  -7.821  1.00 48.27 ? 161 ILE A O    1 
ATOM   997  C  CB   . ILE A 1 134 ? -8.982  -7.617  -6.166  1.00 44.64 ? 161 ILE A CB   1 
ATOM   998  C  CG1  . ILE A 1 134 ? -7.769  -8.429  -6.598  1.00 44.16 ? 161 ILE A CG1  1 
ATOM   999  C  CG2  . ILE A 1 134 ? -8.622  -6.539  -5.149  1.00 47.64 ? 161 ILE A CG2  1 
ATOM   1000 C  CD1  . ILE A 1 134 ? -6.989  -7.825  -7.749  1.00 48.18 ? 161 ILE A CD1  1 
ATOM   1001 N  N    . ASN A 1 135 ? -10.798 -10.631 -6.583  1.00 54.79 ? 162 ASN A N    1 
ATOM   1002 C  CA   . ASN A 1 135 ? -11.618 -11.463 -7.460  1.00 52.91 ? 162 ASN A CA   1 
ATOM   1003 C  C    . ASN A 1 135 ? -13.081 -11.261 -7.215  1.00 47.33 ? 162 ASN A C    1 
ATOM   1004 O  O    . ASN A 1 135 ? -13.830 -11.457 -8.121  1.00 55.48 ? 162 ASN A O    1 
ATOM   1005 C  CB   . ASN A 1 135 ? -11.306 -12.951 -7.264  1.00 61.75 ? 162 ASN A CB   1 
ATOM   1006 C  CG   . ASN A 1 135 ? -10.239 -13.438 -8.199  1.00 61.37 ? 162 ASN A CG   1 
ATOM   1007 O  OD1  . ASN A 1 135 ? -10.398 -13.336 -9.407  1.00 68.46 ? 162 ASN A OD1  1 
ATOM   1008 N  ND2  . ASN A 1 135 ? -9.157  -13.982 -7.662  1.00 64.16 ? 162 ASN A ND2  1 
ATOM   1009 N  N    . GLU A 1 136 ? -13.470 -10.923 -5.985  1.00 45.12 ? 163 GLU A N    1 
ATOM   1010 C  CA   . GLU A 1 136 ? -14.854 -10.656 -5.574  1.00 50.98 ? 163 GLU A CA   1 
ATOM   1011 C  C    . GLU A 1 136 ? -15.280 -9.155  -5.680  1.00 52.92 ? 163 GLU A C    1 
ATOM   1012 O  O    . GLU A 1 136 ? -16.275 -8.710  -5.070  1.00 57.13 ? 163 GLU A O    1 
ATOM   1013 C  CB   . GLU A 1 136 ? -15.044 -11.156 -4.123  1.00 58.71 ? 163 GLU A CB   1 
ATOM   1014 C  CG   . GLU A 1 136 ? -16.448 -11.663 -3.790  1.00 68.85 ? 163 GLU A CG   1 
ATOM   1015 C  CD   . GLU A 1 136 ? -16.685 -13.134 -4.162  1.00 69.60 ? 163 GLU A CD   1 
ATOM   1016 O  OE1  . GLU A 1 136 ? -16.594 -13.511 -5.353  1.00 64.39 ? 163 GLU A OE1  1 
ATOM   1017 O  OE2  . GLU A 1 136 ? -16.992 -13.925 -3.253  1.00 75.64 ? 163 GLU A OE2  1 
ATOM   1018 N  N    . LEU A 1 137 ? -14.517 -8.391  -6.448  1.00 54.23 ? 164 LEU A N    1 
ATOM   1019 C  CA   . LEU A 1 137 ? -14.769 -6.978  -6.737  1.00 56.90 ? 164 LEU A CA   1 
ATOM   1020 C  C    . LEU A 1 137 ? -16.091 -6.856  -7.581  1.00 59.43 ? 164 LEU A C    1 
ATOM   1021 O  O    . LEU A 1 137 ? -16.127 -7.368  -8.697  1.00 59.75 ? 164 LEU A O    1 
ATOM   1022 C  CB   . LEU A 1 137 ? -13.566 -6.474  -7.563  1.00 53.03 ? 164 LEU A CB   1 
ATOM   1023 C  CG   . LEU A 1 137 ? -13.321 -5.005  -7.860  1.00 54.58 ? 164 LEU A CG   1 
ATOM   1024 C  CD1  . LEU A 1 137 ? -13.017 -4.268  -6.568  1.00 59.27 ? 164 LEU A CD1  1 
ATOM   1025 C  CD2  . LEU A 1 137 ? -12.178 -4.847  -8.847  1.00 55.41 ? 164 LEU A CD2  1 
ATOM   1026 N  N    . PRO A 1 138 ? -17.143 -6.164  -7.077  1.00 57.57 ? 165 PRO A N    1 
ATOM   1027 C  CA   . PRO A 1 138 ? -18.464 -6.047  -7.811  1.00 54.87 ? 165 PRO A CA   1 
ATOM   1028 C  C    . PRO A 1 138 ? -18.440 -5.334  -9.149  1.00 47.99 ? 165 PRO A C    1 
ATOM   1029 O  O    . PRO A 1 138 ? -17.374 -4.950  -9.563  1.00 46.49 ? 165 PRO A O    1 
ATOM   1030 C  CB   . PRO A 1 138 ? -19.372 -5.289  -6.823  1.00 56.44 ? 165 PRO A CB   1 
ATOM   1031 C  CG   . PRO A 1 138 ? -18.477 -4.749  -5.746  1.00 60.92 ? 165 PRO A CG   1 
ATOM   1032 C  CD   . PRO A 1 138 ? -17.186 -5.530  -5.744  1.00 57.02 ? 165 PRO A CD   1 
HETATM 1033 C  CAW  . 8PU B 2 .   ? 15.030  -5.799  10.633  1.00 24.92 ? 201 8PU A CAW  1 
HETATM 1034 O  OAV  . 8PU B 2 .   ? 13.641  -5.336  10.820  1.00 28.41 ? 201 8PU A OAV  1 
HETATM 1035 C  CAQ  . 8PU B 2 .   ? 12.607  -6.123  10.435  1.00 24.26 ? 201 8PU A CAQ  1 
HETATM 1036 C  CAR  . 8PU B 2 .   ? 12.769  -7.513  10.326  1.00 24.92 ? 201 8PU A CAR  1 
HETATM 1037 C  CAS  . 8PU B 2 .   ? 11.689  -8.292  9.951   1.00 22.62 ? 201 8PU A CAS  1 
HETATM 1038 C  CAT  . 8PU B 2 .   ? 10.453  -7.748  9.752   1.00 23.63 ? 201 8PU A CAT  1 
HETATM 1039 BR BRAX . 8PU B 2 .   ? 8.991   -8.843  9.265   1.00 24.59 ? 201 8PU A BRAX 1 
HETATM 1040 C  CAU  . 8PU B 2 .   ? 10.297  -6.356  9.870   1.00 22.12 ? 201 8PU A CAU  1 
HETATM 1041 C  CAP  . 8PU B 2 .   ? 11.349  -5.561  10.212  1.00 21.78 ? 201 8PU A CAP  1 
HETATM 1042 S  SAM  . 8PU B 2 .   ? 11.009  -3.873  10.340  1.00 25.73 ? 201 8PU A SAM  1 
HETATM 1043 O  OAN  . 8PU B 2 .   ? 9.554   -3.592  10.071  1.00 23.16 ? 201 8PU A OAN  1 
HETATM 1044 O  OAO  . 8PU B 2 .   ? 11.464  -3.461  11.688  1.00 25.09 ? 201 8PU A OAO  1 
HETATM 1045 N  NAH  . 8PU B 2 .   ? 11.970  -3.112  9.245   1.00 26.42 ? 201 8PU A NAH  1 
HETATM 1046 C  CAC  . 8PU B 2 .   ? 11.757  -3.277  7.944   1.00 24.89 ? 201 8PU A CAC  1 
HETATM 1047 C  CAB  . 8PU B 2 .   ? 10.610  -2.878  7.250   1.00 24.66 ? 201 8PU A CAB  1 
HETATM 1048 C  CAA  . 8PU B 2 .   ? 10.501  -3.055  5.877   1.00 23.83 ? 201 8PU A CAA  1 
HETATM 1049 C  CAJ  . 8PU B 2 .   ? 9.540   -2.795  4.973   1.00 25.06 ? 201 8PU A CAJ  1 
HETATM 1050 C  CAK  . 8PU B 2 .   ? 8.180   -2.157  5.231   1.00 27.96 ? 201 8PU A CAK  1 
HETATM 1051 N  NAL  . 8PU B 2 .   ? 9.874   -3.139  3.708   1.00 27.34 ? 201 8PU A NAL  1 
HETATM 1052 O  OAG  . 8PU B 2 .   ? 11.213  -3.722  3.847   1.00 24.74 ? 201 8PU A OAG  1 
HETATM 1053 C  CAF  . 8PU B 2 .   ? 11.548  -3.648  5.208   1.00 23.05 ? 201 8PU A CAF  1 
HETATM 1054 C  CAE  . 8PU B 2 .   ? 12.674  -4.020  5.846   1.00 21.77 ? 201 8PU A CAE  1 
HETATM 1055 C  CAD  . 8PU B 2 .   ? 12.801  -3.870  7.211   1.00 23.86 ? 201 8PU A CAD  1 
HETATM 1056 O  OAI  . 8PU B 2 .   ? 13.898  -4.263  7.875   1.00 25.63 ? 201 8PU A OAI  1 
HETATM 1057 C  C1   . EDO C 3 .   ? 10.215  1.449   -7.259  1.00 29.18 ? 202 EDO A C1   1 
HETATM 1058 O  O1   . EDO C 3 .   ? 9.850   2.048   -5.982  1.00 26.14 ? 202 EDO A O1   1 
HETATM 1059 C  C2   . EDO C 3 .   ? 11.711  1.392   -7.506  1.00 33.26 ? 202 EDO A C2   1 
HETATM 1060 O  O2   . EDO C 3 .   ? 12.277  2.701   -7.278  1.00 30.37 ? 202 EDO A O2   1 
HETATM 1061 C  C1   . EDO D 3 .   ? 10.535  -16.778 -1.571  1.00 43.85 ? 203 EDO A C1   1 
HETATM 1062 O  O1   . EDO D 3 .   ? 10.116  -15.469 -1.106  1.00 31.52 ? 203 EDO A O1   1 
HETATM 1063 C  C2   . EDO D 3 .   ? 9.669   -17.900 -0.997  1.00 43.29 ? 203 EDO A C2   1 
HETATM 1064 O  O2   . EDO D 3 .   ? 8.321   -17.581 -1.421  1.00 48.62 ? 203 EDO A O2   1 
HETATM 1065 C  C1   . EDO E 3 .   ? -13.997 1.619   -11.147 1.00 42.15 ? 204 EDO A C1   1 
HETATM 1066 O  O1   . EDO E 3 .   ? -13.785 1.883   -9.757  1.00 34.38 ? 204 EDO A O1   1 
HETATM 1067 C  C2   . EDO E 3 .   ? -14.452 2.880   -11.878 1.00 40.80 ? 204 EDO A C2   1 
HETATM 1068 O  O2   . EDO E 3 .   ? -14.227 2.759   -13.271 1.00 48.51 ? 204 EDO A O2   1 
HETATM 1069 C  C1   . EDO F 3 .   ? 16.930  -12.803 6.973   1.00 47.76 ? 205 EDO A C1   1 
HETATM 1070 O  O1   . EDO F 3 .   ? 17.854  -13.511 6.159   1.00 52.37 ? 205 EDO A O1   1 
HETATM 1071 C  C2   . EDO F 3 .   ? 15.642  -13.606 7.009   1.00 44.12 ? 205 EDO A C2   1 
HETATM 1072 O  O2   . EDO F 3 .   ? 14.531  -12.710 7.105   1.00 38.22 ? 205 EDO A O2   1 
HETATM 1073 C  C1   . EDO G 3 .   ? 10.088  -13.233 -4.490  1.00 56.06 ? 206 EDO A C1   1 
HETATM 1074 O  O1   . EDO G 3 .   ? 10.849  -12.097 -4.079  1.00 48.86 ? 206 EDO A O1   1 
HETATM 1075 C  C2   . EDO G 3 .   ? 8.647   -13.047 -4.025  1.00 56.15 ? 206 EDO A C2   1 
HETATM 1076 O  O2   . EDO G 3 .   ? 7.928   -11.998 -4.663  1.00 56.87 ? 206 EDO A O2   1 
HETATM 1077 N  N    . NO3 H 4 .   ? 4.200   -11.322 12.793  1.00 25.60 ? 207 NO3 A N    1 
HETATM 1078 O  O1   . NO3 H 4 .   ? 4.042   -12.523 12.793  1.00 32.79 ? 207 NO3 A O1   1 
HETATM 1079 O  O2   . NO3 H 4 .   ? 5.286   -10.802 12.091  1.00 30.62 ? 207 NO3 A O2   1 
HETATM 1080 O  O3   . NO3 H 4 .   ? 3.274   -10.547 13.453  1.00 30.58 ? 207 NO3 A O3   1 
HETATM 1081 NA NA   . NA  I 5 .   ? 15.000  -7.881  -4.043  1.00 28.99 ? 208 NA  A NA   1 
HETATM 1082 C  C1   . GOL J 6 .   ? -1.711  8.862   6.372   1.00 57.24 ? 209 GOL A C1   1 
HETATM 1083 O  O1   . GOL J 6 .   ? -2.576  9.632   7.228   1.00 64.86 ? 209 GOL A O1   1 
HETATM 1084 C  C2   . GOL J 6 .   ? -0.346  8.517   7.001   1.00 55.98 ? 209 GOL A C2   1 
HETATM 1085 O  O2   . GOL J 6 .   ? 0.022   7.177   6.640   1.00 47.57 ? 209 GOL A O2   1 
HETATM 1086 C  C3   . GOL J 6 .   ? 0.825   9.398   6.568   1.00 58.59 ? 209 GOL A C3   1 
HETATM 1087 O  O3   . GOL J 6 .   ? 0.557   9.982   5.287   1.00 59.22 ? 209 GOL A O3   1 
HETATM 1088 O  O    . HOH K 7 .   ? 12.520  -18.095 4.053   1.00 27.25 ? 301 HOH A O    1 
HETATM 1089 O  O    . HOH K 7 .   ? 9.164   -2.151  1.022   1.00 20.65 ? 302 HOH A O    1 
HETATM 1090 O  O    . HOH K 7 .   ? 1.171   9.355   2.908   1.00 20.39 ? 303 HOH A O    1 
HETATM 1091 O  O    . HOH K 7 .   ? -13.231 6.191   -2.840  1.00 29.80 ? 304 HOH A O    1 
HETATM 1092 O  O    . HOH K 7 .   ? 7.369   1.323   0.197   1.00 18.61 ? 305 HOH A O    1 
HETATM 1093 O  O    . HOH K 7 .   ? 15.884  -5.044  6.465   1.00 35.66 ? 306 HOH A O    1 
HETATM 1094 O  O    . HOH K 7 .   ? 19.678  -3.472  0.876   1.00 44.44 ? 307 HOH A O    1 
HETATM 1095 O  O    . HOH K 7 .   ? 7.831   -1.693  10.398  1.00 23.42 ? 308 HOH A O    1 
HETATM 1096 O  O    . HOH K 7 .   ? -9.150  10.107  6.693   1.00 39.43 ? 309 HOH A O    1 
HETATM 1097 O  O    . HOH K 7 .   ? 17.219  -15.429 -0.637  1.00 24.20 ? 310 HOH A O    1 
HETATM 1098 O  O    . HOH K 7 .   ? 7.166   -0.083  8.428   1.00 28.34 ? 311 HOH A O    1 
HETATM 1099 O  O    . HOH K 7 .   ? 5.923   6.239   8.914   1.00 25.28 ? 312 HOH A O    1 
HETATM 1100 O  O    . HOH K 7 .   ? -2.386  -15.455 2.233   1.00 32.33 ? 313 HOH A O    1 
HETATM 1101 O  O    . HOH K 7 .   ? 12.701  -10.640 -2.861  1.00 36.66 ? 314 HOH A O    1 
HETATM 1102 O  O    . HOH K 7 .   ? 16.157  -14.783 2.961   1.00 33.21 ? 315 HOH A O    1 
HETATM 1103 O  O    . HOH K 7 .   ? 2.260   -0.688  -9.332  1.00 43.67 ? 316 HOH A O    1 
HETATM 1104 O  O    . HOH K 7 .   ? -6.667  7.116   7.818   1.00 40.76 ? 317 HOH A O    1 
HETATM 1105 O  O    . HOH K 7 .   ? 7.732   2.563   9.042   1.00 24.35 ? 318 HOH A O    1 
HETATM 1106 O  O    . HOH K 7 .   ? 2.722   11.829  -3.554  1.00 39.31 ? 319 HOH A O    1 
HETATM 1107 O  O    . HOH K 7 .   ? 14.205  -10.655 8.931   1.00 22.25 ? 320 HOH A O    1 
HETATM 1108 O  O    . HOH K 7 .   ? 7.506   9.129   0.081   1.00 22.20 ? 321 HOH A O    1 
HETATM 1109 O  O    . HOH K 7 .   ? 5.208   7.169   -4.170  1.00 32.96 ? 322 HOH A O    1 
HETATM 1110 O  O    . HOH K 7 .   ? 1.578   3.326   -7.064  1.00 29.29 ? 323 HOH A O    1 
HETATM 1111 O  O    . HOH K 7 .   ? 5.443   0.260   4.984   1.00 20.99 ? 324 HOH A O    1 
HETATM 1112 O  O    . HOH K 7 .   ? -4.239  6.058   7.146   1.00 30.86 ? 325 HOH A O    1 
HETATM 1113 O  O    . HOH K 7 .   ? -7.454  13.050  -6.352  1.00 26.83 ? 326 HOH A O    1 
HETATM 1114 O  O    . HOH K 7 .   ? 12.538  -15.509 11.512  1.00 22.80 ? 327 HOH A O    1 
HETATM 1115 O  O    . HOH K 7 .   ? 1.688   -0.143  12.683  1.00 34.94 ? 328 HOH A O    1 
HETATM 1116 O  O    . HOH K 7 .   ? -7.384  14.238  -3.868  1.00 24.46 ? 329 HOH A O    1 
HETATM 1117 O  O    . HOH K 7 .   ? 5.018   5.195   1.551   1.00 17.39 ? 330 HOH A O    1 
HETATM 1118 O  O    . HOH K 7 .   ? 24.069  7.535   -1.344  1.00 25.03 ? 331 HOH A O    1 
HETATM 1119 O  O    . HOH K 7 .   ? 16.743  5.843   2.656   1.00 29.64 ? 332 HOH A O    1 
HETATM 1120 O  O    . HOH K 7 .   ? 7.543   -0.953  -7.166  1.00 38.73 ? 333 HOH A O    1 
HETATM 1121 O  O    . HOH K 7 .   ? -4.173  -12.638 10.624  1.00 31.55 ? 334 HOH A O    1 
HETATM 1122 O  O    . HOH K 7 .   ? 5.385   -0.250  2.449   1.00 25.86 ? 335 HOH A O    1 
HETATM 1123 O  O    . HOH K 7 .   ? -19.522 2.875   -9.511  1.00 49.17 ? 336 HOH A O    1 
HETATM 1124 O  O    . HOH K 7 .   ? 14.703  -2.494  10.512  1.00 24.42 ? 337 HOH A O    1 
HETATM 1125 O  O    . HOH K 7 .   ? -11.499 -0.023  6.185   1.00 49.88 ? 338 HOH A O    1 
HETATM 1126 O  O    . HOH K 7 .   ? 6.426   -2.326  0.978   1.00 34.21 ? 339 HOH A O    1 
HETATM 1127 O  O    . HOH K 7 .   ? 6.469   11.970  -1.777  1.00 36.68 ? 340 HOH A O    1 
HETATM 1128 O  O    . HOH K 7 .   ? 9.010   8.121   6.078   1.00 23.91 ? 341 HOH A O    1 
HETATM 1129 O  O    . HOH K 7 .   ? 14.482  -8.331  5.113   1.00 30.69 ? 342 HOH A O    1 
HETATM 1130 O  O    . HOH K 7 .   ? 7.240   7.227   2.197   1.00 16.46 ? 343 HOH A O    1 
HETATM 1131 O  O    . HOH K 7 .   ? 7.721   9.151   4.239   1.00 23.80 ? 344 HOH A O    1 
HETATM 1132 O  O    . HOH K 7 .   ? -7.101  10.313  -12.035 1.00 38.19 ? 345 HOH A O    1 
HETATM 1133 O  O    . HOH K 7 .   ? -15.417 5.144   -3.726  1.00 45.18 ? 346 HOH A O    1 
HETATM 1134 O  O    . HOH K 7 .   ? -1.480  15.002  0.970   1.00 27.43 ? 347 HOH A O    1 
HETATM 1135 O  O    . HOH K 7 .   ? -10.538 0.408   -12.650 1.00 30.54 ? 348 HOH A O    1 
HETATM 1136 O  O    . HOH K 7 .   ? 12.770  -9.547  6.743   1.00 21.50 ? 349 HOH A O    1 
HETATM 1137 O  O    . HOH K 7 .   ? -11.431 7.291   -4.679  1.00 24.82 ? 350 HOH A O    1 
HETATM 1138 O  O    . HOH K 7 .   ? -17.943 10.865  -7.021  1.00 31.63 ? 351 HOH A O    1 
HETATM 1139 O  O    . HOH K 7 .   ? 14.348  14.454  3.234   1.00 44.26 ? 352 HOH A O    1 
HETATM 1140 O  O    . HOH K 7 .   ? 13.255  12.276  8.923   1.00 36.27 ? 353 HOH A O    1 
HETATM 1141 O  O    . HOH K 7 .   ? 6.669   3.120   2.423   1.00 23.02 ? 354 HOH A O    1 
HETATM 1142 O  O    . HOH K 7 .   ? 1.486   15.960  -7.124  1.00 41.32 ? 355 HOH A O    1 
HETATM 1143 O  O    . HOH K 7 .   ? 17.379  -7.559  -4.076  1.00 33.66 ? 356 HOH A O    1 
HETATM 1144 O  O    . HOH K 7 .   ? 14.750  -10.054 -4.578  1.00 36.46 ? 357 HOH A O    1 
HETATM 1145 O  O    . HOH K 7 .   ? -14.713 7.206   1.225   1.00 41.81 ? 358 HOH A O    1 
HETATM 1146 O  O    . HOH K 7 .   ? -14.244 7.353   -16.881 1.00 35.32 ? 359 HOH A O    1 
HETATM 1147 O  O    . HOH K 7 .   ? 14.780  -7.753  -6.230  1.00 34.41 ? 360 HOH A O    1 
HETATM 1148 O  O    . HOH K 7 .   ? 5.230   2.377   13.058  1.00 62.26 ? 361 HOH A O    1 
HETATM 1149 O  O    . HOH K 7 .   ? 17.394  -3.353  9.845   1.00 41.71 ? 362 HOH A O    1 
HETATM 1150 O  O    . HOH K 7 .   ? 7.871   8.143   8.404   1.00 40.58 ? 363 HOH A O    1 
HETATM 1151 O  O    . HOH K 7 .   ? 7.623   2.949   11.715  1.00 35.01 ? 364 HOH A O    1 
# 
